data_9HPB
#
_entry.id   9HPB
#
_cell.length_a   80.657
_cell.length_b   98.611
_cell.length_c   212.849
_cell.angle_alpha   90.000
_cell.angle_beta   90.000
_cell.angle_gamma   90.000
#
_symmetry.space_group_name_H-M   'P 21 21 21'
#
loop_
_entity.id
_entity.type
_entity.pdbx_description
1 polymer 'Phosphomannomutase 2'
2 non-polymer 'MAGNESIUM ION'
3 non-polymer 'CHLORIDE ION'
4 non-polymer 'SODIUM ION'
5 water water
#
_entity_poly.entity_id   1
_entity_poly.type   'polypeptide(L)'
_entity_poly.pdbx_seq_one_letter_code
;GPMATLCLFDMDGTLTAPRQKITEEMDGFLQKLRQKTKIGVVGGSDFEKLQEQLGNDVVEKYDYVFPENGLVAYKDGKLL
CKQNIQGHLGEDVIQDLINYCLSYIANIKLPKKRGTFIEFRNGMLNVSPIGRSCSQEERIEFYELDKKEHIRQKFVADLR
KEFAGKGLTFSIGGQISIDVFPEGWDKRYCLRHLEHAGYKTIYFFGDKTMPGGNDHEIFTDPRTVGYTVTAPEDTRRICE
GLFP
;
_entity_poly.pdbx_strand_id   A,B,D,F,C,E
#
loop_
_chem_comp.id
_chem_comp.type
_chem_comp.name
_chem_comp.formula
CL non-polymer 'CHLORIDE ION' 'Cl -1'
MG non-polymer 'MAGNESIUM ION' 'Mg 2'
NA non-polymer 'SODIUM ION' 'Na 1'
#
# COMPACT_ATOMS: atom_id res chain seq x y z
N MET A 3 -1.84 -50.71 53.08
CA MET A 3 -2.22 -50.94 51.65
C MET A 3 -3.23 -49.88 51.20
N ALA A 4 -2.74 -48.82 50.58
CA ALA A 4 -3.57 -47.68 50.24
C ALA A 4 -4.60 -48.04 49.17
N THR A 5 -5.56 -47.14 49.00
CA THR A 5 -6.55 -47.22 47.92
C THR A 5 -6.67 -45.84 47.28
N LEU A 6 -7.27 -45.81 46.10
CA LEU A 6 -7.47 -44.58 45.37
C LEU A 6 -8.84 -44.55 44.73
N CYS A 7 -9.52 -43.42 44.85
CA CYS A 7 -10.78 -43.17 44.18
C CYS A 7 -10.53 -42.13 43.09
N LEU A 8 -10.64 -42.55 41.84
CA LEU A 8 -10.44 -41.67 40.69
C LEU A 8 -11.81 -41.20 40.21
N PHE A 9 -11.99 -39.89 40.15
CA PHE A 9 -13.27 -39.28 39.81
C PHE A 9 -13.18 -38.62 38.44
N ASP A 10 -14.15 -38.91 37.57
CA ASP A 10 -14.46 -38.01 36.48
C ASP A 10 -14.99 -36.70 37.06
N MET A 11 -14.88 -35.62 36.27
CA MET A 11 -15.31 -34.32 36.76
C MET A 11 -16.76 -34.03 36.38
N ASP A 12 -17.00 -33.69 35.11
CA ASP A 12 -18.33 -33.25 34.69
C ASP A 12 -19.34 -34.39 34.83
N GLY A 13 -20.41 -34.14 35.57
CA GLY A 13 -21.43 -35.13 35.80
C GLY A 13 -21.12 -36.14 36.89
N THR A 14 -19.92 -36.11 37.46
CA THR A 14 -19.53 -37.04 38.50
C THR A 14 -19.22 -36.34 39.81
N LEU A 15 -18.39 -35.28 39.77
CA LEU A 15 -18.12 -34.44 40.92
C LEU A 15 -18.91 -33.15 40.89
N THR A 16 -19.03 -32.55 39.70
CA THR A 16 -19.75 -31.29 39.51
C THR A 16 -20.93 -31.52 38.58
N ALA A 17 -21.78 -30.51 38.49
CA ALA A 17 -22.76 -30.50 37.41
C ALA A 17 -22.07 -30.10 36.11
N PRO A 18 -22.59 -30.56 34.97
CA PRO A 18 -21.88 -30.36 33.69
C PRO A 18 -21.41 -28.92 33.47
N ARG A 19 -20.10 -28.75 33.38
CA ARG A 19 -19.45 -27.47 33.12
C ARG A 19 -19.67 -26.45 34.23
N GLN A 20 -20.15 -26.89 35.39
CA GLN A 20 -20.49 -26.01 36.50
C GLN A 20 -19.47 -26.15 37.62
N LYS A 21 -19.63 -25.32 38.65
CA LYS A 21 -18.71 -25.31 39.78
C LYS A 21 -19.14 -26.35 40.81
N ILE A 22 -18.15 -27.00 41.41
CA ILE A 22 -18.43 -27.99 42.45
C ILE A 22 -19.20 -27.32 43.58
N THR A 23 -20.02 -28.11 44.26
CA THR A 23 -20.70 -27.65 45.47
C THR A 23 -19.78 -27.84 46.68
N GLU A 24 -20.10 -27.14 47.76
CA GLU A 24 -19.30 -27.26 48.97
C GLU A 24 -19.57 -28.57 49.69
N GLU A 25 -20.80 -29.08 49.59
CA GLU A 25 -21.10 -30.39 50.15
C GLU A 25 -20.26 -31.47 49.50
N MET A 26 -20.09 -31.40 48.17
CA MET A 26 -19.21 -32.35 47.48
C MET A 26 -17.75 -32.03 47.73
N ASP A 27 -17.40 -30.74 47.86
CA ASP A 27 -16.03 -30.38 48.16
C ASP A 27 -15.64 -30.81 49.57
N GLY A 28 -16.58 -30.70 50.51
CA GLY A 28 -16.31 -31.14 51.87
C GLY A 28 -16.45 -32.65 52.03
N PHE A 29 -17.27 -33.28 51.19
CA PHE A 29 -17.35 -34.74 51.21
C PHE A 29 -16.03 -35.36 50.79
N LEU A 30 -15.46 -34.86 49.69
CA LEU A 30 -14.24 -35.46 49.16
C LEU A 30 -13.09 -35.35 50.14
N GLN A 31 -13.02 -34.22 50.86
CA GLN A 31 -11.94 -34.05 51.83
C GLN A 31 -12.17 -34.86 53.09
N LYS A 32 -13.43 -35.04 53.49
CA LYS A 32 -13.72 -36.01 54.55
C LYS A 32 -13.32 -37.40 54.09
N LEU A 33 -13.60 -37.72 52.83
CA LEU A 33 -13.26 -39.04 52.28
C LEU A 33 -11.76 -39.25 52.23
N ARG A 34 -10.98 -38.18 52.12
CA ARG A 34 -9.53 -38.31 52.05
C ARG A 34 -8.94 -38.84 53.36
N GLN A 35 -9.73 -38.99 54.42
CA GLN A 35 -9.25 -39.61 55.63
C GLN A 35 -9.18 -41.12 55.52
N LYS A 36 -9.88 -41.70 54.54
CA LYS A 36 -9.95 -43.13 54.36
C LYS A 36 -9.19 -43.62 53.13
N THR A 37 -9.09 -42.79 52.08
CA THR A 37 -8.44 -43.20 50.85
C THR A 37 -7.88 -41.97 50.15
N LYS A 38 -6.90 -42.19 49.28
CA LYS A 38 -6.46 -41.12 48.39
C LYS A 38 -7.52 -40.86 47.34
N ILE A 39 -7.53 -39.64 46.80
CA ILE A 39 -8.49 -39.28 45.76
C ILE A 39 -7.74 -38.63 44.62
N GLY A 40 -8.34 -38.70 43.43
CA GLY A 40 -7.81 -38.01 42.27
C GLY A 40 -8.95 -37.70 41.32
N VAL A 41 -8.67 -36.79 40.40
CA VAL A 41 -9.65 -36.35 39.43
C VAL A 41 -9.02 -36.40 38.03
N VAL A 42 -9.79 -36.92 37.08
CA VAL A 42 -9.35 -37.01 35.68
C VAL A 42 -10.47 -36.48 34.79
N GLY A 43 -10.11 -35.63 33.84
CA GLY A 43 -11.07 -35.12 32.88
C GLY A 43 -10.37 -34.68 31.62
N GLY A 44 -11.15 -34.48 30.56
CA GLY A 44 -10.60 -34.02 29.31
C GLY A 44 -10.21 -32.56 29.31
N SER A 45 -10.82 -31.76 30.18
CA SER A 45 -10.57 -30.33 30.21
C SER A 45 -9.12 -30.05 30.59
N ASP A 46 -8.65 -28.86 30.23
CA ASP A 46 -7.32 -28.42 30.60
C ASP A 46 -7.29 -28.03 32.08
N PHE A 47 -6.08 -27.83 32.60
CA PHE A 47 -5.94 -27.54 34.02
C PHE A 47 -6.70 -26.28 34.40
N GLU A 48 -6.84 -25.34 33.47
CA GLU A 48 -7.47 -24.07 33.81
C GLU A 48 -8.97 -24.25 34.03
N LYS A 49 -9.61 -25.12 33.28
CA LYS A 49 -11.04 -25.39 33.52
C LYS A 49 -11.24 -26.24 34.77
N LEU A 50 -10.29 -27.13 35.08
CA LEU A 50 -10.36 -27.88 36.33
C LEU A 50 -10.28 -26.94 37.52
N GLN A 51 -9.38 -25.96 37.46
CA GLN A 51 -9.29 -24.97 38.53
C GLN A 51 -10.59 -24.19 38.68
N GLU A 52 -11.17 -23.76 37.56
CA GLU A 52 -12.40 -22.98 37.61
C GLU A 52 -13.52 -23.76 38.32
N GLN A 53 -13.65 -25.05 38.00
CA GLN A 53 -14.80 -25.80 38.50
C GLN A 53 -14.56 -26.41 39.88
N LEU A 54 -13.33 -26.88 40.15
CA LEU A 54 -13.02 -27.56 41.40
C LEU A 54 -12.32 -26.68 42.42
N GLY A 55 -11.88 -25.48 42.02
CA GLY A 55 -11.24 -24.56 42.93
C GLY A 55 -9.84 -24.19 42.52
N ASN A 56 -9.32 -23.07 43.03
CA ASN A 56 -7.98 -22.64 42.68
C ASN A 56 -6.92 -23.44 43.45
N ASP A 57 -7.25 -23.95 44.63
CA ASP A 57 -6.35 -24.82 45.40
C ASP A 57 -6.57 -26.29 45.09
N VAL A 58 -6.80 -26.61 43.82
CA VAL A 58 -7.15 -27.98 43.44
C VAL A 58 -5.98 -28.92 43.66
N VAL A 59 -4.76 -28.49 43.30
CA VAL A 59 -3.61 -29.37 43.43
C VAL A 59 -3.26 -29.64 44.88
N GLU A 60 -3.72 -28.78 45.81
CA GLU A 60 -3.52 -29.02 47.23
C GLU A 60 -4.66 -29.83 47.86
N LYS A 61 -5.77 -30.01 47.15
CA LYS A 61 -6.94 -30.68 47.69
C LYS A 61 -7.15 -32.10 47.18
N TYR A 62 -6.59 -32.44 46.02
CA TYR A 62 -6.68 -33.78 45.46
C TYR A 62 -5.28 -34.39 45.41
N ASP A 63 -5.18 -35.67 45.78
CA ASP A 63 -3.89 -36.34 45.74
C ASP A 63 -3.39 -36.52 44.32
N TYR A 64 -4.31 -36.65 43.36
CA TYR A 64 -3.95 -36.69 41.95
C TYR A 64 -4.86 -35.74 41.19
N VAL A 65 -4.28 -34.98 40.26
CA VAL A 65 -5.04 -34.16 39.34
C VAL A 65 -4.56 -34.50 37.94
N PHE A 66 -5.48 -34.97 37.09
CA PHE A 66 -5.15 -35.47 35.75
C PHE A 66 -5.93 -34.68 34.69
N PRO A 67 -5.58 -33.42 34.46
CA PRO A 67 -6.21 -32.68 33.35
C PRO A 67 -5.82 -33.28 32.01
N GLU A 68 -6.66 -33.01 31.01
CA GLU A 68 -6.46 -33.52 29.66
C GLU A 68 -6.19 -35.03 29.70
N ASN A 69 -7.00 -35.73 30.49
CA ASN A 69 -6.96 -37.19 30.57
C ASN A 69 -5.63 -37.71 31.10
N GLY A 70 -4.92 -36.90 31.88
CA GLY A 70 -3.65 -37.31 32.47
C GLY A 70 -2.42 -36.89 31.70
N LEU A 71 -2.56 -36.39 30.47
CA LEU A 71 -1.37 -35.98 29.72
C LEU A 71 -0.60 -34.90 30.46
N VAL A 72 -1.31 -34.04 31.19
CA VAL A 72 -0.73 -33.24 32.26
C VAL A 72 -1.10 -33.92 33.56
N ALA A 73 -0.11 -34.21 34.40
CA ALA A 73 -0.34 -34.92 35.64
C ALA A 73 0.26 -34.18 36.81
N TYR A 74 -0.48 -34.14 37.91
CA TYR A 74 -0.04 -33.53 39.17
C TYR A 74 -0.16 -34.57 40.27
N LYS A 75 0.83 -34.60 41.16
CA LYS A 75 0.84 -35.55 42.27
C LYS A 75 1.29 -34.85 43.55
N ASP A 76 0.44 -34.89 44.57
CA ASP A 76 0.77 -34.32 45.88
C ASP A 76 1.19 -32.86 45.76
N GLY A 77 0.52 -32.13 44.86
CA GLY A 77 0.76 -30.71 44.71
C GLY A 77 1.94 -30.34 43.84
N LYS A 78 2.67 -31.32 43.30
CA LYS A 78 3.83 -31.08 42.46
C LYS A 78 3.59 -31.68 41.09
N LEU A 79 3.96 -30.95 40.04
CA LEU A 79 3.78 -31.43 38.69
C LEU A 79 4.62 -32.67 38.43
N LEU A 80 3.97 -33.71 37.90
CA LEU A 80 4.67 -34.96 37.62
C LEU A 80 5.36 -34.91 36.27
N CYS A 81 4.62 -34.57 35.21
CA CYS A 81 5.14 -34.57 33.85
C CYS A 81 4.04 -34.06 32.94
N LYS A 82 4.45 -33.66 31.72
CA LYS A 82 3.53 -33.14 30.72
C LYS A 82 3.91 -33.74 29.37
N GLN A 83 2.89 -34.04 28.56
CA GLN A 83 3.07 -34.62 27.23
C GLN A 83 2.04 -34.00 26.31
N ASN A 84 2.36 -33.98 25.01
CA ASN A 84 1.45 -33.44 24.02
C ASN A 84 1.55 -34.28 22.74
N ILE A 85 0.53 -34.13 21.89
CA ILE A 85 0.47 -34.92 20.67
C ILE A 85 1.67 -34.63 19.77
N GLN A 86 2.08 -33.36 19.70
CA GLN A 86 3.19 -33.00 18.81
C GLN A 86 4.52 -33.57 19.31
N GLY A 87 4.63 -33.81 20.62
CA GLY A 87 5.85 -34.39 21.15
C GLY A 87 5.91 -35.89 21.00
N HIS A 88 4.77 -36.56 21.05
CA HIS A 88 4.73 -38.01 20.87
C HIS A 88 4.79 -38.40 19.41
N LEU A 89 4.11 -37.64 18.54
CA LEU A 89 4.05 -37.97 17.12
C LEU A 89 5.13 -37.25 16.32
N GLY A 90 5.33 -35.97 16.59
CA GLY A 90 6.29 -35.18 15.87
C GLY A 90 5.59 -34.23 14.91
N GLU A 91 6.19 -33.05 14.73
CA GLU A 91 5.62 -32.09 13.80
C GLU A 91 5.59 -32.66 12.39
N ASP A 92 6.54 -33.53 12.05
CA ASP A 92 6.49 -34.22 10.77
C ASP A 92 5.09 -34.79 10.53
N VAL A 93 4.66 -35.69 11.43
CA VAL A 93 3.42 -36.44 11.25
C VAL A 93 2.20 -35.58 11.55
N ILE A 94 2.28 -34.71 12.55
CA ILE A 94 1.18 -33.80 12.85
C ILE A 94 0.72 -33.09 11.58
N GLN A 95 1.68 -32.65 10.77
CA GLN A 95 1.33 -31.95 9.53
C GLN A 95 0.81 -32.90 8.48
N ASP A 96 1.41 -34.10 8.37
CA ASP A 96 0.89 -35.11 7.46
C ASP A 96 -0.57 -35.41 7.74
N LEU A 97 -0.93 -35.46 9.03
CA LEU A 97 -2.33 -35.68 9.40
C LEU A 97 -3.18 -34.47 9.03
N ILE A 98 -2.77 -33.28 9.46
CA ILE A 98 -3.54 -32.07 9.18
C ILE A 98 -3.68 -31.86 7.68
N ASN A 99 -2.60 -32.09 6.92
CA ASN A 99 -2.65 -31.87 5.48
C ASN A 99 -3.67 -32.79 4.82
N TYR A 100 -3.69 -34.08 5.21
CA TYR A 100 -4.64 -35.03 4.62
C TYR A 100 -6.07 -34.60 4.91
N CYS A 101 -6.34 -34.18 6.16
CA CYS A 101 -7.70 -33.84 6.55
C CYS A 101 -8.19 -32.60 5.83
N LEU A 102 -7.30 -31.63 5.61
CA LEU A 102 -7.68 -30.42 4.90
C LEU A 102 -8.03 -30.72 3.45
N SER A 103 -7.15 -31.45 2.74
CA SER A 103 -7.46 -31.83 1.37
C SER A 103 -8.75 -32.63 1.31
N TYR A 104 -8.89 -33.60 2.21
CA TYR A 104 -10.11 -34.40 2.23
C TYR A 104 -11.33 -33.51 2.40
N ILE A 105 -11.29 -32.60 3.38
CA ILE A 105 -12.48 -31.79 3.67
C ILE A 105 -12.81 -30.90 2.49
N ALA A 106 -11.78 -30.37 1.82
CA ALA A 106 -12.02 -29.53 0.65
C ALA A 106 -12.75 -30.28 -0.46
N ASN A 107 -12.82 -31.61 -0.38
CA ASN A 107 -13.50 -32.41 -1.39
C ASN A 107 -14.88 -32.89 -0.96
N ILE A 108 -15.23 -32.77 0.32
CA ILE A 108 -16.54 -33.20 0.79
C ILE A 108 -17.57 -32.15 0.37
N LYS A 109 -18.48 -32.53 -0.52
CA LYS A 109 -19.56 -31.64 -0.94
C LYS A 109 -20.65 -31.65 0.13
N LEU A 110 -20.82 -30.52 0.80
CA LEU A 110 -21.79 -30.35 1.87
C LEU A 110 -22.78 -29.26 1.50
N PRO A 111 -23.93 -29.19 2.18
CA PRO A 111 -24.80 -28.02 2.00
C PRO A 111 -24.11 -26.73 2.40
N LYS A 112 -23.27 -26.75 3.44
CA LYS A 112 -22.64 -25.56 3.95
C LYS A 112 -21.30 -25.92 4.60
N LYS A 113 -20.35 -24.97 4.51
CA LYS A 113 -19.09 -25.07 5.23
C LYS A 113 -18.86 -23.76 5.96
N ARG A 114 -18.27 -23.85 7.16
CA ARG A 114 -18.05 -22.66 7.98
C ARG A 114 -16.60 -22.57 8.43
N GLY A 115 -16.33 -22.73 9.73
CA GLY A 115 -15.02 -22.45 10.26
C GLY A 115 -14.62 -23.44 11.34
N THR A 116 -13.33 -23.41 11.66
CA THR A 116 -12.74 -24.30 12.66
C THR A 116 -12.90 -25.77 12.24
N PHE A 117 -12.38 -26.07 11.06
CA PHE A 117 -12.41 -27.42 10.53
C PHE A 117 -11.45 -28.34 11.24
N ILE A 118 -10.44 -27.79 11.92
CA ILE A 118 -9.49 -28.58 12.68
C ILE A 118 -9.16 -27.81 13.95
N GLU A 119 -9.52 -28.36 15.10
CA GLU A 119 -9.16 -27.82 16.40
C GLU A 119 -7.97 -28.61 16.94
N PHE A 120 -6.92 -27.91 17.31
CA PHE A 120 -5.72 -28.52 17.86
C PHE A 120 -5.79 -28.43 19.39
N ARG A 121 -5.70 -29.58 20.05
CA ARG A 121 -5.61 -29.65 21.49
C ARG A 121 -4.36 -30.45 21.84
N ASN A 122 -3.92 -30.34 23.10
CA ASN A 122 -2.70 -31.00 23.51
C ASN A 122 -2.80 -32.52 23.39
N GLY A 123 -4.01 -33.06 23.43
CA GLY A 123 -4.19 -34.51 23.43
C GLY A 123 -4.97 -35.06 22.26
N MET A 124 -5.35 -34.22 21.31
CA MET A 124 -6.13 -34.72 20.19
C MET A 124 -6.30 -33.63 19.14
N LEU A 125 -6.90 -34.03 18.02
CA LEU A 125 -7.33 -33.15 16.96
C LEU A 125 -8.81 -33.42 16.71
N ASN A 126 -9.60 -32.36 16.59
CA ASN A 126 -11.04 -32.47 16.34
C ASN A 126 -11.27 -31.98 14.92
N VAL A 127 -11.59 -32.92 14.03
CA VAL A 127 -11.75 -32.67 12.61
C VAL A 127 -13.24 -32.73 12.30
N SER A 128 -13.78 -31.63 11.78
CA SER A 128 -15.20 -31.54 11.43
C SER A 128 -15.31 -31.15 9.96
N PRO A 129 -16.02 -31.92 9.13
CA PRO A 129 -16.20 -31.50 7.74
C PRO A 129 -16.92 -30.17 7.60
N ILE A 130 -17.93 -29.91 8.44
CA ILE A 130 -18.68 -28.67 8.32
C ILE A 130 -17.92 -27.52 8.99
N GLY A 131 -17.26 -27.80 10.11
CA GLY A 131 -16.60 -26.78 10.87
C GLY A 131 -17.23 -26.61 12.24
N ARG A 132 -16.44 -26.71 13.30
CA ARG A 132 -16.97 -26.70 14.66
C ARG A 132 -17.39 -25.33 15.12
N SER A 133 -17.50 -24.37 14.21
CA SER A 133 -17.96 -23.02 14.53
C SER A 133 -19.30 -22.73 13.86
N CYS A 134 -20.14 -23.74 13.73
CA CYS A 134 -21.43 -23.61 13.05
C CYS A 134 -22.56 -23.57 14.08
N SER A 135 -23.66 -22.96 13.65
CA SER A 135 -24.80 -22.77 14.55
C SER A 135 -25.51 -24.09 14.79
N GLN A 136 -26.41 -24.09 15.78
CA GLN A 136 -27.20 -25.28 16.05
C GLN A 136 -27.88 -25.76 14.77
N GLU A 137 -28.74 -24.91 14.20
CA GLU A 137 -29.48 -25.28 13.00
C GLU A 137 -28.56 -25.78 11.89
N GLU A 138 -27.28 -25.42 11.92
CA GLU A 138 -26.32 -25.93 10.95
C GLU A 138 -25.81 -27.31 11.36
N ARG A 139 -25.45 -27.47 12.63
CA ARG A 139 -25.08 -28.79 13.15
C ARG A 139 -26.13 -29.84 12.77
N ILE A 140 -27.40 -29.53 13.06
CA ILE A 140 -28.46 -30.50 12.83
C ILE A 140 -28.57 -30.81 11.34
N GLU A 141 -28.55 -29.79 10.50
CA GLU A 141 -28.60 -30.02 9.06
C GLU A 141 -27.52 -31.01 8.63
N PHE A 142 -26.31 -30.87 9.18
CA PHE A 142 -25.22 -31.77 8.81
C PHE A 142 -25.45 -33.16 9.40
N TYR A 143 -25.75 -33.23 10.71
CA TYR A 143 -25.95 -34.52 11.35
C TYR A 143 -27.01 -35.35 10.63
N GLU A 144 -28.12 -34.70 10.23
CA GLU A 144 -29.14 -35.40 9.47
C GLU A 144 -28.56 -35.96 8.18
N LEU A 145 -27.91 -35.11 7.39
CA LEU A 145 -27.26 -35.59 6.18
C LEU A 145 -26.22 -36.66 6.48
N ASP A 146 -25.54 -36.53 7.62
CA ASP A 146 -24.51 -37.51 7.97
C ASP A 146 -25.14 -38.87 8.26
N LYS A 147 -26.29 -38.88 8.92
CA LYS A 147 -26.98 -40.14 9.19
C LYS A 147 -27.48 -40.80 7.91
N LYS A 148 -27.54 -40.06 6.80
CA LYS A 148 -28.06 -40.58 5.53
C LYS A 148 -26.98 -40.86 4.49
N GLU A 149 -25.86 -40.15 4.51
CA GLU A 149 -24.78 -40.39 3.58
C GLU A 149 -23.50 -40.87 4.25
N HIS A 150 -23.45 -40.90 5.59
CA HIS A 150 -22.34 -41.48 6.32
C HIS A 150 -21.02 -40.84 5.93
N ILE A 151 -21.03 -39.50 5.82
CA ILE A 151 -19.84 -38.78 5.39
C ILE A 151 -18.70 -39.00 6.37
N ARG A 152 -18.98 -38.86 7.67
CA ARG A 152 -17.94 -39.01 8.67
C ARG A 152 -17.41 -40.44 8.71
N GLN A 153 -18.27 -41.43 8.48
CA GLN A 153 -17.81 -42.81 8.54
C GLN A 153 -16.93 -43.14 7.35
N LYS A 154 -17.27 -42.65 6.16
CA LYS A 154 -16.39 -42.82 5.01
C LYS A 154 -15.03 -42.20 5.28
N PHE A 155 -15.03 -41.00 5.89
CA PHE A 155 -13.79 -40.29 6.21
C PHE A 155 -12.98 -41.06 7.26
N VAL A 156 -13.66 -41.54 8.31
CA VAL A 156 -12.95 -42.29 9.35
C VAL A 156 -12.28 -43.51 8.74
N ALA A 157 -12.97 -44.19 7.82
CA ALA A 157 -12.42 -45.40 7.22
C ALA A 157 -11.23 -45.10 6.33
N ASP A 158 -11.29 -43.98 5.61
CA ASP A 158 -10.17 -43.58 4.76
C ASP A 158 -8.96 -43.18 5.60
N LEU A 159 -9.19 -42.51 6.72
CA LEU A 159 -8.08 -42.13 7.61
C LEU A 159 -7.39 -43.36 8.18
N ARG A 160 -8.15 -44.29 8.74
CA ARG A 160 -7.56 -45.48 9.34
C ARG A 160 -6.63 -46.19 8.37
N LYS A 161 -7.01 -46.23 7.08
CA LYS A 161 -6.15 -46.85 6.08
C LYS A 161 -4.93 -46.00 5.81
N GLU A 162 -5.13 -44.69 5.61
CA GLU A 162 -4.02 -43.82 5.24
C GLU A 162 -2.96 -43.74 6.33
N PHE A 163 -3.34 -43.95 7.59
CA PHE A 163 -2.43 -43.78 8.72
C PHE A 163 -2.26 -45.04 9.54
N ALA A 164 -2.65 -46.20 9.01
CA ALA A 164 -2.47 -47.46 9.72
C ALA A 164 -1.00 -47.70 10.04
N GLY A 165 -0.73 -48.05 11.30
CA GLY A 165 0.61 -48.30 11.76
C GLY A 165 1.27 -47.13 12.47
N LYS A 166 0.72 -45.92 12.31
CA LYS A 166 1.24 -44.76 13.01
C LYS A 166 0.75 -44.65 14.45
N GLY A 167 -0.02 -45.64 14.92
CA GLY A 167 -0.44 -45.66 16.31
C GLY A 167 -1.47 -44.60 16.66
N LEU A 168 -2.49 -44.47 15.83
CA LEU A 168 -3.52 -43.46 16.02
C LEU A 168 -4.89 -44.12 16.17
N THR A 169 -5.85 -43.35 16.67
CA THR A 169 -7.22 -43.81 16.84
C THR A 169 -8.17 -42.74 16.29
N PHE A 170 -9.09 -43.17 15.44
CA PHE A 170 -10.07 -42.29 14.80
C PHE A 170 -11.47 -42.69 15.25
N SER A 171 -12.03 -41.92 16.19
CA SER A 171 -13.37 -42.16 16.69
C SER A 171 -14.29 -41.01 16.30
N ILE A 172 -15.56 -41.31 16.15
CA ILE A 172 -16.58 -40.32 15.83
C ILE A 172 -17.05 -39.68 17.12
N GLY A 173 -17.15 -38.35 17.13
CA GLY A 173 -17.55 -37.63 18.31
C GLY A 173 -18.60 -36.60 17.97
N GLY A 174 -19.52 -36.40 18.92
CA GLY A 174 -20.57 -35.44 18.71
C GLY A 174 -21.34 -35.72 17.42
N GLN A 175 -21.95 -34.68 16.88
CA GLN A 175 -22.73 -34.80 15.68
C GLN A 175 -21.99 -34.37 14.40
N ILE A 176 -20.82 -33.74 14.53
CA ILE A 176 -20.18 -33.14 13.36
C ILE A 176 -18.69 -33.40 13.27
N SER A 177 -18.10 -33.94 14.33
CA SER A 177 -16.65 -34.03 14.42
C SER A 177 -16.16 -35.47 14.40
N ILE A 178 -14.85 -35.61 14.20
CA ILE A 178 -14.16 -36.89 14.24
C ILE A 178 -12.90 -36.70 15.09
N ASP A 179 -12.81 -37.42 16.19
CA ASP A 179 -11.66 -37.28 17.08
C ASP A 179 -10.48 -38.07 16.55
N VAL A 180 -9.28 -37.49 16.70
CA VAL A 180 -8.04 -38.12 16.29
C VAL A 180 -7.04 -37.98 17.44
N PHE A 181 -6.61 -39.10 18.00
CA PHE A 181 -5.68 -39.07 19.13
C PHE A 181 -4.79 -40.30 19.07
N PRO A 182 -3.59 -40.23 19.63
CA PRO A 182 -2.75 -41.44 19.71
C PRO A 182 -3.44 -42.54 20.50
N GLU A 183 -3.04 -43.78 20.23
CA GLU A 183 -3.66 -44.91 20.90
C GLU A 183 -3.39 -44.86 22.40
N GLY A 184 -4.45 -45.06 23.19
CA GLY A 184 -4.37 -45.03 24.62
C GLY A 184 -4.64 -43.67 25.24
N TRP A 185 -4.75 -42.62 24.43
CA TRP A 185 -4.84 -41.26 24.96
C TRP A 185 -6.27 -40.87 25.30
N ASP A 186 -7.06 -41.82 25.81
CA ASP A 186 -8.32 -41.53 26.46
C ASP A 186 -8.06 -41.41 27.97
N LYS A 187 -9.12 -41.49 28.77
CA LYS A 187 -8.93 -41.40 30.23
C LYS A 187 -8.01 -42.49 30.77
N ARG A 188 -7.81 -43.59 30.04
CA ARG A 188 -6.91 -44.64 30.51
C ARG A 188 -5.47 -44.15 30.63
N TYR A 189 -5.14 -43.03 29.97
CA TYR A 189 -3.76 -42.55 29.97
C TYR A 189 -3.26 -42.25 31.38
N CYS A 190 -4.14 -41.75 32.25
CA CYS A 190 -3.73 -41.39 33.60
C CYS A 190 -3.26 -42.60 34.39
N LEU A 191 -3.76 -43.80 34.04
CA LEU A 191 -3.41 -44.99 34.82
C LEU A 191 -1.90 -45.25 34.83
N ARG A 192 -1.18 -44.80 33.80
CA ARG A 192 0.26 -45.02 33.75
C ARG A 192 0.96 -44.35 34.94
N HIS A 193 0.48 -43.19 35.38
CA HIS A 193 1.09 -42.50 36.49
C HIS A 193 0.80 -43.16 37.83
N LEU A 194 -0.10 -44.13 37.87
CA LEU A 194 -0.45 -44.84 39.09
C LEU A 194 0.10 -46.26 39.12
N GLU A 195 0.90 -46.64 38.12
CA GLU A 195 1.33 -48.04 37.99
C GLU A 195 2.14 -48.48 39.21
N HIS A 196 3.26 -47.81 39.47
CA HIS A 196 4.19 -48.23 40.51
C HIS A 196 3.78 -47.75 41.90
N ALA A 197 2.56 -47.27 42.06
CA ALA A 197 2.09 -46.85 43.38
C ALA A 197 1.71 -48.03 44.25
N GLY A 198 1.30 -49.15 43.65
CA GLY A 198 0.94 -50.32 44.42
C GLY A 198 -0.39 -50.22 45.13
N TYR A 199 -1.32 -49.41 44.61
CA TYR A 199 -2.62 -49.28 45.23
C TYR A 199 -3.37 -50.62 45.17
N LYS A 200 -3.83 -51.08 46.33
CA LYS A 200 -4.59 -52.32 46.38
C LYS A 200 -5.79 -52.26 45.45
N THR A 201 -6.53 -51.15 45.47
CA THR A 201 -7.71 -50.98 44.64
C THR A 201 -7.76 -49.55 44.13
N ILE A 202 -8.06 -49.40 42.85
CA ILE A 202 -8.27 -48.09 42.23
C ILE A 202 -9.73 -48.03 41.79
N TYR A 203 -10.58 -47.50 42.66
CA TYR A 203 -11.98 -47.29 42.29
C TYR A 203 -12.08 -46.13 41.30
N PHE A 204 -12.91 -46.30 40.28
CA PHE A 204 -13.21 -45.23 39.34
C PHE A 204 -14.70 -44.94 39.31
N PHE A 205 -15.05 -43.67 39.14
CA PHE A 205 -16.43 -43.23 39.08
C PHE A 205 -16.61 -42.32 37.88
N GLY A 206 -17.63 -42.61 37.09
CA GLY A 206 -17.91 -41.83 35.89
C GLY A 206 -19.38 -41.93 35.55
N ASP A 207 -19.83 -41.01 34.71
CA ASP A 207 -21.24 -40.90 34.34
C ASP A 207 -21.53 -41.30 32.89
N LYS A 208 -20.51 -41.40 32.04
CA LYS A 208 -20.68 -41.81 30.65
C LYS A 208 -19.85 -43.07 30.42
N THR A 209 -20.27 -44.17 31.04
CA THR A 209 -19.50 -45.41 31.04
C THR A 209 -19.88 -46.35 29.91
N MET A 210 -20.86 -45.99 29.08
CA MET A 210 -21.28 -46.81 27.95
C MET A 210 -20.43 -46.51 26.73
N PRO A 211 -20.41 -47.40 25.73
CA PRO A 211 -19.63 -47.13 24.52
C PRO A 211 -19.99 -45.78 23.90
N GLY A 212 -18.95 -45.01 23.58
CA GLY A 212 -19.09 -43.65 23.08
C GLY A 212 -18.84 -42.60 24.14
N GLY A 213 -19.12 -42.91 25.40
CA GLY A 213 -18.78 -42.01 26.48
C GLY A 213 -17.29 -41.97 26.74
N ASN A 214 -16.82 -40.84 27.25
CA ASN A 214 -15.40 -40.62 27.48
C ASN A 214 -14.89 -41.32 28.73
N ASP A 215 -15.74 -42.08 29.43
CA ASP A 215 -15.32 -42.88 30.57
C ASP A 215 -15.33 -44.38 30.29
N HIS A 216 -15.82 -44.81 29.13
CA HIS A 216 -15.99 -46.25 28.89
C HIS A 216 -14.66 -46.99 28.96
N GLU A 217 -13.59 -46.38 28.46
CA GLU A 217 -12.32 -47.09 28.38
C GLU A 217 -11.73 -47.32 29.76
N ILE A 218 -11.68 -46.27 30.59
CA ILE A 218 -11.10 -46.40 31.92
C ILE A 218 -12.00 -47.22 32.82
N PHE A 219 -13.31 -47.21 32.57
CA PHE A 219 -14.24 -47.98 33.41
C PHE A 219 -14.09 -49.48 33.19
N THR A 220 -13.96 -49.91 31.93
CA THR A 220 -13.82 -51.32 31.61
C THR A 220 -12.38 -51.82 31.74
N ASP A 221 -11.41 -50.92 31.91
CA ASP A 221 -10.02 -51.33 32.05
C ASP A 221 -9.87 -52.24 33.26
N PRO A 222 -9.14 -53.36 33.14
CA PRO A 222 -9.08 -54.31 34.26
C PRO A 222 -8.34 -53.76 35.46
N ARG A 223 -7.56 -52.70 35.29
CA ARG A 223 -6.84 -52.11 36.42
C ARG A 223 -7.75 -51.29 37.33
N THR A 224 -9.03 -51.15 37.00
CA THR A 224 -9.95 -50.32 37.76
C THR A 224 -11.18 -51.11 38.17
N VAL A 225 -11.71 -50.75 39.34
CA VAL A 225 -13.01 -51.23 39.80
C VAL A 225 -13.98 -50.08 39.59
N GLY A 226 -14.75 -50.15 38.50
CA GLY A 226 -15.59 -49.03 38.09
C GLY A 226 -16.99 -49.08 38.68
N TYR A 227 -17.54 -47.89 38.91
CA TYR A 227 -18.92 -47.71 39.35
C TYR A 227 -19.51 -46.56 38.55
N THR A 228 -20.68 -46.77 37.97
CA THR A 228 -21.33 -45.74 37.16
C THR A 228 -22.23 -44.89 38.05
N VAL A 229 -22.13 -43.57 37.87
CA VAL A 229 -22.89 -42.61 38.65
C VAL A 229 -23.79 -41.84 37.70
N THR A 230 -24.87 -41.28 38.27
CA THR A 230 -25.77 -40.41 37.53
C THR A 230 -25.48 -38.94 37.79
N ALA A 231 -25.10 -38.58 39.01
CA ALA A 231 -24.86 -37.19 39.38
C ALA A 231 -23.96 -37.18 40.60
N PRO A 232 -23.42 -36.02 40.97
CA PRO A 232 -22.57 -35.94 42.18
C PRO A 232 -23.22 -36.53 43.41
N GLU A 233 -24.56 -36.49 43.50
CA GLU A 233 -25.23 -37.09 44.65
C GLU A 233 -25.11 -38.61 44.63
N ASP A 234 -25.15 -39.21 43.45
CA ASP A 234 -24.93 -40.65 43.34
C ASP A 234 -23.47 -40.99 43.62
N THR A 235 -22.54 -40.18 43.11
CA THR A 235 -21.12 -40.39 43.42
C THR A 235 -20.92 -40.46 44.92
N ARG A 236 -21.48 -39.50 45.66
CA ARG A 236 -21.40 -39.53 47.11
C ARG A 236 -21.89 -40.86 47.65
N ARG A 237 -23.14 -41.19 47.32
CA ARG A 237 -23.78 -42.42 47.82
C ARG A 237 -22.88 -43.63 47.73
N ILE A 238 -22.32 -43.89 46.55
CA ILE A 238 -21.53 -45.10 46.35
C ILE A 238 -20.29 -45.09 47.24
N CYS A 239 -19.67 -43.91 47.41
CA CYS A 239 -18.47 -43.83 48.24
C CYS A 239 -18.79 -44.05 49.71
N GLU A 240 -19.97 -43.62 50.17
CA GLU A 240 -20.35 -43.88 51.55
C GLU A 240 -20.42 -45.37 51.83
N GLY A 241 -20.86 -46.16 50.85
CA GLY A 241 -20.86 -47.61 51.02
C GLY A 241 -19.47 -48.20 50.95
N LEU A 242 -18.73 -47.89 49.88
CA LEU A 242 -17.40 -48.45 49.72
C LEU A 242 -16.48 -48.07 50.87
N PHE A 243 -16.65 -46.88 51.44
CA PHE A 243 -15.77 -46.38 52.48
C PHE A 243 -16.60 -45.93 53.68
N PRO A 244 -17.12 -46.89 54.46
CA PRO A 244 -17.92 -46.58 55.66
C PRO A 244 -17.08 -45.93 56.75
N MET B 3 -29.15 17.99 15.66
CA MET B 3 -29.35 16.61 15.15
C MET B 3 -29.30 16.59 13.61
N ALA B 4 -28.59 17.57 13.04
CA ALA B 4 -28.31 17.59 11.61
C ALA B 4 -26.91 17.05 11.30
N THR B 5 -26.12 16.78 12.34
CA THR B 5 -24.77 16.26 12.21
C THR B 5 -24.71 14.88 12.87
N LEU B 6 -23.69 14.10 12.49
CA LEU B 6 -23.44 12.82 13.11
C LEU B 6 -21.94 12.67 13.35
N CYS B 7 -21.57 12.33 14.57
CA CYS B 7 -20.17 12.06 14.93
C CYS B 7 -20.00 10.54 15.05
N LEU B 8 -19.45 9.94 14.00
CA LEU B 8 -19.28 8.49 13.91
C LEU B 8 -17.90 8.13 14.47
N PHE B 9 -17.89 7.51 15.64
CA PHE B 9 -16.64 7.15 16.31
C PHE B 9 -16.29 5.68 16.07
N ASP B 10 -14.99 5.40 16.03
CA ASP B 10 -14.46 4.06 16.03
C ASP B 10 -14.20 3.63 17.47
N MET B 11 -14.21 2.31 17.69
CA MET B 11 -14.18 1.80 19.07
C MET B 11 -12.75 1.80 19.63
N ASP B 12 -11.87 0.97 19.06
CA ASP B 12 -10.52 0.83 19.59
C ASP B 12 -9.63 1.96 19.10
N GLY B 13 -8.67 2.34 19.93
CA GLY B 13 -7.76 3.42 19.62
C GLY B 13 -8.42 4.77 19.42
N THR B 14 -9.69 4.88 19.83
CA THR B 14 -10.48 6.08 19.55
C THR B 14 -11.40 6.44 20.70
N LEU B 15 -12.27 5.50 21.08
CA LEU B 15 -13.23 5.72 22.16
C LEU B 15 -12.81 5.04 23.46
N THR B 16 -12.07 3.95 23.35
CA THR B 16 -11.57 3.22 24.50
C THR B 16 -10.12 2.87 24.21
N ALA B 17 -9.45 2.27 25.18
CA ALA B 17 -8.13 1.76 24.90
C ALA B 17 -8.23 0.39 24.23
N PRO B 18 -7.26 0.05 23.38
CA PRO B 18 -7.38 -1.18 22.58
C PRO B 18 -7.68 -2.43 23.40
N ARG B 19 -8.86 -3.00 23.17
CA ARG B 19 -9.36 -4.19 23.86
C ARG B 19 -9.81 -3.90 25.29
N GLN B 20 -9.97 -2.63 25.65
CA GLN B 20 -10.24 -2.22 27.02
C GLN B 20 -11.66 -1.67 27.13
N LYS B 21 -12.07 -1.42 28.39
CA LYS B 21 -13.34 -0.80 28.69
C LYS B 21 -13.21 0.72 28.64
N ILE B 22 -14.22 1.38 28.08
CA ILE B 22 -14.19 2.84 28.01
C ILE B 22 -14.06 3.43 29.40
N THR B 23 -13.18 4.43 29.54
CA THR B 23 -13.08 5.14 30.80
C THR B 23 -14.37 5.88 31.10
N GLU B 24 -14.71 5.95 32.39
CA GLU B 24 -15.95 6.63 32.78
C GLU B 24 -15.94 8.08 32.32
N GLU B 25 -14.76 8.72 32.30
CA GLU B 25 -14.69 10.12 31.85
C GLU B 25 -15.10 10.23 30.38
N MET B 26 -14.45 9.45 29.51
CA MET B 26 -14.82 9.49 28.09
C MET B 26 -16.31 9.23 27.91
N ASP B 27 -16.83 8.19 28.55
CA ASP B 27 -18.26 7.91 28.49
C ASP B 27 -19.08 9.11 28.93
N GLY B 28 -18.51 9.96 29.79
CA GLY B 28 -19.20 11.19 30.15
C GLY B 28 -19.25 12.18 29.00
N PHE B 29 -18.09 12.43 28.38
CA PHE B 29 -18.02 13.43 27.32
C PHE B 29 -18.87 13.06 26.11
N LEU B 30 -19.11 11.75 25.91
CA LEU B 30 -19.90 11.32 24.75
C LEU B 30 -21.37 11.66 24.94
N GLN B 31 -21.86 11.53 26.16
CA GLN B 31 -23.21 11.93 26.51
C GLN B 31 -23.34 13.43 26.63
N LYS B 32 -22.22 14.13 26.87
CA LYS B 32 -22.22 15.58 26.82
C LYS B 32 -22.34 16.09 25.39
N LEU B 33 -21.61 15.46 24.46
CA LEU B 33 -21.68 15.88 23.07
C LEU B 33 -23.01 15.47 22.42
N ARG B 34 -23.59 14.36 22.86
CA ARG B 34 -24.86 13.93 22.29
C ARG B 34 -25.87 15.08 22.19
N GLN B 35 -25.71 16.10 23.03
CA GLN B 35 -26.63 17.24 22.99
C GLN B 35 -26.60 17.92 21.63
N LYS B 36 -25.40 18.19 21.11
CA LYS B 36 -25.26 19.02 19.92
C LYS B 36 -25.31 18.22 18.63
N THR B 37 -24.88 16.97 18.65
CA THR B 37 -24.88 16.12 17.46
C THR B 37 -25.36 14.72 17.85
N LYS B 38 -25.79 13.97 16.85
CA LYS B 38 -26.06 12.55 17.06
C LYS B 38 -24.74 11.80 17.05
N ILE B 39 -24.60 10.82 17.93
CA ILE B 39 -23.37 10.08 18.09
C ILE B 39 -23.59 8.64 17.61
N GLY B 40 -22.48 7.92 17.45
CA GLY B 40 -22.55 6.54 16.98
C GLY B 40 -21.20 5.88 17.09
N VAL B 41 -21.23 4.54 17.10
CA VAL B 41 -20.02 3.74 17.18
C VAL B 41 -20.00 2.73 16.04
N VAL B 42 -18.81 2.48 15.51
CA VAL B 42 -18.59 1.47 14.48
C VAL B 42 -17.28 0.77 14.80
N GLY B 43 -17.26 -0.54 14.62
CA GLY B 43 -16.05 -1.32 14.81
C GLY B 43 -16.22 -2.72 14.29
N GLY B 44 -15.11 -3.36 13.89
CA GLY B 44 -15.12 -4.75 13.49
C GLY B 44 -15.17 -5.69 14.68
N SER B 45 -16.07 -5.40 15.60
CA SER B 45 -16.23 -6.15 16.84
C SER B 45 -17.70 -6.48 17.00
N ASP B 46 -18.00 -7.72 17.40
CA ASP B 46 -19.40 -8.10 17.48
C ASP B 46 -20.10 -7.33 18.59
N PHE B 47 -21.44 -7.43 18.60
CA PHE B 47 -22.24 -6.70 19.58
C PHE B 47 -21.84 -7.02 21.01
N GLU B 48 -21.20 -8.15 21.25
CA GLU B 48 -20.79 -8.50 22.61
C GLU B 48 -19.56 -7.71 23.03
N LYS B 49 -18.46 -7.81 22.25
CA LYS B 49 -17.27 -7.03 22.56
C LYS B 49 -17.61 -5.54 22.68
N LEU B 50 -18.62 -5.09 21.94
CA LEU B 50 -19.04 -3.69 22.06
C LEU B 50 -19.72 -3.43 23.39
N GLN B 51 -20.31 -4.46 23.99
CA GLN B 51 -20.90 -4.31 25.33
C GLN B 51 -19.86 -4.50 26.41
N GLU B 52 -18.86 -5.37 26.19
CA GLU B 52 -17.79 -5.52 27.16
C GLU B 52 -17.01 -4.23 27.32
N GLN B 53 -16.81 -3.50 26.22
CA GLN B 53 -15.98 -2.30 26.19
C GLN B 53 -16.80 -1.04 26.43
N LEU B 54 -17.94 -0.90 25.75
CA LEU B 54 -18.78 0.27 25.92
C LEU B 54 -19.86 0.06 26.98
N GLY B 55 -20.28 -1.18 27.21
CA GLY B 55 -21.31 -1.47 28.18
C GLY B 55 -22.51 -2.18 27.60
N ASN B 56 -23.19 -2.98 28.42
CA ASN B 56 -24.35 -3.73 27.93
C ASN B 56 -25.42 -2.80 27.37
N ASP B 57 -25.52 -1.58 27.89
CA ASP B 57 -26.49 -0.60 27.41
C ASP B 57 -25.97 0.22 26.23
N VAL B 58 -25.16 -0.39 25.36
CA VAL B 58 -24.54 0.36 24.27
C VAL B 58 -25.60 0.90 23.32
N VAL B 59 -26.65 0.11 23.04
CA VAL B 59 -27.71 0.56 22.14
C VAL B 59 -28.44 1.77 22.68
N GLU B 60 -28.38 2.00 23.99
CA GLU B 60 -29.04 3.14 24.61
C GLU B 60 -28.12 4.35 24.75
N LYS B 61 -26.81 4.14 24.76
CA LYS B 61 -25.83 5.22 24.95
C LYS B 61 -25.40 5.87 23.64
N TYR B 62 -26.00 5.49 22.52
CA TYR B 62 -25.61 6.01 21.21
C TYR B 62 -26.83 6.01 20.29
N ASP B 63 -26.82 6.90 19.31
CA ASP B 63 -27.89 6.98 18.33
C ASP B 63 -27.68 6.05 17.14
N TYR B 64 -26.51 5.39 17.06
CA TYR B 64 -26.22 4.41 16.04
C TYR B 64 -25.19 3.45 16.62
N VAL B 65 -25.48 2.15 16.62
CA VAL B 65 -24.50 1.15 17.01
C VAL B 65 -24.27 0.24 15.81
N PHE B 66 -23.04 0.25 15.30
CA PHE B 66 -22.65 -0.48 14.09
C PHE B 66 -21.57 -1.50 14.43
N PRO B 67 -21.89 -2.54 15.18
CA PRO B 67 -20.92 -3.62 15.38
C PRO B 67 -20.66 -4.35 14.06
N GLU B 68 -19.49 -4.97 13.97
CA GLU B 68 -19.08 -5.70 12.77
C GLU B 68 -19.15 -4.81 11.53
N ASN B 69 -18.64 -3.59 11.67
CA ASN B 69 -18.54 -2.62 10.57
C ASN B 69 -19.90 -2.26 9.98
N GLY B 70 -20.97 -2.45 10.77
CA GLY B 70 -22.30 -2.15 10.31
C GLY B 70 -23.06 -3.30 9.70
N LEU B 71 -22.39 -4.41 9.37
CA LEU B 71 -23.10 -5.59 8.90
C LEU B 71 -24.21 -5.96 9.88
N VAL B 72 -24.00 -5.71 11.17
CA VAL B 72 -25.04 -5.66 12.18
C VAL B 72 -25.19 -4.20 12.59
N ALA B 73 -26.41 -3.70 12.60
CA ALA B 73 -26.66 -2.27 12.80
C ALA B 73 -27.86 -2.03 13.69
N TYR B 74 -27.81 -0.91 14.42
CA TYR B 74 -28.91 -0.46 15.27
C TYR B 74 -29.11 1.04 15.07
N LYS B 75 -30.36 1.49 15.11
CA LYS B 75 -30.69 2.92 15.07
C LYS B 75 -31.68 3.23 16.18
N ASP B 76 -31.30 4.12 17.09
CA ASP B 76 -32.16 4.56 18.19
C ASP B 76 -32.49 3.42 19.14
N GLY B 77 -31.49 2.60 19.45
CA GLY B 77 -31.67 1.48 20.35
C GLY B 77 -32.45 0.31 19.78
N LYS B 78 -32.97 0.42 18.56
CA LYS B 78 -33.74 -0.63 17.92
C LYS B 78 -32.96 -1.19 16.73
N LEU B 79 -32.90 -2.52 16.64
CA LEU B 79 -32.17 -3.16 15.56
C LEU B 79 -32.70 -2.70 14.21
N LEU B 80 -31.77 -2.46 13.28
CA LEU B 80 -32.09 -2.02 11.93
C LEU B 80 -32.04 -3.15 10.91
N CYS B 81 -30.98 -3.97 10.94
CA CYS B 81 -30.82 -5.04 9.97
C CYS B 81 -29.60 -5.87 10.35
N LYS B 82 -29.41 -6.95 9.60
CA LYS B 82 -28.26 -7.83 9.77
C LYS B 82 -27.93 -8.45 8.42
N GLN B 83 -26.64 -8.61 8.15
CA GLN B 83 -26.16 -9.16 6.90
C GLN B 83 -25.00 -10.10 7.22
N ASN B 84 -24.75 -11.03 6.31
CA ASN B 84 -23.65 -11.96 6.50
C ASN B 84 -23.05 -12.31 5.15
N ILE B 85 -21.77 -12.69 5.18
CA ILE B 85 -21.06 -13.05 3.96
C ILE B 85 -21.69 -14.25 3.27
N GLN B 86 -22.35 -15.14 4.04
CA GLN B 86 -23.03 -16.27 3.39
C GLN B 86 -24.25 -15.78 2.61
N GLY B 87 -24.97 -14.79 3.14
CA GLY B 87 -26.12 -14.24 2.44
C GLY B 87 -25.74 -13.39 1.24
N HIS B 88 -24.54 -12.82 1.23
CA HIS B 88 -24.09 -11.99 0.13
C HIS B 88 -23.45 -12.81 -0.99
N LEU B 89 -22.48 -13.67 -0.64
CA LEU B 89 -21.78 -14.46 -1.63
C LEU B 89 -22.54 -15.73 -2.01
N GLY B 90 -23.36 -16.24 -1.11
CA GLY B 90 -24.00 -17.52 -1.34
C GLY B 90 -23.18 -18.67 -0.82
N GLU B 91 -23.88 -19.73 -0.40
CA GLU B 91 -23.19 -20.88 0.19
C GLU B 91 -22.17 -21.47 -0.77
N ASP B 92 -22.52 -21.54 -2.06
CA ASP B 92 -21.66 -22.20 -3.04
C ASP B 92 -20.29 -21.52 -3.12
N VAL B 93 -20.27 -20.19 -3.25
CA VAL B 93 -19.01 -19.48 -3.36
C VAL B 93 -18.25 -19.53 -2.05
N ILE B 94 -18.96 -19.44 -0.92
CA ILE B 94 -18.32 -19.58 0.38
C ILE B 94 -17.55 -20.89 0.46
N GLN B 95 -18.15 -21.96 -0.09
CA GLN B 95 -17.52 -23.27 -0.04
C GLN B 95 -16.35 -23.37 -1.02
N ASP B 96 -16.45 -22.66 -2.14
CA ASP B 96 -15.37 -22.71 -3.13
C ASP B 96 -14.15 -21.94 -2.64
N LEU B 97 -14.37 -20.92 -1.81
CA LEU B 97 -13.25 -20.20 -1.20
C LEU B 97 -12.61 -21.03 -0.10
N ILE B 98 -13.44 -21.54 0.81
CA ILE B 98 -12.95 -22.38 1.90
C ILE B 98 -12.14 -23.54 1.33
N ASN B 99 -12.70 -24.20 0.30
CA ASN B 99 -12.04 -25.39 -0.25
C ASN B 99 -10.72 -25.03 -0.91
N TYR B 100 -10.65 -23.89 -1.59
CA TYR B 100 -9.40 -23.45 -2.17
C TYR B 100 -8.36 -23.19 -1.07
N CYS B 101 -8.77 -22.46 -0.03
CA CYS B 101 -7.84 -22.16 1.05
C CYS B 101 -7.40 -23.41 1.79
N LEU B 102 -8.35 -24.30 2.12
CA LEU B 102 -7.99 -25.53 2.81
C LEU B 102 -6.96 -26.33 2.01
N SER B 103 -7.25 -26.54 0.73
CA SER B 103 -6.33 -27.31 -0.12
C SER B 103 -5.02 -26.58 -0.32
N TYR B 104 -5.05 -25.25 -0.34
CA TYR B 104 -3.81 -24.49 -0.45
C TYR B 104 -2.96 -24.65 0.79
N ILE B 105 -3.56 -24.42 1.97
CA ILE B 105 -2.81 -24.53 3.22
C ILE B 105 -2.25 -25.93 3.40
N ALA B 106 -2.90 -26.93 2.78
CA ALA B 106 -2.42 -28.31 2.90
C ALA B 106 -1.14 -28.56 2.13
N ASN B 107 -0.83 -27.72 1.16
CA ASN B 107 0.37 -27.88 0.35
C ASN B 107 1.48 -26.92 0.75
N ILE B 108 1.32 -26.20 1.85
CA ILE B 108 2.36 -25.31 2.36
C ILE B 108 3.21 -26.09 3.37
N LYS B 109 4.52 -26.11 3.15
CA LYS B 109 5.45 -26.81 4.04
C LYS B 109 5.88 -25.82 5.12
N LEU B 110 5.46 -26.07 6.36
CA LEU B 110 5.80 -25.23 7.48
C LEU B 110 6.59 -26.03 8.51
N PRO B 111 7.26 -25.36 9.45
CA PRO B 111 7.81 -26.09 10.60
C PRO B 111 6.73 -26.63 11.50
N LYS B 112 5.62 -25.90 11.64
CA LYS B 112 4.55 -26.30 12.54
C LYS B 112 3.20 -25.87 11.96
N LYS B 113 2.21 -26.73 12.12
CA LYS B 113 0.82 -26.40 11.83
C LYS B 113 -0.02 -26.79 13.02
N ARG B 114 -1.09 -26.03 13.27
CA ARG B 114 -1.92 -26.27 14.45
C ARG B 114 -3.39 -26.36 14.05
N GLY B 115 -4.18 -25.35 14.39
CA GLY B 115 -5.62 -25.47 14.21
C GLY B 115 -6.31 -24.13 14.00
N THR B 116 -7.58 -24.22 13.61
CA THR B 116 -8.39 -23.07 13.26
C THR B 116 -7.75 -22.32 12.09
N PHE B 117 -7.47 -23.05 11.01
CA PHE B 117 -6.90 -22.46 9.82
C PHE B 117 -7.88 -21.53 9.13
N ILE B 118 -9.18 -21.74 9.32
CA ILE B 118 -10.22 -20.93 8.68
C ILE B 118 -11.21 -20.54 9.77
N GLU B 119 -11.16 -19.29 10.20
CA GLU B 119 -12.11 -18.76 11.17
C GLU B 119 -13.23 -18.07 10.40
N PHE B 120 -14.45 -18.57 10.58
CA PHE B 120 -15.61 -18.00 9.89
C PHE B 120 -16.25 -16.92 10.76
N ARG B 121 -16.41 -15.74 10.18
CA ARG B 121 -17.10 -14.62 10.83
C ARG B 121 -18.14 -14.11 9.85
N ASN B 122 -19.14 -13.40 10.38
CA ASN B 122 -20.24 -12.98 9.53
C ASN B 122 -19.84 -11.89 8.54
N GLY B 123 -18.70 -11.23 8.74
CA GLY B 123 -18.27 -10.20 7.83
C GLY B 123 -16.95 -10.47 7.16
N MET B 124 -16.28 -11.56 7.55
CA MET B 124 -14.97 -11.86 7.00
C MET B 124 -14.56 -13.29 7.34
N LEU B 125 -13.72 -13.85 6.48
CA LEU B 125 -13.02 -15.10 6.76
C LEU B 125 -11.59 -14.75 7.15
N ASN B 126 -11.09 -15.36 8.22
CA ASN B 126 -9.72 -15.15 8.69
C ASN B 126 -8.95 -16.44 8.40
N VAL B 127 -8.11 -16.39 7.38
CA VAL B 127 -7.35 -17.56 6.91
C VAL B 127 -5.93 -17.44 7.42
N SER B 128 -5.44 -18.51 8.06
CA SER B 128 -4.08 -18.57 8.59
C SER B 128 -3.43 -19.87 8.14
N PRO B 129 -2.24 -19.81 7.54
CA PRO B 129 -1.55 -21.06 7.16
C PRO B 129 -1.06 -21.87 8.33
N ILE B 130 -0.84 -21.26 9.50
CA ILE B 130 -0.37 -21.99 10.67
C ILE B 130 -1.53 -22.35 11.59
N GLY B 131 -2.54 -21.50 11.68
CA GLY B 131 -3.66 -21.74 12.55
C GLY B 131 -3.72 -20.73 13.68
N ARG B 132 -4.90 -20.14 13.90
CA ARG B 132 -5.04 -19.08 14.89
C ARG B 132 -4.96 -19.59 16.32
N SER B 133 -4.72 -20.88 16.54
CA SER B 133 -4.57 -21.44 17.87
C SER B 133 -3.12 -21.69 18.23
N CYS B 134 -2.18 -21.10 17.48
CA CYS B 134 -0.77 -21.30 17.75
C CYS B 134 -0.31 -20.48 18.95
N SER B 135 0.70 -20.98 19.65
CA SER B 135 1.28 -20.25 20.76
C SER B 135 1.82 -18.91 20.31
N GLN B 136 2.34 -18.11 21.25
CA GLN B 136 2.98 -16.85 20.85
C GLN B 136 4.35 -17.11 20.24
N GLU B 137 5.11 -18.06 20.78
CA GLU B 137 6.38 -18.44 20.17
C GLU B 137 6.16 -18.94 18.75
N GLU B 138 5.16 -19.80 18.57
CA GLU B 138 4.88 -20.34 17.24
C GLU B 138 4.38 -19.26 16.30
N ARG B 139 3.64 -18.28 16.83
CA ARG B 139 3.21 -17.15 16.01
C ARG B 139 4.41 -16.38 15.48
N ILE B 140 5.37 -16.09 16.35
CA ILE B 140 6.56 -15.35 15.94
C ILE B 140 7.33 -16.14 14.88
N GLU B 141 7.56 -17.43 15.16
CA GLU B 141 8.26 -18.28 14.21
C GLU B 141 7.69 -18.13 12.80
N PHE B 142 6.35 -18.11 12.69
CA PHE B 142 5.73 -17.98 11.38
C PHE B 142 5.95 -16.58 10.81
N TYR B 143 5.78 -15.55 11.62
CA TYR B 143 5.94 -14.18 11.14
C TYR B 143 7.34 -13.96 10.57
N GLU B 144 8.38 -14.27 11.36
CA GLU B 144 9.74 -14.11 10.89
C GLU B 144 9.97 -14.88 9.59
N LEU B 145 9.59 -16.16 9.56
CA LEU B 145 9.77 -16.95 8.35
C LEU B 145 8.93 -16.38 7.21
N ASP B 146 7.75 -15.86 7.52
CA ASP B 146 6.92 -15.24 6.48
C ASP B 146 7.63 -14.05 5.84
N LYS B 147 8.33 -13.25 6.66
CA LYS B 147 8.99 -12.07 6.12
C LYS B 147 10.04 -12.46 5.08
N LYS B 148 10.73 -13.58 5.30
CA LYS B 148 11.78 -14.01 4.37
C LYS B 148 11.20 -14.79 3.19
N GLU B 149 10.29 -15.73 3.46
CA GLU B 149 9.76 -16.60 2.40
C GLU B 149 8.55 -16.02 1.69
N HIS B 150 7.85 -15.06 2.30
CA HIS B 150 6.72 -14.38 1.66
C HIS B 150 5.61 -15.37 1.29
N ILE B 151 5.26 -16.24 2.23
CA ILE B 151 4.24 -17.25 1.97
C ILE B 151 2.85 -16.63 1.89
N ARG B 152 2.53 -15.78 2.86
CA ARG B 152 1.22 -15.12 2.86
C ARG B 152 1.04 -14.25 1.62
N GLN B 153 2.11 -13.58 1.17
CA GLN B 153 2.01 -12.73 -0.01
C GLN B 153 1.73 -13.56 -1.26
N LYS B 154 2.42 -14.68 -1.43
CA LYS B 154 2.13 -15.56 -2.56
C LYS B 154 0.69 -16.09 -2.49
N PHE B 155 0.20 -16.38 -1.27
CA PHE B 155 -1.17 -16.88 -1.10
C PHE B 155 -2.19 -15.81 -1.46
N VAL B 156 -1.91 -14.55 -1.12
CA VAL B 156 -2.83 -13.47 -1.50
C VAL B 156 -2.87 -13.33 -3.01
N ALA B 157 -1.73 -13.41 -3.67
CA ALA B 157 -1.71 -13.26 -5.13
C ALA B 157 -2.55 -14.35 -5.79
N ASP B 158 -2.33 -15.60 -5.41
CA ASP B 158 -3.09 -16.70 -5.99
C ASP B 158 -4.58 -16.56 -5.69
N LEU B 159 -4.94 -16.01 -4.53
CA LEU B 159 -6.34 -15.82 -4.20
C LEU B 159 -6.99 -14.81 -5.13
N ARG B 160 -6.31 -13.68 -5.38
CA ARG B 160 -6.87 -12.66 -6.26
C ARG B 160 -7.02 -13.16 -7.69
N LYS B 161 -6.13 -14.05 -8.13
CA LYS B 161 -6.24 -14.60 -9.47
C LYS B 161 -7.32 -15.68 -9.53
N GLU B 162 -7.41 -16.52 -8.51
CA GLU B 162 -8.41 -17.59 -8.52
C GLU B 162 -9.81 -17.01 -8.49
N PHE B 163 -10.04 -16.02 -7.64
CA PHE B 163 -11.36 -15.44 -7.41
C PHE B 163 -11.44 -14.03 -7.97
N ALA B 164 -10.88 -13.84 -9.16
CA ALA B 164 -10.94 -12.54 -9.82
C ALA B 164 -12.37 -12.22 -10.23
N GLY B 165 -12.76 -10.97 -10.03
CA GLY B 165 -14.11 -10.55 -10.39
C GLY B 165 -15.20 -11.28 -9.64
N LYS B 166 -14.93 -11.67 -8.40
CA LYS B 166 -15.93 -12.32 -7.54
C LYS B 166 -16.39 -11.40 -6.43
N GLY B 167 -15.92 -10.15 -6.40
CA GLY B 167 -16.36 -9.19 -5.41
C GLY B 167 -15.70 -9.31 -4.07
N LEU B 168 -14.45 -9.78 -4.04
CA LEU B 168 -13.77 -10.10 -2.81
C LEU B 168 -12.48 -9.31 -2.70
N THR B 169 -12.08 -9.03 -1.47
CA THR B 169 -10.83 -8.34 -1.17
C THR B 169 -9.99 -9.24 -0.28
N PHE B 170 -8.73 -9.43 -0.66
CA PHE B 170 -7.77 -10.20 0.10
C PHE B 170 -6.66 -9.28 0.61
N SER B 171 -6.27 -9.45 1.87
CA SER B 171 -5.25 -8.62 2.48
C SER B 171 -4.48 -9.44 3.50
N ILE B 172 -3.24 -9.01 3.76
CA ILE B 172 -2.45 -9.61 4.83
C ILE B 172 -2.85 -8.96 6.14
N GLY B 173 -3.23 -9.77 7.11
CA GLY B 173 -3.72 -9.26 8.37
C GLY B 173 -2.92 -9.75 9.56
N GLY B 174 -2.13 -8.83 10.15
CA GLY B 174 -1.37 -9.19 11.34
C GLY B 174 -0.17 -10.05 11.00
N GLN B 175 0.16 -10.97 11.91
CA GLN B 175 1.38 -11.75 11.80
C GLN B 175 1.22 -13.12 11.17
N ILE B 176 0.00 -13.67 11.15
CA ILE B 176 -0.15 -15.06 10.72
C ILE B 176 -1.38 -15.30 9.86
N SER B 177 -2.21 -14.29 9.68
CA SER B 177 -3.51 -14.48 9.06
C SER B 177 -3.62 -13.73 7.73
N ILE B 178 -4.72 -13.99 7.04
CA ILE B 178 -5.05 -13.33 5.77
C ILE B 178 -6.55 -13.05 5.78
N ASP B 179 -6.94 -11.80 5.60
CA ASP B 179 -8.33 -11.40 5.70
C ASP B 179 -9.04 -11.53 4.35
N VAL B 180 -10.25 -12.07 4.39
CA VAL B 180 -11.08 -12.24 3.20
C VAL B 180 -12.45 -11.64 3.51
N PHE B 181 -12.89 -10.72 2.65
CA PHE B 181 -14.16 -10.04 2.88
C PHE B 181 -14.63 -9.45 1.57
N PRO B 182 -15.94 -9.35 1.36
CA PRO B 182 -16.44 -8.67 0.15
C PRO B 182 -15.92 -7.24 0.07
N GLU B 183 -15.91 -6.72 -1.15
CA GLU B 183 -15.39 -5.38 -1.39
C GLU B 183 -16.25 -4.35 -0.67
N GLY B 184 -15.60 -3.48 0.09
CA GLY B 184 -16.30 -2.44 0.80
C GLY B 184 -16.89 -2.85 2.12
N TRP B 185 -16.63 -4.06 2.59
CA TRP B 185 -17.13 -4.53 3.87
C TRP B 185 -16.21 -4.12 5.03
N ASP B 186 -15.30 -3.19 4.79
CA ASP B 186 -14.56 -2.53 5.86
C ASP B 186 -15.52 -1.60 6.60
N LYS B 187 -14.97 -0.72 7.44
CA LYS B 187 -15.82 0.19 8.21
C LYS B 187 -16.78 1.00 7.33
N ARG B 188 -16.49 1.15 6.04
CA ARG B 188 -17.34 1.93 5.16
C ARG B 188 -18.74 1.35 4.99
N TYR B 189 -18.95 0.08 5.36
CA TYR B 189 -20.28 -0.54 5.19
C TYR B 189 -21.32 0.13 6.09
N CYS B 190 -20.92 0.65 7.23
CA CYS B 190 -21.86 1.32 8.11
C CYS B 190 -22.45 2.58 7.48
N LEU B 191 -21.82 3.12 6.44
CA LEU B 191 -22.28 4.36 5.85
C LEU B 191 -23.54 4.19 5.01
N ARG B 192 -23.84 2.96 4.56
CA ARG B 192 -25.06 2.75 3.80
C ARG B 192 -26.32 2.89 4.65
N HIS B 193 -26.20 2.72 5.97
CA HIS B 193 -27.32 2.92 6.87
C HIS B 193 -27.58 4.39 7.21
N LEU B 194 -26.86 5.30 6.56
CA LEU B 194 -26.99 6.72 6.84
C LEU B 194 -27.26 7.55 5.58
N GLU B 195 -27.39 6.90 4.42
CA GLU B 195 -27.43 7.62 3.17
C GLU B 195 -28.65 8.53 3.08
N HIS B 196 -29.83 7.97 3.26
CA HIS B 196 -31.07 8.72 3.08
C HIS B 196 -31.50 9.48 4.33
N ALA B 197 -30.75 9.37 5.43
CA ALA B 197 -31.03 10.20 6.60
C ALA B 197 -30.63 11.65 6.39
N GLY B 198 -29.83 11.94 5.36
CA GLY B 198 -29.43 13.30 5.05
C GLY B 198 -28.85 14.04 6.23
N TYR B 199 -27.55 13.88 6.44
CA TYR B 199 -26.80 14.64 7.44
C TYR B 199 -25.90 15.63 6.72
N LYS B 200 -25.87 16.87 7.20
CA LYS B 200 -25.01 17.88 6.59
C LYS B 200 -23.56 17.40 6.56
N THR B 201 -23.07 16.88 7.69
CA THR B 201 -21.71 16.38 7.79
C THR B 201 -21.70 15.17 8.72
N ILE B 202 -21.02 14.11 8.29
CA ILE B 202 -20.77 12.95 9.12
C ILE B 202 -19.28 13.00 9.47
N TYR B 203 -18.98 13.40 10.70
CA TYR B 203 -17.60 13.42 11.18
C TYR B 203 -17.21 12.02 11.62
N PHE B 204 -16.22 11.43 10.96
CA PHE B 204 -15.69 10.15 11.40
C PHE B 204 -14.45 10.34 12.26
N PHE B 205 -14.24 9.43 13.21
CA PHE B 205 -13.12 9.50 14.13
C PHE B 205 -12.51 8.12 14.28
N GLY B 206 -11.19 8.03 14.09
CA GLY B 206 -10.50 6.76 14.15
C GLY B 206 -9.00 6.98 14.16
N ASP B 207 -8.28 5.90 14.48
CA ASP B 207 -6.83 5.96 14.63
C ASP B 207 -6.06 5.34 13.47
N LYS B 208 -6.61 4.33 12.79
CA LYS B 208 -5.91 3.66 11.70
C LYS B 208 -6.27 4.30 10.35
N THR B 209 -5.98 5.60 10.25
CA THR B 209 -6.15 6.30 8.99
C THR B 209 -5.03 5.98 8.00
N MET B 210 -3.96 5.34 8.45
CA MET B 210 -2.89 4.94 7.57
C MET B 210 -3.45 4.11 6.41
N PRO B 211 -3.04 4.38 5.16
CA PRO B 211 -3.43 3.48 4.06
C PRO B 211 -2.89 2.08 4.35
N GLY B 212 -3.80 1.12 4.51
CA GLY B 212 -3.50 -0.17 5.07
C GLY B 212 -4.12 -0.41 6.42
N GLY B 213 -4.78 0.59 7.00
CA GLY B 213 -5.46 0.45 8.27
C GLY B 213 -6.95 0.19 8.12
N ASN B 214 -7.60 -0.09 9.25
CA ASN B 214 -9.02 -0.40 9.26
C ASN B 214 -9.91 0.84 9.30
N ASP B 215 -9.32 2.05 9.28
CA ASP B 215 -10.10 3.28 9.14
C ASP B 215 -9.86 3.99 7.82
N HIS B 216 -8.72 3.74 7.17
CA HIS B 216 -8.33 4.50 5.98
C HIS B 216 -9.50 4.67 5.02
N GLU B 217 -10.23 3.61 4.73
CA GLU B 217 -11.27 3.70 3.71
C GLU B 217 -12.38 4.64 4.14
N ILE B 218 -12.82 4.56 5.40
CA ILE B 218 -13.88 5.44 5.87
C ILE B 218 -13.35 6.86 6.10
N PHE B 219 -12.07 6.97 6.46
CA PHE B 219 -11.45 8.28 6.66
C PHE B 219 -11.28 9.01 5.33
N THR B 220 -10.96 8.29 4.27
CA THR B 220 -10.80 8.88 2.94
C THR B 220 -12.08 8.87 2.13
N ASP B 221 -13.18 8.39 2.69
CA ASP B 221 -14.41 8.25 1.92
C ASP B 221 -15.07 9.62 1.76
N PRO B 222 -15.51 9.98 0.55
CA PRO B 222 -16.10 11.31 0.35
C PRO B 222 -17.17 11.68 1.36
N ARG B 223 -17.95 10.71 1.85
CA ARG B 223 -19.13 11.00 2.64
C ARG B 223 -18.81 11.36 4.09
N THR B 224 -17.54 11.38 4.48
CA THR B 224 -17.17 11.67 5.85
C THR B 224 -16.12 12.77 5.90
N VAL B 225 -16.09 13.48 7.02
CA VAL B 225 -15.03 14.44 7.32
C VAL B 225 -14.14 13.74 8.33
N GLY B 226 -13.10 13.08 7.83
CA GLY B 226 -12.23 12.31 8.69
C GLY B 226 -11.41 13.18 9.62
N TYR B 227 -11.14 12.65 10.80
CA TYR B 227 -10.28 13.28 11.79
C TYR B 227 -9.51 12.18 12.50
N THR B 228 -8.18 12.20 12.38
CA THR B 228 -7.35 11.19 13.03
C THR B 228 -7.17 11.52 14.50
N VAL B 229 -7.25 10.49 15.34
CA VAL B 229 -7.13 10.61 16.78
C VAL B 229 -6.03 9.65 17.25
N THR B 230 -5.17 10.14 18.16
CA THR B 230 -4.10 9.30 18.69
C THR B 230 -4.58 8.46 19.87
N ALA B 231 -5.43 9.02 20.72
CA ALA B 231 -5.96 8.32 21.88
C ALA B 231 -7.28 8.97 22.28
N PRO B 232 -8.11 8.26 22.99
CA PRO B 232 -9.43 8.78 23.42
C PRO B 232 -9.37 10.20 23.94
N GLU B 233 -8.29 10.54 24.65
CA GLU B 233 -8.13 11.92 25.10
C GLU B 233 -8.10 12.88 23.91
N ASP B 234 -7.38 12.51 22.85
CA ASP B 234 -7.38 13.29 21.62
C ASP B 234 -8.77 13.35 21.00
N THR B 235 -9.47 12.21 20.97
CA THR B 235 -10.79 12.16 20.36
C THR B 235 -11.73 13.18 20.98
N ARG B 236 -11.77 13.25 22.31
CA ARG B 236 -12.68 14.19 22.96
C ARG B 236 -12.25 15.63 22.69
N ARG B 237 -10.96 15.87 22.52
CA ARG B 237 -10.47 17.22 22.24
C ARG B 237 -11.07 17.76 20.95
N ILE B 238 -10.86 17.05 19.84
CA ILE B 238 -11.35 17.52 18.55
C ILE B 238 -12.84 17.80 18.62
N CYS B 239 -13.59 16.92 19.27
CA CYS B 239 -15.04 17.10 19.36
C CYS B 239 -15.41 18.32 20.19
N GLU B 240 -14.57 18.69 21.15
CA GLU B 240 -14.84 19.88 21.95
C GLU B 240 -14.88 21.13 21.08
N GLY B 241 -13.96 21.22 20.11
CA GLY B 241 -13.96 22.37 19.23
C GLY B 241 -15.08 22.33 18.21
N LEU B 242 -15.22 21.18 17.52
CA LEU B 242 -16.24 21.07 16.48
C LEU B 242 -17.62 21.44 17.01
N PHE B 243 -17.89 21.10 18.26
CA PHE B 243 -19.21 21.29 18.88
C PHE B 243 -19.01 21.90 20.25
N PRO B 244 -18.80 23.23 20.31
CA PRO B 244 -18.53 23.95 21.56
C PRO B 244 -19.79 24.33 22.32
N ALA C 4 51.41 -26.36 20.55
CA ALA C 4 50.46 -27.46 20.42
C ALA C 4 49.08 -27.05 20.96
N THR C 5 49.06 -25.94 21.70
CA THR C 5 47.83 -25.41 22.28
C THR C 5 47.88 -23.89 22.22
N LEU C 6 46.71 -23.27 22.02
CA LEU C 6 46.60 -21.82 21.99
C LEU C 6 45.46 -21.36 22.89
N CYS C 7 45.72 -20.28 23.63
CA CYS C 7 44.72 -19.62 24.47
C CYS C 7 44.45 -18.24 23.87
N LEU C 8 43.22 -18.03 23.39
CA LEU C 8 42.83 -16.77 22.78
C LEU C 8 41.93 -16.01 23.75
N PHE C 9 42.35 -14.80 24.11
CA PHE C 9 41.64 -13.99 25.09
C PHE C 9 40.99 -12.78 24.42
N ASP C 10 39.77 -12.47 24.82
CA ASP C 10 39.22 -11.15 24.59
C ASP C 10 39.94 -10.15 25.49
N MET C 11 39.83 -8.85 25.16
CA MET C 11 40.59 -7.85 25.89
C MET C 11 39.79 -7.20 27.00
N ASP C 12 38.77 -6.42 26.66
CA ASP C 12 38.03 -5.65 27.66
C ASP C 12 37.15 -6.59 28.48
N GLY C 13 37.51 -6.77 29.75
CA GLY C 13 36.77 -7.61 30.66
C GLY C 13 37.33 -9.00 30.83
N THR C 14 38.34 -9.37 30.05
CA THR C 14 38.95 -10.70 30.08
C THR C 14 40.42 -10.66 30.43
N LEU C 15 41.16 -9.70 29.86
CA LEU C 15 42.55 -9.45 30.21
C LEU C 15 42.75 -8.14 30.93
N THR C 16 41.86 -7.17 30.69
CA THR C 16 41.95 -5.84 31.28
C THR C 16 40.56 -5.43 31.77
N ALA C 17 40.53 -4.46 32.66
CA ALA C 17 39.25 -3.88 33.05
C ALA C 17 38.63 -3.18 31.84
N PRO C 18 37.29 -3.13 31.78
CA PRO C 18 36.64 -2.56 30.58
C PRO C 18 37.14 -1.17 30.25
N ARG C 19 37.91 -1.05 29.17
CA ARG C 19 38.41 0.21 28.61
C ARG C 19 39.70 0.64 29.31
N GLN C 20 40.23 -0.12 30.26
CA GLN C 20 41.39 0.26 31.04
C GLN C 20 42.61 -0.55 30.62
N LYS C 21 43.76 -0.14 31.14
CA LYS C 21 45.02 -0.79 30.81
C LYS C 21 45.22 -2.05 31.64
N ILE C 22 45.99 -3.00 31.10
CA ILE C 22 46.23 -4.26 31.79
C ILE C 22 47.10 -4.01 33.01
N THR C 23 46.81 -4.73 34.09
CA THR C 23 47.64 -4.62 35.29
C THR C 23 48.95 -5.37 35.09
N GLU C 24 49.93 -5.02 35.93
CA GLU C 24 51.24 -5.66 35.84
C GLU C 24 51.21 -7.09 36.32
N GLU C 25 50.21 -7.46 37.13
CA GLU C 25 50.06 -8.84 37.59
C GLU C 25 49.50 -9.72 36.47
N MET C 26 48.57 -9.18 35.68
CA MET C 26 48.04 -9.94 34.54
C MET C 26 49.02 -9.97 33.38
N ASP C 27 49.67 -8.83 33.11
CA ASP C 27 50.75 -8.81 32.12
C ASP C 27 51.81 -9.86 32.47
N GLY C 28 52.23 -9.89 33.73
CA GLY C 28 53.22 -10.87 34.14
C GLY C 28 52.70 -12.29 34.03
N PHE C 29 51.49 -12.53 34.53
CA PHE C 29 50.92 -13.87 34.44
C PHE C 29 50.92 -14.37 33.00
N LEU C 30 50.42 -13.54 32.09
CA LEU C 30 50.30 -13.97 30.69
C LEU C 30 51.67 -14.28 30.09
N GLN C 31 52.72 -13.58 30.55
CA GLN C 31 54.07 -13.90 30.09
C GLN C 31 54.59 -15.20 30.70
N LYS C 32 54.15 -15.53 31.93
CA LYS C 32 54.49 -16.82 32.51
C LYS C 32 53.70 -17.93 31.84
N LEU C 33 52.38 -17.74 31.71
CA LEU C 33 51.56 -18.70 30.97
C LEU C 33 52.07 -18.89 29.54
N ARG C 34 52.63 -17.83 28.94
CA ARG C 34 53.16 -17.94 27.59
C ARG C 34 54.30 -18.95 27.51
N GLN C 35 55.02 -19.16 28.62
CA GLN C 35 56.06 -20.16 28.65
C GLN C 35 55.50 -21.57 28.58
N LYS C 36 54.20 -21.75 28.86
CA LYS C 36 53.58 -23.06 28.84
C LYS C 36 52.67 -23.29 27.63
N THR C 37 52.19 -22.22 27.00
CA THR C 37 51.32 -22.35 25.84
C THR C 37 51.46 -21.12 24.96
N LYS C 38 50.83 -21.17 23.79
CA LYS C 38 50.70 -19.99 22.95
C LYS C 38 49.56 -19.12 23.46
N ILE C 39 49.77 -17.81 23.45
CA ILE C 39 48.76 -16.85 23.90
C ILE C 39 48.40 -15.95 22.74
N GLY C 40 47.12 -15.60 22.66
CA GLY C 40 46.65 -14.67 21.64
C GLY C 40 45.56 -13.78 22.20
N VAL C 41 45.48 -12.58 21.65
CA VAL C 41 44.48 -11.58 22.05
C VAL C 41 43.68 -11.15 20.84
N VAL C 42 42.39 -10.93 21.03
CA VAL C 42 41.50 -10.47 19.98
C VAL C 42 40.51 -9.47 20.56
N GLY C 43 40.16 -8.46 19.77
CA GLY C 43 39.21 -7.47 20.20
C GLY C 43 38.77 -6.61 19.03
N GLY C 44 37.63 -5.96 19.22
CA GLY C 44 37.09 -5.08 18.19
C GLY C 44 37.79 -3.76 18.05
N SER C 45 38.70 -3.44 18.96
CA SER C 45 39.40 -2.16 18.90
C SER C 45 40.57 -2.22 17.92
N ASP C 46 41.08 -1.05 17.57
CA ASP C 46 42.18 -0.96 16.61
C ASP C 46 43.52 -1.05 17.34
N PHE C 47 44.55 -1.40 16.57
CA PHE C 47 45.88 -1.66 17.11
C PHE C 47 46.34 -0.61 18.12
N GLU C 48 46.12 0.66 17.82
CA GLU C 48 46.60 1.71 18.71
C GLU C 48 45.92 1.64 20.07
N LYS C 49 44.63 1.29 20.09
CA LYS C 49 43.94 1.11 21.37
C LYS C 49 44.47 -0.11 22.11
N LEU C 50 44.85 -1.15 21.37
CA LEU C 50 45.46 -2.31 21.99
C LEU C 50 46.84 -1.98 22.55
N GLN C 51 47.56 -1.08 21.87
CA GLN C 51 48.85 -0.63 22.40
C GLN C 51 48.66 0.25 23.63
N GLU C 52 47.62 1.07 23.63
CA GLU C 52 47.30 1.87 24.81
C GLU C 52 47.04 0.98 26.02
N GLN C 53 46.19 -0.03 25.85
CA GLN C 53 45.72 -0.83 26.96
C GLN C 53 46.68 -1.96 27.31
N LEU C 54 47.12 -2.70 26.31
CA LEU C 54 47.97 -3.87 26.52
C LEU C 54 49.46 -3.55 26.38
N GLY C 55 49.81 -2.36 25.96
CA GLY C 55 51.21 -1.96 25.87
C GLY C 55 51.68 -1.81 24.44
N ASN C 56 52.50 -0.78 24.20
CA ASN C 56 52.98 -0.49 22.85
C ASN C 56 53.83 -1.62 22.28
N ASP C 57 54.28 -2.57 23.10
CA ASP C 57 55.03 -3.72 22.64
C ASP C 57 54.14 -4.95 22.46
N VAL C 58 52.85 -4.73 22.19
CA VAL C 58 51.89 -5.84 22.20
C VAL C 58 52.30 -6.93 21.21
N VAL C 59 52.74 -6.54 20.01
CA VAL C 59 53.06 -7.54 19.00
C VAL C 59 54.11 -8.52 19.51
N GLU C 60 54.95 -8.07 20.44
CA GLU C 60 55.99 -8.94 20.99
C GLU C 60 55.45 -9.80 22.13
N LYS C 61 54.57 -9.25 22.97
CA LYS C 61 54.14 -9.92 24.18
C LYS C 61 53.25 -11.13 23.88
N TYR C 62 52.44 -11.06 22.84
CA TYR C 62 51.54 -12.15 22.47
C TYR C 62 52.05 -12.83 21.19
N ASP C 63 51.71 -14.11 21.05
CA ASP C 63 52.04 -14.83 19.83
C ASP C 63 51.15 -14.37 18.68
N TYR C 64 49.84 -14.45 18.86
CA TYR C 64 48.87 -13.91 17.93
C TYR C 64 48.33 -12.59 18.48
N VAL C 65 48.07 -11.64 17.59
CA VAL C 65 47.42 -10.38 17.94
C VAL C 65 46.42 -10.07 16.84
N PHE C 66 45.14 -9.95 17.20
CA PHE C 66 44.05 -9.80 16.24
C PHE C 66 43.24 -8.55 16.54
N PRO C 67 43.76 -7.37 16.16
CA PRO C 67 42.94 -6.16 16.24
C PRO C 67 41.79 -6.20 15.25
N GLU C 68 40.73 -5.47 15.58
CA GLU C 68 39.57 -5.32 14.69
C GLU C 68 38.96 -6.68 14.35
N ASN C 69 38.80 -7.50 15.37
CA ASN C 69 38.14 -8.81 15.26
C ASN C 69 38.87 -9.75 14.31
N GLY C 70 40.11 -9.47 13.97
CA GLY C 70 40.92 -10.35 13.16
C GLY C 70 41.25 -9.84 11.77
N LEU C 71 40.61 -8.78 11.31
CA LEU C 71 40.90 -8.26 9.97
C LEU C 71 42.32 -7.71 9.90
N VAL C 72 42.87 -7.25 11.03
CA VAL C 72 44.30 -7.00 11.18
C VAL C 72 44.84 -8.12 12.06
N ALA C 73 45.84 -8.84 11.56
CA ALA C 73 46.32 -10.06 12.23
C ALA C 73 47.83 -10.08 12.26
N TYR C 74 48.40 -10.18 13.45
CA TYR C 74 49.83 -10.34 13.66
C TYR C 74 50.13 -11.75 14.18
N LYS C 75 51.33 -12.24 13.89
CA LYS C 75 51.79 -13.53 14.40
C LYS C 75 53.30 -13.45 14.57
N ASP C 76 53.77 -13.73 15.78
CA ASP C 76 55.21 -13.80 16.04
C ASP C 76 55.92 -12.52 15.59
N GLY C 77 55.30 -11.38 15.88
CA GLY C 77 55.87 -10.09 15.55
C GLY C 77 55.66 -9.61 14.13
N LYS C 78 54.99 -10.39 13.29
CA LYS C 78 54.83 -10.09 11.88
C LYS C 78 53.36 -9.89 11.53
N LEU C 79 53.12 -9.34 10.34
CA LEU C 79 51.76 -9.14 9.83
C LEU C 79 51.39 -10.23 8.84
N LEU C 80 50.13 -10.62 8.86
CA LEU C 80 49.61 -11.71 8.03
C LEU C 80 48.64 -11.15 7.01
N CYS C 81 47.47 -11.76 6.78
CA CYS C 81 46.51 -11.24 5.84
C CYS C 81 46.07 -9.84 6.27
N LYS C 82 45.77 -9.01 5.26
CA LYS C 82 45.38 -7.62 5.46
C LYS C 82 44.16 -7.33 4.56
N GLN C 83 42.98 -7.71 5.04
CA GLN C 83 41.72 -7.44 4.36
C GLN C 83 41.09 -6.19 4.94
N ASN C 84 40.29 -5.52 4.10
CA ASN C 84 39.59 -4.31 4.52
C ASN C 84 38.20 -4.30 3.91
N ILE C 85 37.37 -3.39 4.41
CA ILE C 85 35.97 -3.31 4.00
C ILE C 85 35.86 -2.95 2.52
N GLN C 86 36.75 -2.07 2.03
CA GLN C 86 36.64 -1.64 0.64
C GLN C 86 37.05 -2.74 -0.33
N GLY C 87 37.92 -3.66 0.10
CA GLY C 87 38.32 -4.76 -0.77
C GLY C 87 37.30 -5.88 -0.83
N HIS C 88 36.38 -5.93 0.11
CA HIS C 88 35.37 -6.98 0.18
C HIS C 88 34.03 -6.54 -0.36
N LEU C 89 33.74 -5.24 -0.34
CA LEU C 89 32.47 -4.69 -0.77
C LEU C 89 32.57 -3.88 -2.05
N GLY C 90 33.73 -3.32 -2.35
CA GLY C 90 33.86 -2.45 -3.50
C GLY C 90 33.58 -1.00 -3.15
N GLU C 91 34.28 -0.10 -3.83
CA GLU C 91 34.14 1.32 -3.53
C GLU C 91 32.74 1.85 -3.86
N ASP C 92 31.95 1.11 -4.65
CA ASP C 92 30.60 1.57 -4.97
C ASP C 92 29.66 1.38 -3.79
N VAL C 93 29.65 0.19 -3.18
CA VAL C 93 28.82 -0.04 -2.00
C VAL C 93 29.27 0.87 -0.87
N ILE C 94 30.58 1.07 -0.74
CA ILE C 94 31.10 1.92 0.35
C ILE C 94 30.58 3.34 0.20
N GLN C 95 30.67 3.90 -1.01
CA GLN C 95 30.22 5.27 -1.20
C GLN C 95 28.70 5.37 -1.12
N ASP C 96 28.00 4.29 -1.47
CA ASP C 96 26.55 4.26 -1.28
C ASP C 96 26.22 4.41 0.20
N LEU C 97 26.82 3.56 1.04
CA LEU C 97 26.58 3.64 2.47
C LEU C 97 26.93 5.01 3.03
N ILE C 98 28.13 5.51 2.71
CA ILE C 98 28.57 6.78 3.26
C ILE C 98 27.63 7.90 2.84
N ASN C 99 27.23 7.91 1.56
CA ASN C 99 26.41 9.01 1.08
C ASN C 99 25.03 8.97 1.70
N TYR C 100 24.44 7.77 1.83
CA TYR C 100 23.16 7.67 2.51
C TYR C 100 23.30 8.12 3.96
N CYS C 101 24.36 7.69 4.63
CA CYS C 101 24.52 8.02 6.05
C CYS C 101 24.78 9.51 6.24
N LEU C 102 25.56 10.12 5.34
CA LEU C 102 25.81 11.55 5.45
C LEU C 102 24.52 12.34 5.26
N SER C 103 23.67 11.90 4.33
CA SER C 103 22.42 12.60 4.08
C SER C 103 21.45 12.44 5.25
N TYR C 104 21.28 11.20 5.73
CA TYR C 104 20.39 10.94 6.84
C TYR C 104 20.75 11.81 8.04
N ILE C 105 22.04 11.87 8.37
CA ILE C 105 22.48 12.63 9.54
C ILE C 105 22.19 14.10 9.34
N ALA C 106 22.27 14.59 8.10
CA ALA C 106 22.06 16.00 7.87
C ALA C 106 20.64 16.43 8.21
N ASN C 107 19.67 15.50 8.11
CA ASN C 107 18.27 15.80 8.33
C ASN C 107 17.74 15.30 9.67
N ILE C 108 18.59 14.77 10.54
CA ILE C 108 18.19 14.47 11.90
C ILE C 108 18.26 15.76 12.71
N LYS C 109 17.16 16.11 13.37
CA LYS C 109 17.14 17.23 14.30
C LYS C 109 17.83 16.80 15.60
N LEU C 110 19.04 17.27 15.81
CA LEU C 110 19.80 17.01 17.01
C LEU C 110 20.14 18.32 17.70
N PRO C 111 20.22 18.34 19.03
CA PRO C 111 20.54 19.60 19.72
C PRO C 111 21.99 20.02 19.51
N LYS C 112 22.88 19.08 19.25
CA LYS C 112 24.29 19.37 19.00
C LYS C 112 24.82 18.43 17.93
N LYS C 113 25.64 18.97 17.04
CA LYS C 113 26.28 18.19 15.99
C LYS C 113 27.71 18.68 15.85
N ARG C 114 28.67 17.76 15.88
CA ARG C 114 30.07 18.16 15.88
C ARG C 114 30.81 17.66 14.65
N GLY C 115 31.72 16.69 14.81
CA GLY C 115 32.53 16.23 13.70
C GLY C 115 32.83 14.75 13.80
N THR C 116 33.28 14.18 12.67
CA THR C 116 33.58 12.76 12.56
C THR C 116 32.30 11.94 12.71
N PHE C 117 31.33 12.22 11.85
CA PHE C 117 30.11 11.44 11.82
C PHE C 117 30.32 10.09 11.18
N ILE C 118 31.41 9.91 10.43
CA ILE C 118 31.75 8.63 9.82
C ILE C 118 33.22 8.37 10.04
N GLU C 119 33.55 7.27 10.71
CA GLU C 119 34.93 6.86 10.94
C GLU C 119 35.19 5.61 10.11
N PHE C 120 36.15 5.71 9.19
CA PHE C 120 36.47 4.63 8.28
C PHE C 120 37.52 3.73 8.92
N ARG C 121 37.13 2.53 9.32
CA ARG C 121 38.02 1.54 9.88
CA ARG C 121 38.03 1.54 9.89
C ARG C 121 38.24 0.40 8.90
N ASN C 122 39.14 -0.51 9.25
CA ASN C 122 39.45 -1.64 8.37
C ASN C 122 38.29 -2.63 8.30
N GLY C 123 37.63 -2.88 9.43
CA GLY C 123 36.58 -3.86 9.49
C GLY C 123 35.18 -3.34 9.68
N MET C 124 34.95 -2.03 9.59
CA MET C 124 33.62 -1.48 9.82
C MET C 124 33.65 0.01 9.51
N LEU C 125 32.46 0.58 9.39
CA LEU C 125 32.24 2.02 9.40
C LEU C 125 31.54 2.35 10.72
N ASN C 126 32.10 3.30 11.47
CA ASN C 126 31.53 3.71 12.75
C ASN C 126 30.75 5.01 12.53
N VAL C 127 29.42 4.92 12.56
CA VAL C 127 28.54 6.02 12.20
C VAL C 127 27.94 6.60 13.48
N SER C 128 27.96 7.94 13.60
CA SER C 128 27.48 8.61 14.79
C SER C 128 26.68 9.85 14.43
N PRO C 129 25.41 9.95 14.82
CA PRO C 129 24.63 11.14 14.47
C PRO C 129 25.18 12.44 15.03
N ILE C 130 25.92 12.39 16.14
CA ILE C 130 26.42 13.62 16.77
C ILE C 130 27.86 13.86 16.37
N GLY C 131 28.59 12.78 16.03
CA GLY C 131 29.99 12.91 15.67
C GLY C 131 30.92 12.41 16.75
N ARG C 132 31.83 11.49 16.40
CA ARG C 132 32.65 10.83 17.40
C ARG C 132 33.55 11.80 18.16
N SER C 133 33.74 13.02 17.65
CA SER C 133 34.66 13.98 18.23
C SER C 133 34.04 14.83 19.33
N CYS C 134 32.82 14.52 19.76
CA CYS C 134 32.15 15.31 20.79
C CYS C 134 32.74 15.00 22.16
N SER C 135 32.53 15.93 23.09
CA SER C 135 33.12 15.82 24.41
C SER C 135 32.41 14.74 25.22
N GLN C 136 33.07 14.30 26.29
CA GLN C 136 32.49 13.29 27.16
C GLN C 136 31.12 13.72 27.66
N GLU C 137 30.99 14.97 28.10
CA GLU C 137 29.68 15.46 28.52
C GLU C 137 28.67 15.36 27.38
N GLU C 138 29.10 15.70 26.16
CA GLU C 138 28.20 15.67 25.02
C GLU C 138 27.84 14.25 24.60
N ARG C 139 28.73 13.28 24.87
CA ARG C 139 28.40 11.89 24.61
C ARG C 139 27.30 11.41 25.55
N ILE C 140 27.39 11.78 26.82
CA ILE C 140 26.36 11.41 27.79
C ILE C 140 25.03 12.06 27.43
N GLU C 141 25.08 13.32 26.98
CA GLU C 141 23.85 14.03 26.64
C GLU C 141 23.17 13.41 25.44
N PHE C 142 23.93 12.90 24.47
CA PHE C 142 23.32 12.26 23.33
C PHE C 142 22.79 10.88 23.69
N TYR C 143 23.41 10.20 24.64
CA TYR C 143 22.93 8.90 25.08
C TYR C 143 21.62 9.03 25.85
N GLU C 144 21.45 10.12 26.60
CA GLU C 144 20.16 10.37 27.25
C GLU C 144 19.11 10.72 26.21
N LEU C 145 19.44 11.61 25.26
CA LEU C 145 18.50 11.95 24.21
C LEU C 145 18.12 10.70 23.41
N ASP C 146 19.11 9.88 23.06
CA ASP C 146 18.82 8.69 22.27
C ASP C 146 17.95 7.70 23.05
N LYS C 147 18.05 7.72 24.38
CA LYS C 147 17.25 6.83 25.20
C LYS C 147 15.81 7.30 25.33
N LYS C 148 15.54 8.57 25.02
CA LYS C 148 14.19 9.12 25.08
C LYS C 148 13.55 9.23 23.71
N GLU C 149 14.32 9.59 22.68
CA GLU C 149 13.79 9.77 21.34
C GLU C 149 14.12 8.60 20.40
N HIS C 150 15.07 7.74 20.77
CA HIS C 150 15.41 6.56 19.97
C HIS C 150 15.88 6.95 18.58
N ILE C 151 16.79 7.94 18.54
CA ILE C 151 17.32 8.40 17.26
C ILE C 151 18.05 7.27 16.56
N ARG C 152 18.91 6.55 17.28
CA ARG C 152 19.75 5.54 16.63
C ARG C 152 18.92 4.36 16.16
N GLN C 153 17.80 4.05 16.83
CA GLN C 153 16.98 2.92 16.43
C GLN C 153 16.27 3.18 15.10
N LYS C 154 15.75 4.40 14.92
CA LYS C 154 15.13 4.75 13.64
C LYS C 154 16.15 4.68 12.52
N PHE C 155 17.39 5.08 12.79
CA PHE C 155 18.44 5.11 11.77
C PHE C 155 18.84 3.68 11.37
N VAL C 156 19.14 2.84 12.37
CA VAL C 156 19.47 1.45 12.07
C VAL C 156 18.32 0.77 11.33
N ALA C 157 17.08 1.12 11.69
CA ALA C 157 15.95 0.50 11.01
C ALA C 157 15.89 0.94 9.55
N ASP C 158 16.12 2.23 9.30
CA ASP C 158 16.12 2.70 7.91
C ASP C 158 17.27 2.09 7.13
N LEU C 159 18.44 1.93 7.76
CA LEU C 159 19.59 1.37 7.06
C LEU C 159 19.37 -0.10 6.70
N ARG C 160 18.77 -0.87 7.61
CA ARG C 160 18.51 -2.28 7.32
C ARG C 160 17.57 -2.44 6.14
N LYS C 161 16.73 -1.42 5.89
CA LYS C 161 15.77 -1.45 4.78
C LYS C 161 16.42 -1.02 3.47
N GLU C 162 17.16 0.10 3.50
CA GLU C 162 17.76 0.63 2.28
C GLU C 162 18.81 -0.32 1.72
N PHE C 163 19.64 -0.90 2.59
CA PHE C 163 20.78 -1.73 2.18
C PHE C 163 20.51 -3.21 2.43
N ALA C 164 19.25 -3.62 2.26
CA ALA C 164 18.90 -5.03 2.42
C ALA C 164 19.47 -5.85 1.27
N GLY C 165 19.79 -7.10 1.58
CA GLY C 165 20.40 -8.00 0.62
C GLY C 165 21.83 -7.70 0.26
N LYS C 166 22.38 -6.59 0.75
CA LYS C 166 23.73 -6.16 0.41
C LYS C 166 24.80 -6.82 1.26
N GLY C 167 24.42 -7.72 2.16
CA GLY C 167 25.40 -8.47 2.94
C GLY C 167 26.05 -7.71 4.06
N LEU C 168 25.29 -6.83 4.72
CA LEU C 168 25.82 -5.95 5.75
C LEU C 168 25.07 -6.17 7.06
N THR C 169 25.77 -5.95 8.17
CA THR C 169 25.17 -6.01 9.50
C THR C 169 25.24 -4.62 10.13
N PHE C 170 24.11 -4.15 10.64
CA PHE C 170 24.00 -2.86 11.31
C PHE C 170 23.68 -3.11 12.77
N SER C 171 24.44 -2.49 13.67
CA SER C 171 24.33 -2.78 15.10
C SER C 171 24.57 -1.51 15.90
N ILE C 172 23.61 -1.17 16.75
CA ILE C 172 23.83 -0.08 17.70
C ILE C 172 24.90 -0.50 18.69
N GLY C 173 25.71 0.46 19.12
CA GLY C 173 26.78 0.16 20.04
C GLY C 173 27.35 1.39 20.70
N GLY C 174 27.71 1.26 21.98
CA GLY C 174 28.28 2.38 22.69
C GLY C 174 27.23 3.45 23.00
N GLN C 175 27.72 4.65 23.18
CA GLN C 175 26.86 5.76 23.59
C GLN C 175 26.33 6.58 22.42
N ILE C 176 27.00 6.58 21.27
CA ILE C 176 26.70 7.56 20.24
C ILE C 176 26.79 7.01 18.82
N SER C 177 27.27 5.78 18.66
CA SER C 177 27.66 5.31 17.34
C SER C 177 26.83 4.10 16.91
N ILE C 178 26.93 3.80 15.62
CA ILE C 178 26.35 2.60 15.03
C ILE C 178 27.42 1.91 14.20
N ASP C 179 27.50 0.58 14.33
CA ASP C 179 28.51 -0.19 13.61
C ASP C 179 27.92 -0.72 12.31
N VAL C 180 28.68 -0.58 11.23
CA VAL C 180 28.31 -1.11 9.91
C VAL C 180 29.46 -2.01 9.48
N PHE C 181 29.21 -3.31 9.41
CA PHE C 181 30.26 -4.25 9.06
C PHE C 181 29.73 -5.36 8.18
N PRO C 182 30.59 -5.98 7.36
CA PRO C 182 30.14 -7.11 6.55
C PRO C 182 29.74 -8.29 7.41
N GLU C 183 28.69 -8.99 6.99
CA GLU C 183 28.17 -10.10 7.78
C GLU C 183 29.27 -11.12 8.07
N GLY C 184 29.39 -11.50 9.33
CA GLY C 184 30.40 -12.45 9.74
C GLY C 184 31.73 -11.85 10.14
N TRP C 185 31.86 -10.53 10.10
CA TRP C 185 33.10 -9.87 10.51
C TRP C 185 33.10 -9.54 12.00
N ASP C 186 32.76 -10.55 12.81
CA ASP C 186 32.80 -10.49 14.25
C ASP C 186 34.06 -11.20 14.72
N LYS C 187 34.15 -11.49 16.03
CA LYS C 187 35.37 -12.06 16.58
C LYS C 187 35.73 -13.39 15.91
N ARG C 188 34.74 -14.10 15.36
CA ARG C 188 35.03 -15.36 14.69
C ARG C 188 35.94 -15.16 13.48
N TYR C 189 35.99 -13.95 12.93
CA TYR C 189 36.79 -13.72 11.73
C TYR C 189 38.24 -14.10 11.96
N CYS C 190 38.75 -13.87 13.18
CA CYS C 190 40.14 -14.22 13.48
C CYS C 190 40.37 -15.73 13.47
N LEU C 191 39.31 -16.54 13.46
CA LEU C 191 39.47 -17.99 13.45
C LEU C 191 39.92 -18.51 12.08
N ARG C 192 39.79 -17.71 11.03
CA ARG C 192 40.29 -18.12 9.72
C ARG C 192 41.81 -18.01 9.64
N HIS C 193 42.41 -17.13 10.45
CA HIS C 193 43.86 -17.11 10.58
C HIS C 193 44.39 -18.29 11.38
N LEU C 194 43.49 -19.09 11.97
CA LEU C 194 43.85 -20.31 12.70
C LEU C 194 43.20 -21.54 12.08
N GLU C 195 42.53 -21.37 10.93
CA GLU C 195 41.77 -22.46 10.32
C GLU C 195 42.55 -23.76 10.29
N HIS C 196 43.78 -23.73 9.77
CA HIS C 196 44.57 -24.94 9.56
C HIS C 196 46.00 -24.74 10.04
N ALA C 197 46.17 -24.03 11.15
CA ALA C 197 47.49 -23.88 11.75
C ALA C 197 47.92 -25.12 12.54
N GLY C 198 47.02 -26.08 12.73
CA GLY C 198 47.35 -27.28 13.47
C GLY C 198 47.49 -27.00 14.96
N TYR C 199 46.36 -26.82 15.64
CA TYR C 199 46.33 -26.58 17.08
C TYR C 199 45.34 -27.56 17.69
N LYS C 200 45.81 -28.39 18.62
CA LYS C 200 44.95 -29.41 19.20
C LYS C 200 43.70 -28.78 19.81
N THR C 201 43.88 -27.72 20.57
CA THR C 201 42.78 -27.03 21.22
C THR C 201 43.03 -25.53 21.19
N ILE C 202 42.01 -24.77 20.81
CA ILE C 202 42.06 -23.31 20.87
C ILE C 202 41.10 -22.89 21.98
N TYR C 203 41.64 -22.70 23.18
CA TYR C 203 40.83 -22.20 24.29
C TYR C 203 40.50 -20.74 24.03
N PHE C 204 39.21 -20.39 24.12
CA PHE C 204 38.78 -19.01 24.03
C PHE C 204 38.23 -18.54 25.37
N PHE C 205 38.53 -17.29 25.72
CA PHE C 205 38.05 -16.67 26.94
C PHE C 205 37.38 -15.35 26.60
N GLY C 206 36.14 -15.19 27.06
CA GLY C 206 35.42 -13.95 26.84
C GLY C 206 34.50 -13.65 28.01
N ASP C 207 34.16 -12.38 28.16
CA ASP C 207 33.27 -11.97 29.23
C ASP C 207 31.83 -11.78 28.78
N LYS C 208 31.61 -11.41 27.52
CA LYS C 208 30.26 -11.22 26.99
C LYS C 208 29.97 -12.37 26.03
N THR C 209 29.69 -13.54 26.59
CA THR C 209 29.48 -14.75 25.82
C THR C 209 28.00 -15.11 25.67
N MET C 210 27.10 -14.37 26.30
CA MET C 210 25.67 -14.59 26.12
C MET C 210 25.20 -13.89 24.87
N PRO C 211 24.07 -14.34 24.29
CA PRO C 211 23.52 -13.66 23.11
C PRO C 211 23.55 -12.14 23.19
N GLY C 212 23.98 -11.50 22.09
CA GLY C 212 24.12 -10.07 22.05
C GLY C 212 25.49 -9.54 22.42
N GLY C 213 26.35 -10.36 23.02
CA GLY C 213 27.69 -9.94 23.37
C GLY C 213 28.68 -10.20 22.25
N ASN C 214 29.77 -9.42 22.28
CA ASN C 214 30.77 -9.51 21.20
C ASN C 214 31.59 -10.78 21.25
N ASP C 215 31.38 -11.65 22.24
CA ASP C 215 32.10 -12.92 22.31
C ASP C 215 31.19 -14.13 22.11
N HIS C 216 29.89 -13.92 21.88
CA HIS C 216 28.97 -15.04 21.80
C HIS C 216 29.25 -15.91 20.59
N GLU C 217 29.51 -15.30 19.43
CA GLU C 217 29.67 -16.06 18.20
C GLU C 217 30.94 -16.92 18.25
N ILE C 218 32.07 -16.31 18.61
CA ILE C 218 33.32 -17.07 18.68
C ILE C 218 33.23 -18.14 19.77
N PHE C 219 32.61 -17.81 20.90
CA PHE C 219 32.37 -18.81 21.93
C PHE C 219 31.48 -19.93 21.40
N THR C 220 30.31 -19.57 20.86
CA THR C 220 29.40 -20.55 20.28
C THR C 220 30.05 -21.37 19.19
N ASP C 221 31.14 -20.88 18.60
CA ASP C 221 31.79 -21.60 17.52
C ASP C 221 32.29 -22.95 17.99
N PRO C 222 31.91 -24.05 17.34
CA PRO C 222 32.48 -25.36 17.71
C PRO C 222 33.98 -25.47 17.51
N ARG C 223 34.62 -24.50 16.83
CA ARG C 223 36.07 -24.56 16.67
C ARG C 223 36.83 -24.07 17.90
N THR C 224 36.14 -23.53 18.89
CA THR C 224 36.76 -23.03 20.11
C THR C 224 36.36 -23.88 21.30
N VAL C 225 37.14 -23.78 22.37
CA VAL C 225 36.78 -24.34 23.67
C VAL C 225 36.33 -23.17 24.54
N GLY C 226 35.02 -22.98 24.62
CA GLY C 226 34.49 -21.76 25.23
C GLY C 226 34.69 -21.74 26.72
N TYR C 227 35.18 -20.60 27.22
CA TYR C 227 35.33 -20.35 28.66
C TYR C 227 34.82 -18.95 28.94
N THR C 228 33.75 -18.83 29.73
CA THR C 228 33.20 -17.54 30.10
C THR C 228 33.93 -17.02 31.34
N VAL C 229 34.39 -15.78 31.28
CA VAL C 229 35.11 -15.16 32.38
C VAL C 229 34.29 -14.00 32.91
N THR C 230 34.41 -13.74 34.21
CA THR C 230 33.73 -12.63 34.86
C THR C 230 34.60 -11.40 34.94
N ALA C 231 35.91 -11.58 35.02
CA ALA C 231 36.88 -10.49 35.13
C ALA C 231 38.26 -11.08 34.90
N PRO C 232 39.29 -10.25 34.75
CA PRO C 232 40.63 -10.80 34.46
C PRO C 232 41.15 -11.76 35.51
N GLU C 233 40.62 -11.73 36.73
CA GLU C 233 41.03 -12.65 37.79
C GLU C 233 40.40 -14.04 37.60
N ASP C 234 39.20 -14.08 37.00
CA ASP C 234 38.61 -15.37 36.62
C ASP C 234 39.39 -15.99 35.45
N THR C 235 39.74 -15.18 34.46
CA THR C 235 40.59 -15.65 33.38
C THR C 235 41.90 -16.22 33.92
N ARG C 236 42.45 -15.58 34.95
CA ARG C 236 43.67 -16.09 35.57
C ARG C 236 43.45 -17.46 36.18
N ARG C 237 42.45 -17.57 37.05
CA ARG C 237 42.18 -18.84 37.72
C ARG C 237 42.10 -19.99 36.72
N ILE C 238 41.28 -19.82 35.68
CA ILE C 238 41.07 -20.90 34.73
C ILE C 238 42.38 -21.28 34.06
N CYS C 239 43.22 -20.30 33.76
CA CYS C 239 44.49 -20.58 33.08
C CYS C 239 45.49 -21.24 34.02
N GLU C 240 45.39 -20.97 35.33
CA GLU C 240 46.25 -21.66 36.28
C GLU C 240 45.89 -23.14 36.39
N GLY C 241 44.63 -23.49 36.13
CA GLY C 241 44.20 -24.86 36.20
C GLY C 241 44.42 -25.63 34.92
N LEU C 242 44.16 -24.99 33.78
CA LEU C 242 44.37 -25.65 32.49
C LEU C 242 45.86 -25.87 32.22
N PHE C 243 46.71 -24.96 32.71
CA PHE C 243 48.16 -25.04 32.51
C PHE C 243 48.84 -24.80 33.85
N PRO C 244 48.78 -25.80 34.76
CA PRO C 244 49.34 -25.67 36.11
C PRO C 244 50.86 -25.59 36.14
N ALA D 4 -14.42 -29.67 -29.41
CA ALA D 4 -14.52 -28.26 -29.04
C ALA D 4 -15.95 -27.90 -28.66
N THR D 5 -16.09 -26.96 -27.72
CA THR D 5 -17.40 -26.54 -27.22
C THR D 5 -17.52 -25.03 -27.39
N LEU D 6 -18.54 -24.61 -28.14
CA LEU D 6 -18.90 -23.21 -28.22
C LEU D 6 -19.98 -22.88 -27.19
N CYS D 7 -19.92 -21.67 -26.66
CA CYS D 7 -20.86 -21.16 -25.66
C CYS D 7 -21.41 -19.83 -26.17
N LEU D 8 -22.40 -19.90 -27.06
CA LEU D 8 -23.01 -18.68 -27.59
C LEU D 8 -23.92 -18.06 -26.54
N PHE D 9 -23.78 -16.76 -26.34
CA PHE D 9 -24.53 -16.03 -25.34
C PHE D 9 -25.29 -14.88 -25.99
N ASP D 10 -26.49 -14.60 -25.47
CA ASP D 10 -27.19 -13.36 -25.78
C ASP D 10 -26.56 -12.21 -25.00
N MET D 11 -26.76 -10.99 -25.49
CA MET D 11 -26.13 -9.85 -24.85
C MET D 11 -26.95 -9.28 -23.69
N ASP D 12 -28.03 -8.55 -24.00
CA ASP D 12 -28.80 -7.90 -22.95
C ASP D 12 -29.44 -8.92 -22.03
N GLY D 13 -29.35 -8.68 -20.73
CA GLY D 13 -29.98 -9.52 -19.73
C GLY D 13 -29.40 -10.90 -19.59
N THR D 14 -28.42 -11.28 -20.41
CA THR D 14 -27.82 -12.61 -20.39
C THR D 14 -26.33 -12.56 -20.09
N LEU D 15 -25.61 -11.61 -20.69
CA LEU D 15 -24.23 -11.32 -20.35
C LEU D 15 -24.04 -9.91 -19.82
N THR D 16 -25.01 -9.04 -20.03
CA THR D 16 -24.93 -7.66 -19.60
C THR D 16 -26.26 -7.29 -18.95
N ALA D 17 -26.46 -6.03 -18.66
CA ALA D 17 -27.74 -5.53 -18.19
C ALA D 17 -28.43 -4.78 -19.31
N PRO D 18 -29.78 -4.83 -19.35
CA PRO D 18 -30.52 -4.19 -20.45
C PRO D 18 -29.90 -2.95 -21.06
N ARG D 19 -29.25 -3.14 -22.21
CA ARG D 19 -28.68 -2.05 -23.00
C ARG D 19 -27.77 -1.17 -22.15
N GLN D 20 -26.71 -1.79 -21.62
CA GLN D 20 -25.77 -1.09 -20.74
C GLN D 20 -24.45 -1.84 -20.77
N LYS D 21 -23.36 -1.10 -20.55
CA LYS D 21 -22.03 -1.68 -20.60
C LYS D 21 -21.89 -2.91 -19.69
N ILE D 22 -20.88 -3.73 -19.96
CA ILE D 22 -20.68 -5.01 -19.27
C ILE D 22 -20.03 -4.77 -17.92
N THR D 23 -20.05 -5.79 -17.05
CA THR D 23 -19.37 -5.76 -15.77
C THR D 23 -18.13 -6.65 -15.82
N GLU D 24 -17.09 -6.23 -15.07
CA GLU D 24 -15.84 -6.99 -15.05
C GLU D 24 -16.07 -8.43 -14.61
N GLU D 25 -16.97 -8.63 -13.65
CA GLU D 25 -17.34 -9.97 -13.20
C GLU D 25 -17.51 -10.92 -14.38
N MET D 26 -18.10 -10.41 -15.46
CA MET D 26 -18.33 -11.21 -16.66
C MET D 26 -17.28 -11.01 -17.74
N ASP D 27 -16.69 -9.83 -17.84
CA ASP D 27 -15.76 -9.55 -18.93
C ASP D 27 -14.50 -10.39 -18.82
N GLY D 28 -14.14 -10.81 -17.61
CA GLY D 28 -13.01 -11.70 -17.41
C GLY D 28 -13.49 -13.13 -17.21
N PHE D 29 -14.61 -13.28 -16.49
CA PHE D 29 -15.21 -14.59 -16.33
C PHE D 29 -15.40 -15.27 -17.68
N LEU D 30 -15.61 -14.49 -18.73
CA LEU D 30 -15.75 -15.06 -20.06
C LEU D 30 -14.42 -15.50 -20.62
N GLN D 31 -13.41 -14.63 -20.54
CA GLN D 31 -12.08 -15.00 -20.98
C GLN D 31 -11.58 -16.22 -20.19
N LYS D 32 -11.95 -16.30 -18.91
CA LYS D 32 -11.71 -17.52 -18.15
C LYS D 32 -12.29 -18.72 -18.87
N LEU D 33 -13.58 -18.65 -19.23
CA LEU D 33 -14.24 -19.72 -19.96
C LEU D 33 -13.72 -19.86 -21.39
N ARG D 34 -12.99 -18.87 -21.88
CA ARG D 34 -12.42 -18.96 -23.23
C ARG D 34 -11.41 -20.10 -23.32
N GLN D 35 -10.55 -20.24 -22.30
CA GLN D 35 -9.54 -21.29 -22.28
C GLN D 35 -10.13 -22.67 -21.96
N LYS D 36 -11.32 -22.72 -21.34
CA LYS D 36 -12.00 -23.97 -21.07
C LYS D 36 -13.09 -24.28 -22.09
N THR D 37 -13.39 -23.35 -22.99
CA THR D 37 -14.41 -23.55 -24.02
C THR D 37 -14.39 -22.33 -24.93
N LYS D 38 -14.87 -22.51 -26.15
CA LYS D 38 -15.07 -21.37 -27.04
C LYS D 38 -16.28 -20.58 -26.57
N ILE D 39 -16.19 -19.25 -26.67
CA ILE D 39 -17.26 -18.35 -26.28
C ILE D 39 -17.78 -17.65 -27.53
N GLY D 40 -18.91 -16.95 -27.38
CA GLY D 40 -19.50 -16.21 -28.47
C GLY D 40 -20.51 -15.22 -27.95
N VAL D 41 -21.05 -14.43 -28.87
CA VAL D 41 -22.08 -13.44 -28.53
C VAL D 41 -22.98 -13.28 -29.75
N VAL D 42 -24.26 -12.97 -29.49
CA VAL D 42 -25.23 -12.70 -30.54
C VAL D 42 -26.25 -11.72 -29.99
N GLY D 43 -26.60 -10.72 -30.80
CA GLY D 43 -27.59 -9.74 -30.42
C GLY D 43 -28.04 -8.90 -31.60
N GLY D 44 -29.31 -8.48 -31.60
CA GLY D 44 -29.86 -7.74 -32.73
C GLY D 44 -29.29 -6.35 -32.92
N SER D 45 -28.51 -5.86 -31.97
CA SER D 45 -27.96 -4.51 -32.05
C SER D 45 -26.72 -4.49 -32.94
N ASP D 46 -26.35 -3.28 -33.39
CA ASP D 46 -25.24 -3.11 -34.30
C ASP D 46 -23.91 -3.19 -33.57
N PHE D 47 -22.85 -3.49 -34.33
CA PHE D 47 -21.50 -3.51 -33.77
C PHE D 47 -21.21 -2.22 -33.02
N GLU D 48 -21.82 -1.12 -33.44
CA GLU D 48 -21.65 0.14 -32.70
C GLU D 48 -22.22 0.01 -31.29
N LYS D 49 -23.43 -0.53 -31.17
CA LYS D 49 -24.02 -0.75 -29.86
C LYS D 49 -23.25 -1.81 -29.08
N LEU D 50 -22.91 -2.92 -29.75
CA LEU D 50 -22.09 -3.94 -29.11
C LEU D 50 -20.73 -3.38 -28.68
N GLN D 51 -20.14 -2.51 -29.50
CA GLN D 51 -18.87 -1.90 -29.13
C GLN D 51 -19.01 -1.11 -27.83
N GLU D 52 -20.08 -0.33 -27.70
CA GLU D 52 -20.35 0.35 -26.44
C GLU D 52 -20.49 -0.66 -25.30
N GLN D 53 -21.31 -1.68 -25.49
CA GLN D 53 -21.55 -2.68 -24.46
C GLN D 53 -20.39 -3.66 -24.35
N GLY D 55 -17.75 -4.87 -25.62
CA GLY D 55 -16.36 -4.48 -25.48
C GLY D 55 -15.78 -3.87 -26.74
N ASN D 56 -15.02 -2.78 -26.58
CA ASN D 56 -14.37 -2.16 -27.74
C ASN D 56 -13.34 -3.11 -28.35
N ASP D 57 -12.78 -4.01 -27.55
CA ASP D 57 -11.98 -5.13 -28.05
C ASP D 57 -12.86 -6.33 -28.38
N VAL D 58 -13.93 -6.09 -29.15
CA VAL D 58 -14.94 -7.12 -29.37
C VAL D 58 -14.40 -8.24 -30.27
N VAL D 59 -13.85 -7.88 -31.43
CA VAL D 59 -13.36 -8.90 -32.36
C VAL D 59 -12.32 -9.81 -31.70
N GLU D 60 -11.74 -9.40 -30.59
CA GLU D 60 -10.71 -10.17 -29.90
C GLU D 60 -11.23 -10.92 -28.68
N LYS D 61 -12.34 -10.47 -28.08
CA LYS D 61 -12.81 -11.05 -26.83
C LYS D 61 -13.53 -12.37 -27.07
N TYR D 62 -14.43 -12.42 -28.04
CA TYR D 62 -15.25 -13.59 -28.32
C TYR D 62 -14.77 -14.22 -29.61
N ASP D 63 -14.46 -15.53 -29.57
CA ASP D 63 -14.03 -16.23 -30.77
C ASP D 63 -15.02 -16.06 -31.91
N TYR D 64 -16.29 -15.80 -31.58
CA TYR D 64 -17.33 -15.55 -32.57
C TYR D 64 -18.17 -14.37 -32.10
N VAL D 65 -18.17 -13.29 -32.89
CA VAL D 65 -19.03 -12.14 -32.64
C VAL D 65 -20.09 -12.11 -33.73
N PHE D 66 -21.33 -11.89 -33.33
CA PHE D 66 -22.48 -11.94 -34.24
C PHE D 66 -23.37 -10.73 -34.02
N PRO D 67 -22.94 -9.54 -34.45
CA PRO D 67 -23.82 -8.37 -34.38
C PRO D 67 -25.01 -8.51 -35.32
N GLU D 68 -26.13 -7.92 -34.92
CA GLU D 68 -27.36 -7.95 -35.72
C GLU D 68 -27.74 -9.39 -36.06
N ASN D 69 -27.81 -10.23 -35.03
CA ASN D 69 -28.20 -11.63 -35.13
C ASN D 69 -27.30 -12.44 -36.07
N GLY D 70 -26.11 -11.91 -36.39
CA GLY D 70 -25.11 -12.65 -37.12
C GLY D 70 -24.95 -12.26 -38.57
N LEU D 71 -25.95 -11.59 -39.16
CA LEU D 71 -25.81 -11.08 -40.52
C LEU D 71 -24.50 -10.31 -40.68
N VAL D 72 -23.98 -9.75 -39.58
CA VAL D 72 -22.62 -9.26 -39.47
C VAL D 72 -21.88 -10.20 -38.51
N ALA D 73 -20.71 -10.67 -38.91
CA ALA D 73 -20.02 -11.73 -38.18
C ALA D 73 -18.53 -11.46 -38.08
N TYR D 74 -17.83 -12.38 -37.41
CA TYR D 74 -16.37 -12.35 -37.30
C TYR D 74 -15.91 -13.60 -36.58
N LYS D 75 -14.80 -14.19 -37.07
CA LYS D 75 -14.27 -15.44 -36.55
C LYS D 75 -12.81 -15.23 -36.14
N ASP D 76 -12.56 -15.25 -34.83
CA ASP D 76 -11.22 -15.16 -34.26
C ASP D 76 -10.68 -13.73 -34.26
N GLY D 77 -11.22 -12.86 -35.10
CA GLY D 77 -10.77 -11.49 -35.18
C GLY D 77 -11.06 -10.87 -36.52
N LYS D 78 -10.98 -11.67 -37.58
CA LYS D 78 -11.34 -11.22 -38.91
C LYS D 78 -12.85 -11.38 -39.11
N LEU D 79 -13.36 -10.80 -40.19
CA LEU D 79 -14.77 -10.90 -40.54
C LEU D 79 -15.02 -12.19 -41.31
N LEU D 80 -16.09 -12.90 -40.92
CA LEU D 80 -16.48 -14.13 -41.61
C LEU D 80 -17.35 -13.83 -42.82
N CYS D 81 -18.38 -13.01 -42.64
CA CYS D 81 -19.24 -12.60 -43.74
C CYS D 81 -19.97 -11.34 -43.31
N LYS D 82 -20.58 -10.66 -44.29
CA LYS D 82 -21.33 -9.43 -44.02
C LYS D 82 -22.40 -9.32 -45.09
N GLN D 83 -23.56 -9.92 -44.81
CA GLN D 83 -24.71 -9.84 -45.70
C GLN D 83 -25.64 -8.71 -45.27
N ASN D 84 -26.53 -8.33 -46.18
CA ASN D 84 -27.54 -7.31 -45.89
C ASN D 84 -28.85 -7.74 -46.52
N ILE D 85 -29.92 -7.03 -46.15
CA ILE D 85 -31.25 -7.39 -46.65
C ILE D 85 -31.38 -7.18 -48.15
N GLN D 86 -30.56 -6.30 -48.73
CA GLN D 86 -30.58 -6.08 -50.16
C GLN D 86 -29.69 -7.06 -50.92
N GLY D 87 -28.71 -7.67 -50.24
CA GLY D 87 -27.92 -8.71 -50.84
C GLY D 87 -28.55 -10.08 -50.81
N HIS D 88 -29.71 -10.19 -50.17
CA HIS D 88 -30.46 -11.44 -50.05
C HIS D 88 -31.82 -11.31 -50.74
N LEU D 89 -32.63 -10.33 -50.34
CA LEU D 89 -33.90 -10.10 -51.01
C LEU D 89 -33.72 -9.41 -52.35
N GLY D 90 -32.65 -8.65 -52.51
CA GLY D 90 -32.43 -7.87 -53.71
C GLY D 90 -32.91 -6.43 -53.55
N GLU D 91 -32.37 -5.55 -54.40
CA GLU D 91 -32.70 -4.14 -54.33
C GLU D 91 -34.10 -3.84 -54.81
N ASP D 92 -34.67 -4.70 -55.66
CA ASP D 92 -36.00 -4.43 -56.22
C ASP D 92 -37.07 -4.50 -55.13
N VAL D 93 -37.18 -5.65 -54.45
CA VAL D 93 -38.22 -5.80 -53.43
C VAL D 93 -38.00 -4.82 -52.29
N ILE D 94 -36.75 -4.42 -52.04
CA ILE D 94 -36.48 -3.47 -50.97
C ILE D 94 -37.02 -2.09 -51.35
N GLN D 95 -36.74 -1.64 -52.57
CA GLN D 95 -37.26 -0.35 -53.01
C GLN D 95 -38.78 -0.37 -53.09
N ASP D 96 -39.35 -1.50 -53.53
CA ASP D 96 -40.81 -1.63 -53.52
C ASP D 96 -41.36 -1.51 -52.11
N LEU D 97 -40.65 -2.06 -51.11
CA LEU D 97 -41.09 -1.93 -49.74
C LEU D 97 -40.98 -0.50 -49.24
N ILE D 98 -39.88 0.17 -49.57
CA ILE D 98 -39.68 1.56 -49.13
C ILE D 98 -40.72 2.47 -49.77
N ASN D 99 -40.88 2.36 -51.10
CA ASN D 99 -41.82 3.23 -51.79
C ASN D 99 -43.25 3.00 -51.30
N TYR D 100 -43.56 1.79 -50.85
CA TYR D 100 -44.87 1.52 -50.28
C TYR D 100 -45.04 2.24 -48.95
N CYS D 101 -44.17 1.94 -47.99
CA CYS D 101 -44.32 2.51 -46.65
C CYS D 101 -44.35 4.03 -46.69
N LEU D 102 -43.47 4.64 -47.49
CA LEU D 102 -43.39 6.10 -47.54
C LEU D 102 -44.75 6.72 -47.86
N SER D 103 -45.42 6.20 -48.90
CA SER D 103 -46.71 6.76 -49.29
C SER D 103 -47.77 6.46 -48.25
N TYR D 104 -47.77 5.23 -47.71
CA TYR D 104 -48.75 4.87 -46.69
C TYR D 104 -48.63 5.79 -45.49
N ILE D 105 -47.40 6.03 -45.03
CA ILE D 105 -47.21 6.87 -43.84
C ILE D 105 -47.59 8.31 -44.13
N ALA D 106 -47.47 8.75 -45.38
CA ALA D 106 -47.89 10.11 -45.74
C ALA D 106 -49.40 10.27 -45.61
N ASN D 107 -50.16 9.19 -45.84
CA ASN D 107 -51.61 9.26 -45.75
C ASN D 107 -52.15 8.94 -44.37
N ILE D 108 -51.33 8.34 -43.51
CA ILE D 108 -51.73 8.15 -42.11
C ILE D 108 -51.90 9.51 -41.49
N LYS D 109 -53.11 9.80 -41.02
CA LYS D 109 -53.42 11.07 -40.37
C LYS D 109 -53.21 10.90 -38.87
N LEU D 110 -52.15 11.50 -38.35
CA LEU D 110 -51.77 11.37 -36.95
C LEU D 110 -51.72 12.76 -36.32
N PRO D 111 -51.47 12.87 -35.01
CA PRO D 111 -51.41 14.19 -34.38
C PRO D 111 -50.01 14.77 -34.41
N LYS D 112 -49.00 13.90 -34.49
CA LYS D 112 -47.60 14.34 -34.44
C LYS D 112 -46.76 13.42 -35.32
N LYS D 113 -46.25 13.97 -36.42
CA LYS D 113 -45.26 13.30 -37.26
C LYS D 113 -43.94 14.06 -37.14
N ARG D 114 -42.84 13.31 -37.03
CA ARG D 114 -41.52 13.94 -36.84
C ARG D 114 -40.52 13.48 -37.89
N GLY D 115 -39.60 12.58 -37.52
CA GLY D 115 -38.55 12.19 -38.44
C GLY D 115 -38.12 10.75 -38.28
N THR D 116 -37.33 10.30 -39.25
CA THR D 116 -36.83 8.92 -39.32
C THR D 116 -37.99 7.92 -39.33
N PHE D 117 -38.80 8.02 -40.39
CA PHE D 117 -39.89 7.09 -40.60
C PHE D 117 -39.43 5.76 -41.14
N ILE D 118 -38.19 5.67 -41.61
CA ILE D 118 -37.61 4.41 -42.08
C ILE D 118 -36.15 4.39 -41.65
N GLU D 119 -35.75 3.34 -40.93
CA GLU D 119 -34.36 3.14 -40.52
C GLU D 119 -33.87 1.89 -41.23
N PHE D 120 -32.90 2.07 -42.12
CA PHE D 120 -32.32 0.98 -42.90
C PHE D 120 -31.13 0.40 -42.13
N ARG D 121 -31.32 -0.79 -41.57
CA ARG D 121 -30.24 -1.53 -40.92
C ARG D 121 -29.71 -2.60 -41.88
N ASN D 122 -28.68 -3.32 -41.44
CA ASN D 122 -28.04 -4.34 -42.26
C ASN D 122 -28.70 -5.70 -42.15
N GLY D 123 -29.90 -5.77 -41.59
CA GLY D 123 -30.63 -7.02 -41.48
C GLY D 123 -32.09 -6.85 -41.13
N MET D 124 -32.59 -5.62 -41.23
CA MET D 124 -33.97 -5.32 -40.93
C MET D 124 -34.25 -3.88 -41.33
N LEU D 125 -35.53 -3.54 -41.45
CA LEU D 125 -35.97 -2.17 -41.69
C LEU D 125 -37.00 -1.82 -40.64
N ASN D 126 -36.79 -0.70 -39.96
CA ASN D 126 -37.63 -0.30 -38.83
C ASN D 126 -38.47 0.89 -39.25
N VAL D 127 -39.70 0.62 -39.67
CA VAL D 127 -40.66 1.65 -40.04
C VAL D 127 -41.38 2.13 -38.80
N SER D 128 -41.81 3.40 -38.83
CA SER D 128 -42.55 3.98 -37.71
C SER D 128 -43.40 5.15 -38.16
N PRO D 129 -44.73 5.08 -38.01
CA PRO D 129 -45.57 6.22 -38.44
C PRO D 129 -45.17 7.55 -37.80
N ILE D 130 -45.07 7.61 -36.48
CA ILE D 130 -44.72 8.87 -35.83
C ILE D 130 -43.30 9.30 -36.23
N GLY D 131 -42.34 8.40 -36.07
CA GLY D 131 -40.94 8.72 -36.34
C GLY D 131 -40.04 8.33 -35.19
N ARG D 132 -38.87 7.77 -35.50
CA ARG D 132 -37.95 7.25 -34.50
C ARG D 132 -37.02 8.33 -33.93
N SER D 133 -37.34 9.60 -34.15
CA SER D 133 -36.65 10.72 -33.53
C SER D 133 -37.50 11.43 -32.50
N CYS D 134 -38.77 11.01 -32.34
CA CYS D 134 -39.67 11.65 -31.40
C CYS D 134 -39.12 11.59 -29.98
N SER D 135 -39.60 12.52 -29.15
CA SER D 135 -39.18 12.58 -27.77
C SER D 135 -39.62 11.32 -27.02
N GLN D 136 -39.17 11.21 -25.77
CA GLN D 136 -39.67 10.15 -24.90
C GLN D 136 -41.17 10.35 -24.64
N GLU D 137 -41.61 11.59 -24.48
CA GLU D 137 -43.04 11.87 -24.31
C GLU D 137 -43.79 11.57 -25.59
N GLU D 138 -43.28 12.04 -26.73
CA GLU D 138 -44.00 11.87 -28.00
C GLU D 138 -44.14 10.39 -28.37
N ARG D 139 -43.18 9.56 -27.97
CA ARG D 139 -43.29 8.13 -28.26
C ARG D 139 -44.35 7.49 -27.38
N ILE D 140 -44.47 7.94 -26.13
CA ILE D 140 -45.51 7.43 -25.25
C ILE D 140 -46.88 7.76 -25.80
N GLU D 141 -47.07 9.01 -26.23
CA GLU D 141 -48.37 9.43 -26.77
C GLU D 141 -48.81 8.51 -27.90
N PHE D 142 -47.87 8.09 -28.75
CA PHE D 142 -48.23 7.23 -29.88
C PHE D 142 -48.64 5.85 -29.41
N TYR D 143 -48.03 5.35 -28.32
CA TYR D 143 -48.44 4.04 -27.79
C TYR D 143 -49.92 4.03 -27.44
N GLU D 144 -50.42 5.12 -26.84
CA GLU D 144 -51.81 5.14 -26.39
C GLU D 144 -52.76 5.32 -27.57
N LEU D 145 -52.49 6.28 -28.45
CA LEU D 145 -53.37 6.47 -29.59
C LEU D 145 -53.49 5.18 -30.40
N ASP D 146 -52.36 4.51 -30.65
CA ASP D 146 -52.38 3.31 -31.49
C ASP D 146 -53.09 2.15 -30.80
N LYS D 147 -53.04 2.09 -29.47
CA LYS D 147 -53.81 1.08 -28.74
C LYS D 147 -55.29 1.19 -29.06
N LYS D 148 -55.76 2.39 -29.37
CA LYS D 148 -57.18 2.64 -29.61
C LYS D 148 -57.56 2.53 -31.09
N GLU D 149 -56.83 3.23 -31.96
CA GLU D 149 -57.19 3.30 -33.37
C GLU D 149 -56.52 2.22 -34.22
N HIS D 150 -55.63 1.42 -33.63
CA HIS D 150 -55.02 0.29 -34.32
C HIS D 150 -54.39 0.71 -35.65
N ILE D 151 -53.56 1.75 -35.60
CA ILE D 151 -52.92 2.22 -36.82
C ILE D 151 -51.80 1.28 -37.25
N ARG D 152 -51.06 0.74 -36.28
CA ARG D 152 -49.98 -0.19 -36.61
C ARG D 152 -50.56 -1.51 -37.12
N GLN D 153 -51.38 -2.18 -36.28
CA GLN D 153 -52.03 -3.42 -36.68
C GLN D 153 -52.55 -3.30 -38.11
N LYS D 154 -53.22 -2.20 -38.42
CA LYS D 154 -53.72 -1.98 -39.77
C LYS D 154 -52.58 -1.98 -40.78
N PHE D 155 -51.57 -1.12 -40.58
CA PHE D 155 -50.43 -1.05 -41.48
C PHE D 155 -49.81 -2.42 -41.71
N VAL D 156 -49.60 -3.19 -40.63
CA VAL D 156 -49.01 -4.52 -40.77
C VAL D 156 -49.86 -5.39 -41.68
N ALA D 157 -51.18 -5.21 -41.65
CA ALA D 157 -52.06 -6.03 -42.48
C ALA D 157 -51.88 -5.72 -43.95
N ASP D 158 -51.94 -4.43 -44.32
CA ASP D 158 -51.80 -4.07 -45.72
C ASP D 158 -50.44 -4.48 -46.27
N LEU D 159 -49.43 -4.58 -45.41
CA LEU D 159 -48.09 -4.96 -45.86
C LEU D 159 -47.98 -6.46 -46.10
N ARG D 160 -48.61 -7.27 -45.23
CA ARG D 160 -48.52 -8.72 -45.39
C ARG D 160 -49.25 -9.19 -46.65
N LYS D 161 -50.33 -8.52 -47.02
CA LYS D 161 -51.02 -8.86 -48.26
C LYS D 161 -50.26 -8.33 -49.47
N GLU D 162 -49.75 -7.10 -49.38
CA GLU D 162 -49.05 -6.49 -50.52
C GLU D 162 -47.72 -7.19 -50.79
N PHE D 163 -47.06 -7.71 -49.76
CA PHE D 163 -45.77 -8.37 -49.92
C PHE D 163 -45.85 -9.85 -49.52
N ALA D 164 -46.99 -10.47 -49.77
CA ALA D 164 -47.14 -11.89 -49.51
C ALA D 164 -46.33 -12.70 -50.51
N GLY D 165 -45.62 -13.70 -50.00
CA GLY D 165 -44.79 -14.54 -50.85
C GLY D 165 -43.43 -13.97 -51.19
N LYS D 166 -43.13 -12.74 -50.75
CA LYS D 166 -41.84 -12.14 -51.01
C LYS D 166 -40.77 -12.61 -50.01
N GLY D 167 -41.17 -13.24 -48.91
CA GLY D 167 -40.24 -13.81 -47.96
C GLY D 167 -39.85 -12.88 -46.84
N LEU D 168 -40.81 -12.14 -46.29
CA LEU D 168 -40.55 -11.10 -45.30
C LEU D 168 -41.52 -11.22 -44.14
N THR D 169 -41.03 -10.94 -42.94
CA THR D 169 -41.83 -10.99 -41.72
C THR D 169 -42.11 -9.57 -41.24
N PHE D 170 -43.39 -9.21 -41.15
CA PHE D 170 -43.80 -7.89 -40.72
C PHE D 170 -44.36 -8.02 -39.30
N SER D 171 -43.48 -7.86 -38.31
CA SER D 171 -43.87 -7.90 -36.91
C SER D 171 -43.97 -6.47 -36.36
N ILE D 172 -44.56 -6.36 -35.18
CA ILE D 172 -44.64 -5.10 -34.47
C ILE D 172 -43.59 -5.11 -33.37
N GLY D 173 -43.10 -3.92 -33.03
CA GLY D 173 -42.07 -3.80 -32.01
C GLY D 173 -42.12 -2.47 -31.28
N GLY D 174 -41.84 -2.50 -29.99
CA GLY D 174 -41.79 -1.27 -29.22
C GLY D 174 -43.09 -0.48 -29.28
N GLN D 175 -42.96 0.83 -29.01
CA GLN D 175 -44.12 1.71 -28.97
C GLN D 175 -44.44 2.35 -30.30
N ILE D 176 -43.44 2.54 -31.16
CA ILE D 176 -43.61 3.33 -32.37
C ILE D 176 -43.23 2.61 -33.63
N SER D 177 -42.40 1.59 -33.59
CA SER D 177 -41.83 1.00 -34.79
C SER D 177 -42.48 -0.33 -35.15
N ILE D 178 -42.53 -0.58 -36.45
CA ILE D 178 -42.92 -1.88 -37.01
C ILE D 178 -41.68 -2.48 -37.65
N ASP D 179 -41.40 -3.74 -37.35
CA ASP D 179 -40.16 -4.39 -37.74
C ASP D 179 -40.37 -5.27 -38.97
N VAL D 180 -39.50 -5.09 -39.97
CA VAL D 180 -39.57 -5.84 -41.22
C VAL D 180 -38.22 -6.51 -41.44
N PHE D 181 -38.23 -7.83 -41.62
CA PHE D 181 -37.00 -8.60 -41.74
C PHE D 181 -37.30 -9.85 -42.55
N PRO D 182 -36.28 -10.44 -43.18
CA PRO D 182 -36.51 -11.69 -43.92
C PRO D 182 -36.87 -12.83 -42.99
N GLU D 183 -37.76 -13.71 -43.46
CA GLU D 183 -38.12 -14.89 -42.67
C GLU D 183 -36.87 -15.62 -42.21
N GLY D 184 -36.84 -15.96 -40.92
CA GLY D 184 -35.73 -16.70 -40.36
C GLY D 184 -34.50 -15.88 -40.01
N TRP D 185 -34.58 -14.56 -40.11
CA TRP D 185 -33.46 -13.70 -39.74
C TRP D 185 -33.51 -13.29 -38.27
N ASP D 186 -33.93 -14.22 -37.41
CA ASP D 186 -33.83 -14.04 -35.96
C ASP D 186 -32.45 -14.50 -35.51
N LYS D 187 -32.26 -14.67 -34.20
CA LYS D 187 -30.96 -15.06 -33.67
C LYS D 187 -30.40 -16.32 -34.32
N ARG D 188 -31.25 -17.13 -34.97
CA ARG D 188 -30.80 -18.39 -35.55
C ARG D 188 -29.91 -18.23 -36.77
N TYR D 189 -29.68 -17.00 -37.25
CA TYR D 189 -28.84 -16.83 -38.43
C TYR D 189 -27.39 -17.22 -38.14
N CYS D 190 -26.87 -16.77 -36.99
CA CYS D 190 -25.48 -17.07 -36.63
C CYS D 190 -25.15 -18.56 -36.78
N LEU D 191 -26.12 -19.42 -36.47
CA LEU D 191 -25.87 -20.86 -36.50
C LEU D 191 -25.33 -21.35 -37.83
N ARG D 192 -25.58 -20.61 -38.92
CA ARG D 192 -25.12 -21.04 -40.22
C ARG D 192 -23.59 -20.96 -40.36
N HIS D 193 -22.95 -20.05 -39.61
CA HIS D 193 -21.51 -19.88 -39.69
C HIS D 193 -20.75 -20.94 -38.89
N LEU D 194 -21.47 -21.77 -38.14
CA LEU D 194 -20.89 -22.80 -37.30
C LEU D 194 -21.27 -24.20 -37.80
N GLU D 195 -21.78 -24.27 -39.03
CA GLU D 195 -22.32 -25.53 -39.54
C GLU D 195 -21.25 -26.60 -39.67
N HIS D 196 -20.21 -26.34 -40.45
CA HIS D 196 -19.11 -27.28 -40.64
C HIS D 196 -17.94 -26.97 -39.72
N ALA D 197 -18.11 -26.04 -38.77
CA ALA D 197 -17.05 -25.76 -37.81
C ALA D 197 -16.72 -26.99 -36.96
N GLY D 198 -17.64 -27.95 -36.86
CA GLY D 198 -17.37 -29.20 -36.20
C GLY D 198 -17.24 -29.12 -34.70
N TYR D 199 -18.29 -28.66 -34.02
CA TYR D 199 -18.31 -28.59 -32.57
C TYR D 199 -19.14 -29.74 -32.02
N LYS D 200 -18.68 -30.31 -30.90
CA LYS D 200 -19.46 -31.34 -30.24
C LYS D 200 -20.73 -30.78 -29.62
N THR D 201 -20.66 -29.53 -29.14
CA THR D 201 -21.83 -28.92 -28.51
C THR D 201 -21.76 -27.42 -28.64
N ILE D 202 -22.85 -26.82 -29.10
CA ILE D 202 -23.01 -25.38 -29.16
C ILE D 202 -23.98 -25.01 -28.05
N TYR D 203 -23.45 -24.61 -26.90
CA TYR D 203 -24.28 -24.20 -25.78
C TYR D 203 -24.76 -22.76 -26.00
N PHE D 204 -26.07 -22.56 -25.91
CA PHE D 204 -26.66 -21.22 -26.02
C PHE D 204 -27.23 -20.79 -24.68
N PHE D 205 -27.18 -19.48 -24.42
CA PHE D 205 -27.71 -18.90 -23.20
C PHE D 205 -28.48 -17.63 -23.54
N GLY D 206 -29.65 -17.47 -22.93
CA GLY D 206 -30.49 -16.31 -23.20
C GLY D 206 -31.51 -16.11 -22.11
N ASP D 207 -32.10 -14.91 -22.10
CA ASP D 207 -32.99 -14.49 -21.03
C ASP D 207 -34.46 -14.40 -21.42
N LYS D 208 -34.80 -14.53 -22.72
CA LYS D 208 -36.18 -14.44 -23.19
C LYS D 208 -36.45 -15.62 -24.11
N THR D 209 -36.45 -16.82 -23.55
CA THR D 209 -36.56 -18.06 -24.31
C THR D 209 -37.99 -18.57 -24.44
N MET D 210 -38.97 -17.80 -23.98
CA MET D 210 -40.37 -18.18 -24.13
C MET D 210 -40.92 -17.65 -25.45
N PRO D 211 -41.96 -18.29 -25.99
CA PRO D 211 -42.52 -17.84 -27.27
C PRO D 211 -42.73 -16.33 -27.33
N GLY D 212 -42.25 -15.73 -28.41
CA GLY D 212 -42.33 -14.30 -28.60
C GLY D 212 -41.03 -13.56 -28.35
N GLY D 213 -40.11 -14.15 -27.59
CA GLY D 213 -38.86 -13.49 -27.28
C GLY D 213 -37.80 -13.67 -28.35
N ASN D 214 -36.78 -12.82 -28.30
CA ASN D 214 -35.73 -12.85 -29.32
C ASN D 214 -34.78 -14.04 -29.14
N ASP D 215 -34.84 -14.75 -28.01
CA ASP D 215 -34.04 -15.94 -27.81
C ASP D 215 -34.79 -17.23 -28.12
N HIS D 216 -36.13 -17.17 -28.24
CA HIS D 216 -36.91 -18.38 -28.33
C HIS D 216 -36.50 -19.25 -29.51
N GLU D 217 -36.29 -18.63 -30.67
CA GLU D 217 -36.05 -19.41 -31.88
C GLU D 217 -34.74 -20.20 -31.78
N ILE D 218 -33.66 -19.52 -31.38
CA ILE D 218 -32.37 -20.20 -31.28
C ILE D 218 -32.31 -21.16 -30.10
N PHE D 219 -33.18 -20.96 -29.10
CA PHE D 219 -33.25 -21.89 -27.98
C PHE D 219 -33.88 -23.22 -28.42
N THR D 220 -35.06 -23.17 -29.02
CA THR D 220 -35.72 -24.38 -29.47
C THR D 220 -35.01 -25.03 -30.64
N ASP D 221 -34.13 -24.30 -31.32
CA ASP D 221 -33.38 -24.89 -32.42
C ASP D 221 -32.65 -26.15 -31.96
N PRO D 222 -32.53 -27.17 -32.80
CA PRO D 222 -31.89 -28.42 -32.34
C PRO D 222 -30.37 -28.38 -32.35
N ARG D 223 -29.76 -27.43 -33.06
CA ARG D 223 -28.31 -27.32 -33.12
C ARG D 223 -27.71 -26.69 -31.87
N THR D 224 -28.48 -26.56 -30.79
CA THR D 224 -28.01 -25.88 -29.59
C THR D 224 -28.45 -26.67 -28.36
N VAL D 225 -27.96 -26.22 -27.20
CA VAL D 225 -28.37 -26.74 -25.90
C VAL D 225 -28.86 -25.53 -25.11
N GLY D 226 -30.16 -25.29 -25.14
CA GLY D 226 -30.69 -24.06 -24.58
C GLY D 226 -30.56 -23.99 -23.07
N TYR D 227 -30.20 -22.82 -22.58
CA TYR D 227 -30.16 -22.54 -21.14
C TYR D 227 -30.75 -21.16 -20.90
N THR D 228 -31.92 -21.12 -20.28
CA THR D 228 -32.53 -19.85 -19.92
C THR D 228 -31.81 -19.25 -18.71
N VAL D 229 -31.78 -17.92 -18.67
CA VAL D 229 -31.11 -17.18 -17.61
C VAL D 229 -32.03 -16.08 -17.12
N THR D 230 -31.90 -15.73 -15.84
CA THR D 230 -32.62 -14.63 -15.25
C THR D 230 -31.78 -13.36 -15.12
N ALA D 231 -30.46 -13.49 -15.20
CA ALA D 231 -29.55 -12.36 -15.11
C ALA D 231 -28.15 -12.82 -15.49
N PRO D 232 -27.24 -11.90 -15.80
CA PRO D 232 -25.86 -12.31 -16.10
C PRO D 232 -25.25 -13.17 -15.00
N GLU D 233 -25.46 -12.80 -13.74
CA GLU D 233 -24.86 -13.53 -12.64
C GLU D 233 -25.44 -14.93 -12.52
N ASP D 234 -26.68 -15.13 -12.97
CA ASP D 234 -27.18 -16.49 -13.16
C ASP D 234 -26.40 -17.19 -14.27
N THR D 235 -26.13 -16.48 -15.36
CA THR D 235 -25.37 -17.05 -16.47
C THR D 235 -23.97 -17.47 -16.04
N ARG D 236 -23.43 -16.86 -14.98
CA ARG D 236 -22.19 -17.33 -14.38
C ARG D 236 -22.45 -18.44 -13.38
N ARG D 237 -23.51 -18.31 -12.57
CA ARG D 237 -23.96 -19.43 -11.75
C ARG D 237 -24.22 -20.66 -12.58
N ILE D 238 -24.70 -20.48 -13.82
CA ILE D 238 -24.96 -21.61 -14.70
C ILE D 238 -23.66 -22.12 -15.31
N CYS D 239 -22.85 -21.22 -15.86
CA CYS D 239 -21.66 -21.62 -16.60
C CYS D 239 -20.58 -22.20 -15.69
N GLU D 240 -20.56 -21.79 -14.42
CA GLU D 240 -19.53 -22.30 -13.50
C GLU D 240 -19.76 -23.77 -13.15
N GLY D 241 -20.99 -24.25 -13.32
CA GLY D 241 -21.25 -25.67 -13.20
C GLY D 241 -20.88 -26.43 -14.46
N LEU D 242 -21.20 -25.86 -15.62
CA LEU D 242 -20.89 -26.52 -16.88
C LEU D 242 -19.38 -26.71 -17.05
N PHE D 243 -18.59 -25.75 -16.58
CA PHE D 243 -17.13 -25.80 -16.67
C PHE D 243 -16.60 -25.50 -15.27
N PRO D 244 -15.83 -26.41 -14.64
CA PRO D 244 -15.39 -26.12 -13.27
C PRO D 244 -13.96 -25.57 -13.22
N PRO E 2 58.39 46.09 33.74
CA PRO E 2 59.08 47.33 33.32
C PRO E 2 59.71 47.22 31.94
N MET E 3 60.71 46.35 31.80
CA MET E 3 61.36 46.09 30.52
C MET E 3 60.84 44.81 29.85
N ALA E 4 59.68 44.31 30.28
CA ALA E 4 59.21 43.02 29.83
C ALA E 4 58.92 43.02 28.34
N THR E 5 59.31 41.93 27.68
CA THR E 5 59.03 41.70 26.27
C THR E 5 58.51 40.28 26.08
N LEU E 6 57.94 40.03 24.91
CA LEU E 6 57.47 38.71 24.55
C LEU E 6 57.93 38.39 23.13
N CYS E 7 58.46 37.20 22.94
CA CYS E 7 58.83 36.69 21.63
C CYS E 7 57.79 35.65 21.23
N LEU E 8 56.90 36.02 20.32
CA LEU E 8 55.81 35.18 19.86
C LEU E 8 56.22 34.52 18.55
N PHE E 9 56.28 33.19 18.53
CA PHE E 9 56.73 32.45 17.38
C PHE E 9 55.59 31.65 16.76
N ASP E 10 55.51 31.66 15.43
CA ASP E 10 54.87 30.60 14.68
C ASP E 10 55.66 29.31 14.89
N MET E 11 55.00 28.17 14.68
CA MET E 11 55.65 26.88 14.91
C MET E 11 56.24 26.30 13.64
N ASP E 12 55.39 25.84 12.73
CA ASP E 12 55.87 25.15 11.54
C ASP E 12 56.69 26.10 10.66
N GLY E 13 57.87 25.63 10.26
CA GLY E 13 58.76 26.42 9.44
C GLY E 13 59.43 27.58 10.14
N THR E 14 59.09 27.83 11.40
CA THR E 14 59.63 28.96 12.15
C THR E 14 60.50 28.49 13.32
N LEU E 15 59.94 27.67 14.22
CA LEU E 15 60.71 27.02 15.26
C LEU E 15 61.17 25.63 14.83
N THR E 16 60.32 24.91 14.13
CA THR E 16 60.60 23.56 13.67
C THR E 16 60.50 23.52 12.15
N ALA E 17 61.12 22.51 11.56
CA ALA E 17 60.86 22.22 10.16
C ALA E 17 59.39 21.81 10.00
N PRO E 18 58.81 21.99 8.81
CA PRO E 18 57.38 21.71 8.64
C PRO E 18 56.97 20.35 9.16
N ARG E 19 56.13 20.33 10.18
CA ARG E 19 55.56 19.14 10.80
C ARG E 19 56.62 18.28 11.51
N GLN E 20 57.86 18.72 11.56
CA GLN E 20 58.93 17.98 12.23
C GLN E 20 59.06 18.42 13.68
N LYS E 21 59.76 17.59 14.46
CA LYS E 21 60.03 17.91 15.85
C LYS E 21 61.14 18.96 15.93
N ILE E 22 61.06 19.79 16.97
CA ILE E 22 62.08 20.81 17.18
C ILE E 22 63.42 20.14 17.48
N THR E 23 64.50 20.71 16.94
CA THR E 23 65.83 20.16 17.19
C THR E 23 66.28 20.52 18.60
N GLU E 24 67.03 19.59 19.21
CA GLU E 24 67.49 19.79 20.58
C GLU E 24 68.23 21.10 20.72
N GLU E 25 68.92 21.54 19.66
CA GLU E 25 69.73 22.75 19.74
C GLU E 25 68.88 24.02 19.66
N MET E 26 67.81 23.98 18.86
CA MET E 26 66.91 25.12 18.80
C MET E 26 66.10 25.24 20.07
N ASP E 27 65.69 24.11 20.64
CA ASP E 27 64.98 24.15 21.91
C ASP E 27 65.89 24.62 23.03
N GLY E 28 67.14 24.18 23.04
CA GLY E 28 68.09 24.68 24.02
C GLY E 28 68.32 26.17 23.89
N PHE E 29 68.40 26.67 22.65
CA PHE E 29 68.59 28.11 22.46
C PHE E 29 67.40 28.89 22.98
N LEU E 30 66.18 28.46 22.64
CA LEU E 30 65.00 29.19 23.08
C LEU E 30 64.94 29.29 24.60
N GLN E 31 65.32 28.22 25.29
CA GLN E 31 65.31 28.24 26.74
C GLN E 31 66.41 29.13 27.31
N LYS E 32 67.48 29.34 26.55
CA LYS E 32 68.51 30.30 26.99
C LYS E 32 68.07 31.72 26.71
N LEU E 33 67.37 31.97 25.60
CA LEU E 33 66.80 33.29 25.34
C LEU E 33 65.70 33.64 26.34
N ARG E 34 65.08 32.62 26.95
CA ARG E 34 64.03 32.84 27.94
C ARG E 34 64.55 33.56 29.17
N GLN E 35 65.88 33.60 29.36
CA GLN E 35 66.44 34.41 30.43
C GLN E 35 66.17 35.90 30.20
N LYS E 36 66.22 36.33 28.93
CA LYS E 36 66.18 37.75 28.59
C LYS E 36 64.83 38.19 28.06
N THR E 37 63.87 37.27 27.90
CA THR E 37 62.56 37.62 27.39
C THR E 37 61.61 36.47 27.64
N LYS E 38 60.31 36.79 27.60
CA LYS E 38 59.27 35.77 27.62
C LYS E 38 59.07 35.26 26.20
N ILE E 39 58.86 33.96 26.07
CA ILE E 39 58.69 33.33 24.76
C ILE E 39 57.32 32.67 24.70
N GLY E 40 56.68 32.76 23.54
CA GLY E 40 55.42 32.09 23.31
C GLY E 40 55.39 31.50 21.92
N VAL E 41 54.51 30.53 21.74
CA VAL E 41 54.35 29.84 20.46
C VAL E 41 52.88 29.85 20.06
N VAL E 42 52.63 30.04 18.76
CA VAL E 42 51.28 30.11 18.22
C VAL E 42 51.23 29.34 16.91
N GLY E 43 50.21 28.49 16.76
CA GLY E 43 50.01 27.76 15.52
C GLY E 43 48.56 27.37 15.37
N GLY E 44 48.19 27.03 14.13
CA GLY E 44 46.86 26.52 13.87
C GLY E 44 46.64 25.10 14.33
N SER E 45 47.72 24.35 14.53
CA SER E 45 47.63 22.96 14.96
C SER E 45 47.12 22.88 16.39
N ASP E 46 46.54 21.73 16.72
CA ASP E 46 45.91 21.53 18.02
C ASP E 46 46.97 21.31 19.11
N PHE E 47 46.50 21.24 20.35
CA PHE E 47 47.43 21.17 21.48
C PHE E 47 48.30 19.91 21.42
N GLU E 48 47.70 18.79 21.02
CA GLU E 48 48.45 17.54 20.99
C GLU E 48 49.52 17.55 19.89
N LYS E 49 49.29 18.31 18.82
CA LYS E 49 50.30 18.43 17.78
C LYS E 49 51.47 19.29 18.25
N LEU E 50 51.19 20.33 19.03
CA LEU E 50 52.27 21.12 19.62
C LEU E 50 53.06 20.27 20.62
N GLN E 51 52.37 19.40 21.36
CA GLN E 51 53.09 18.48 22.24
C GLN E 51 54.01 17.56 21.44
N GLU E 52 53.53 17.09 20.29
CA GLU E 52 54.31 16.14 19.50
C GLU E 52 55.59 16.77 18.95
N GLN E 53 55.52 18.06 18.57
CA GLN E 53 56.67 18.70 17.92
C GLN E 53 57.56 19.44 18.91
N LEU E 54 56.98 20.07 19.92
CA LEU E 54 57.73 20.89 20.86
C LEU E 54 57.95 20.23 22.22
N GLY E 55 57.32 19.10 22.48
CA GLY E 55 57.51 18.35 23.72
C GLY E 55 56.25 18.34 24.58
N ASN E 56 55.98 17.17 25.18
CA ASN E 56 54.80 17.04 26.05
C ASN E 56 54.76 18.09 27.15
N ASP E 57 55.93 18.64 27.52
CA ASP E 57 56.02 19.68 28.53
C ASP E 57 56.00 21.08 27.94
N VAL E 58 55.37 21.25 26.78
CA VAL E 58 55.41 22.53 26.07
C VAL E 58 54.97 23.68 26.97
N VAL E 59 53.94 23.45 27.80
CA VAL E 59 53.40 24.53 28.62
C VAL E 59 54.40 25.02 29.66
N GLU E 60 55.41 24.20 29.99
CA GLU E 60 56.47 24.62 30.89
C GLU E 60 57.64 25.24 30.14
N LYS E 61 57.85 24.83 28.88
CA LYS E 61 58.96 25.32 28.09
C LYS E 61 58.69 26.67 27.45
N TYR E 62 57.42 27.05 27.34
CA TYR E 62 57.03 28.33 26.76
C TYR E 62 56.14 29.07 27.74
N ASP E 63 56.29 30.39 27.79
CA ASP E 63 55.50 31.19 28.72
C ASP E 63 54.07 31.33 28.22
N TYR E 64 53.86 31.32 26.91
CA TYR E 64 52.54 31.30 26.32
C TYR E 64 52.49 30.20 25.28
N VAL E 65 51.47 29.35 25.36
CA VAL E 65 51.20 28.34 24.34
C VAL E 65 49.84 28.67 23.74
N PHE E 66 49.80 28.90 22.44
CA PHE E 66 48.57 29.29 21.73
C PHE E 66 48.27 28.29 20.63
N PRO E 67 47.78 27.10 20.98
CA PRO E 67 47.32 26.18 19.95
C PRO E 67 46.04 26.71 19.31
N GLU E 68 45.83 26.34 18.04
CA GLU E 68 44.62 26.74 17.33
C GLU E 68 44.48 28.25 17.32
N ASN E 69 45.58 28.95 17.04
CA ASN E 69 45.61 30.40 16.88
C ASN E 69 45.17 31.13 18.15
N GLY E 70 45.30 30.50 19.31
CA GLY E 70 44.98 31.14 20.57
C GLY E 70 43.61 30.82 21.14
N LEU E 71 42.73 30.17 20.38
CA LEU E 71 41.44 29.76 20.92
C LEU E 71 41.64 28.80 22.08
N VAL E 72 42.71 28.02 22.06
CA VAL E 72 43.24 27.37 23.26
C VAL E 72 44.45 28.18 23.69
N ALA E 73 44.59 28.39 25.00
CA ALA E 73 45.66 29.25 25.50
C ALA E 73 46.12 28.80 26.88
N TYR E 74 47.44 28.79 27.06
CA TYR E 74 48.09 28.51 28.32
C TYR E 74 49.04 29.67 28.63
N LYS E 75 49.06 30.10 29.90
CA LYS E 75 50.03 31.08 30.39
C LYS E 75 50.71 30.51 31.62
N ASP E 76 52.04 30.65 31.67
CA ASP E 76 52.83 30.15 32.80
C ASP E 76 52.42 28.72 33.18
N GLY E 77 51.96 27.95 32.20
CA GLY E 77 51.71 26.53 32.40
C GLY E 77 50.32 26.16 32.87
N LYS E 78 49.32 27.02 32.69
CA LYS E 78 47.96 26.71 33.11
C LYS E 78 46.96 27.28 32.10
N LEU E 79 45.85 26.56 31.94
CA LEU E 79 44.84 26.95 30.96
C LEU E 79 44.28 28.34 31.28
N LEU E 80 43.82 29.02 30.24
CA LEU E 80 43.25 30.36 30.33
C LEU E 80 41.83 30.34 29.74
N CYS E 81 41.28 31.53 29.52
CA CYS E 81 39.97 31.67 28.88
C CYS E 81 39.93 30.86 27.60
N LYS E 82 38.92 30.00 27.48
CA LYS E 82 38.72 29.17 26.30
C LYS E 82 37.44 29.57 25.59
N GLN E 83 37.41 29.32 24.28
CA GLN E 83 36.28 29.68 23.43
C GLN E 83 36.32 28.75 22.23
N ASN E 84 35.14 28.49 21.66
CA ASN E 84 35.04 27.62 20.49
C ASN E 84 34.11 28.26 19.47
N ILE E 85 34.14 27.70 18.26
CA ILE E 85 33.37 28.23 17.15
C ILE E 85 31.88 28.23 17.45
N GLN E 86 31.39 27.21 18.18
CA GLN E 86 29.96 27.11 18.42
C GLN E 86 29.48 28.11 19.47
N GLY E 87 30.35 28.50 20.40
CA GLY E 87 30.01 29.51 21.38
C GLY E 87 30.14 30.94 20.90
N HIS E 88 30.52 31.12 19.64
CA HIS E 88 30.68 32.43 19.02
C HIS E 88 29.72 32.66 17.87
N LEU E 89 29.47 31.63 17.06
CA LEU E 89 28.47 31.70 16.00
C LEU E 89 27.11 31.17 16.44
N GLY E 90 27.08 30.36 17.50
CA GLY E 90 25.84 29.72 17.93
C GLY E 90 25.64 28.37 17.28
N GLU E 91 25.09 27.41 18.05
CA GLU E 91 24.82 26.09 17.50
C GLU E 91 24.00 26.17 16.22
N ASP E 92 23.09 27.14 16.13
CA ASP E 92 22.25 27.28 14.95
C ASP E 92 23.09 27.44 13.69
N VAL E 93 23.97 28.44 13.68
CA VAL E 93 24.80 28.67 12.51
C VAL E 93 25.76 27.52 12.30
N ILE E 94 26.27 26.95 13.38
CA ILE E 94 27.25 25.85 13.26
C ILE E 94 26.60 24.63 12.63
N GLN E 95 25.36 24.34 13.02
CA GLN E 95 24.66 23.19 12.45
C GLN E 95 24.16 23.47 11.03
N ASP E 96 23.87 24.73 10.70
CA ASP E 96 23.56 25.07 9.32
C ASP E 96 24.75 24.79 8.42
N LEU E 97 25.95 25.17 8.87
CA LEU E 97 27.17 24.82 8.15
C LEU E 97 27.34 23.32 8.02
N ILE E 98 27.32 22.61 9.15
CA ILE E 98 27.57 21.17 9.13
C ILE E 98 26.55 20.47 8.26
N ASN E 99 25.27 20.83 8.38
CA ASN E 99 24.23 20.18 7.60
C ASN E 99 24.39 20.48 6.11
N TYR E 100 24.86 21.68 5.77
CA TYR E 100 25.07 22.01 4.37
C TYR E 100 26.23 21.21 3.79
N CYS E 101 27.34 21.11 4.53
CA CYS E 101 28.51 20.40 4.03
C CYS E 101 28.26 18.89 3.98
N LEU E 102 27.45 18.36 4.91
CA LEU E 102 27.12 16.94 4.87
C LEU E 102 26.29 16.60 3.64
N SER E 103 25.30 17.44 3.32
CA SER E 103 24.48 17.18 2.14
C SER E 103 25.27 17.38 0.87
N TYR E 104 26.09 18.42 0.82
CA TYR E 104 26.91 18.67 -0.35
C TYR E 104 27.83 17.49 -0.63
N ILE E 105 28.63 17.10 0.37
CA ILE E 105 29.59 16.02 0.16
C ILE E 105 28.87 14.74 -0.27
N ALA E 106 27.61 14.57 0.12
CA ALA E 106 26.90 13.35 -0.24
C ALA E 106 26.63 13.27 -1.74
N ASN E 107 26.47 14.42 -2.40
CA ASN E 107 26.21 14.44 -3.84
C ASN E 107 27.48 14.59 -4.67
N ILE E 108 28.60 15.02 -4.07
CA ILE E 108 29.86 15.03 -4.79
C ILE E 108 30.20 13.62 -5.20
N LYS E 109 30.23 13.34 -6.50
CA LYS E 109 30.49 12.00 -6.98
C LYS E 109 32.00 11.83 -7.19
N LEU E 110 32.64 11.09 -6.29
CA LEU E 110 34.07 10.81 -6.30
C LEU E 110 34.35 9.33 -6.57
N PRO E 111 35.60 8.95 -6.79
CA PRO E 111 35.89 7.53 -7.03
C PRO E 111 35.98 6.79 -5.71
N LYS E 112 36.42 7.50 -4.68
CA LYS E 112 36.64 6.94 -3.37
C LYS E 112 36.22 7.92 -2.28
N LYS E 113 35.54 7.39 -1.27
CA LYS E 113 35.21 8.15 -0.06
C LYS E 113 35.65 7.33 1.15
N ARG E 114 36.09 8.04 2.20
CA ARG E 114 36.60 7.37 3.38
C ARG E 114 35.90 7.85 4.66
N GLY E 115 36.57 8.68 5.45
CA GLY E 115 36.00 9.10 6.73
C GLY E 115 36.55 10.43 7.20
N THR E 116 35.89 10.97 8.23
CA THR E 116 36.23 12.27 8.80
C THR E 116 36.08 13.37 7.75
N PHE E 117 34.88 13.45 7.18
CA PHE E 117 34.57 14.49 6.20
C PHE E 117 34.41 15.84 6.87
N ILE E 118 34.12 15.87 8.17
CA ILE E 118 34.03 17.10 8.95
C ILE E 118 34.88 16.92 10.19
N GLU E 119 35.90 17.74 10.35
CA GLU E 119 36.73 17.76 11.56
C GLU E 119 36.32 18.98 12.36
N PHE E 120 35.68 18.77 13.50
CA PHE E 120 35.19 19.85 14.34
C PHE E 120 36.29 20.21 15.34
N ARG E 121 36.98 21.31 15.07
CA ARG E 121 38.01 21.83 15.96
C ARG E 121 37.47 23.04 16.71
N ASN E 122 38.26 23.53 17.68
CA ASN E 122 37.80 24.61 18.52
C ASN E 122 37.71 25.93 17.76
N GLY E 123 38.51 26.08 16.71
CA GLY E 123 38.57 27.35 16.03
C GLY E 123 38.21 27.28 14.56
N MET E 124 37.82 26.09 14.09
CA MET E 124 37.57 25.94 12.67
C MET E 124 36.98 24.57 12.40
N LEU E 125 36.41 24.45 11.20
CA LEU E 125 35.95 23.18 10.67
C LEU E 125 36.80 22.85 9.45
N ASN E 126 37.18 21.58 9.31
CA ASN E 126 37.92 21.11 8.15
C ASN E 126 37.00 20.18 7.37
N VAL E 127 36.52 20.67 6.22
CA VAL E 127 35.58 19.93 5.38
C VAL E 127 36.33 19.34 4.20
N SER E 128 36.16 18.04 3.99
CA SER E 128 36.87 17.33 2.92
C SER E 128 35.88 16.43 2.18
N PRO E 129 35.75 16.58 0.86
CA PRO E 129 34.85 15.68 0.13
C PRO E 129 35.22 14.20 0.23
N ILE E 130 36.50 13.89 0.37
CA ILE E 130 36.96 12.51 0.40
C ILE E 130 37.13 11.98 1.82
N GLY E 131 37.55 12.85 2.72
CA GLY E 131 37.72 12.44 4.11
C GLY E 131 39.18 12.52 4.49
N ARG E 132 39.42 13.17 5.63
CA ARG E 132 40.80 13.44 6.05
C ARG E 132 41.53 12.18 6.50
N SER E 133 40.82 11.07 6.67
CA SER E 133 41.46 9.80 6.98
C SER E 133 42.06 9.12 5.75
N CYS E 134 41.86 9.67 4.56
CA CYS E 134 42.39 9.09 3.33
C CYS E 134 43.88 8.84 3.46
N SER E 135 44.41 7.89 2.70
CA SER E 135 45.83 7.60 2.68
C SER E 135 46.55 8.68 1.87
N GLN E 136 47.87 8.51 1.69
CA GLN E 136 48.61 9.43 0.85
C GLN E 136 48.30 9.19 -0.63
N GLU E 137 48.38 7.93 -1.06
CA GLU E 137 47.98 7.59 -2.43
C GLU E 137 46.61 8.14 -2.76
N GLU E 138 45.71 8.15 -1.78
CA GLU E 138 44.34 8.62 -2.00
C GLU E 138 44.25 10.15 -1.94
N ARG E 139 44.94 10.77 -0.98
CA ARG E 139 45.03 12.22 -0.94
C ARG E 139 45.42 12.77 -2.31
N ILE E 140 46.41 12.14 -2.94
CA ILE E 140 46.96 12.66 -4.19
C ILE E 140 46.00 12.42 -5.34
N GLU E 141 45.39 11.23 -5.39
CA GLU E 141 44.41 10.97 -6.44
C GLU E 141 43.29 12.02 -6.43
N PHE E 142 42.84 12.42 -5.23
CA PHE E 142 41.82 13.45 -5.18
C PHE E 142 42.37 14.80 -5.62
N TYR E 143 43.45 15.25 -4.98
CA TYR E 143 44.05 16.53 -5.34
C TYR E 143 44.21 16.66 -6.85
N GLU E 144 44.44 15.54 -7.54
CA GLU E 144 44.52 15.57 -8.99
C GLU E 144 43.13 15.79 -9.60
N LEU E 145 42.18 14.90 -9.30
CA LEU E 145 40.83 15.05 -9.82
C LEU E 145 40.28 16.44 -9.55
N ASP E 146 40.59 17.00 -8.37
CA ASP E 146 40.10 18.33 -8.02
C ASP E 146 40.78 19.41 -8.85
N LYS E 147 42.05 19.20 -9.21
CA LYS E 147 42.75 20.13 -10.10
C LYS E 147 42.14 20.13 -11.50
N LYS E 148 41.46 19.06 -11.89
CA LYS E 148 40.88 18.94 -13.21
C LYS E 148 39.38 19.18 -13.22
N GLU E 149 38.70 18.97 -12.10
CA GLU E 149 37.25 19.07 -12.01
C GLU E 149 36.80 20.18 -11.07
N HIS E 150 37.74 20.94 -10.50
CA HIS E 150 37.46 22.09 -9.66
C HIS E 150 36.31 21.81 -8.70
N ILE E 151 36.49 20.77 -7.89
CA ILE E 151 35.44 20.33 -6.97
C ILE E 151 35.43 21.21 -5.72
N ARG E 152 36.59 21.40 -5.10
CA ARG E 152 36.69 22.21 -3.90
C ARG E 152 36.39 23.69 -4.17
N GLN E 153 36.54 24.13 -5.42
CA GLN E 153 36.27 25.52 -5.76
C GLN E 153 34.78 25.77 -5.90
N LYS E 154 34.04 24.86 -6.55
CA LYS E 154 32.59 24.99 -6.54
C LYS E 154 32.04 24.89 -5.13
N PHE E 155 32.72 24.13 -4.26
CA PHE E 155 32.27 23.96 -2.88
C PHE E 155 32.49 25.23 -2.08
N VAL E 156 33.69 25.82 -2.20
CA VAL E 156 33.96 27.08 -1.51
C VAL E 156 33.08 28.19 -2.06
N ALA E 157 32.76 28.14 -3.35
CA ALA E 157 31.89 29.15 -3.93
C ALA E 157 30.46 28.98 -3.47
N ASP E 158 29.93 27.76 -3.62
CA ASP E 158 28.57 27.48 -3.17
C ASP E 158 28.39 27.75 -1.69
N LEU E 159 29.47 27.63 -0.90
CA LEU E 159 29.41 27.93 0.53
C LEU E 159 29.44 29.42 0.79
N ARG E 160 30.31 30.15 0.09
CA ARG E 160 30.39 31.61 0.25
C ARG E 160 29.06 32.28 -0.10
N LYS E 161 28.33 31.69 -1.05
CA LYS E 161 27.01 32.22 -1.40
C LYS E 161 25.98 31.90 -0.33
N GLU E 162 25.94 30.63 0.11
CA GLU E 162 24.95 30.21 1.10
C GLU E 162 25.10 30.97 2.41
N PHE E 163 26.34 31.20 2.85
CA PHE E 163 26.62 31.74 4.17
C PHE E 163 27.14 33.18 4.08
N ALA E 164 26.55 33.95 3.18
CA ALA E 164 26.94 35.34 2.99
C ALA E 164 26.46 36.20 4.14
N GLY E 165 27.33 37.10 4.61
CA GLY E 165 26.97 37.98 5.70
C GLY E 165 26.83 37.31 7.04
N LYS E 166 27.15 36.03 7.13
CA LYS E 166 27.01 35.25 8.36
C LYS E 166 28.32 35.20 9.14
N GLY E 167 29.31 35.97 8.75
CA GLY E 167 30.51 36.15 9.54
C GLY E 167 31.52 35.02 9.41
N LEU E 168 31.69 34.48 8.21
CA LEU E 168 32.52 33.30 8.00
C LEU E 168 33.49 33.50 6.86
N THR E 169 34.64 32.85 6.99
CA THR E 169 35.71 32.89 5.99
C THR E 169 35.94 31.47 5.50
N PHE E 170 35.79 31.27 4.19
CA PHE E 170 36.04 29.98 3.56
C PHE E 170 37.32 30.08 2.74
N SER E 171 38.13 29.02 2.80
CA SER E 171 39.41 28.98 2.10
C SER E 171 39.72 27.54 1.74
N ILE E 172 40.35 27.35 0.59
CA ILE E 172 40.87 26.04 0.21
C ILE E 172 42.16 25.81 0.99
N GLY E 173 42.29 24.62 1.57
CA GLY E 173 43.44 24.34 2.41
C GLY E 173 43.98 22.93 2.19
N GLY E 174 45.25 22.84 1.81
CA GLY E 174 45.86 21.55 1.58
C GLY E 174 45.45 20.97 0.24
N GLN E 175 45.37 19.64 0.19
CA GLN E 175 45.05 18.92 -1.03
C GLN E 175 43.64 18.35 -1.05
N ILE E 176 42.91 18.40 0.07
CA ILE E 176 41.65 17.68 0.15
C ILE E 176 40.61 18.42 0.99
N SER E 177 41.04 19.44 1.74
CA SER E 177 40.19 20.06 2.74
C SER E 177 39.79 21.48 2.34
N ILE E 178 38.77 21.99 3.03
CA ILE E 178 38.31 23.36 2.91
C ILE E 178 38.20 23.92 4.32
N ASP E 179 38.94 24.98 4.61
CA ASP E 179 38.95 25.54 5.96
C ASP E 179 37.77 26.48 6.13
N VAL E 180 37.04 26.32 7.23
CA VAL E 180 35.95 27.20 7.61
C VAL E 180 36.24 27.71 9.02
N PHE E 181 36.07 29.01 9.22
CA PHE E 181 36.31 29.61 10.53
C PHE E 181 35.68 31.00 10.53
N PRO E 182 35.41 31.57 11.71
CA PRO E 182 34.88 32.93 11.76
C PRO E 182 35.87 33.95 11.22
N GLU E 183 35.32 35.07 10.76
CA GLU E 183 36.16 36.16 10.29
C GLU E 183 37.08 36.63 11.41
N GLY E 184 38.37 36.75 11.10
CA GLY E 184 39.33 37.27 12.04
C GLY E 184 39.94 36.27 13.01
N TRP E 185 39.49 35.02 13.00
CA TRP E 185 40.04 34.01 13.92
C TRP E 185 41.35 33.40 13.41
N ASP E 186 42.21 34.23 12.82
CA ASP E 186 43.53 33.82 12.40
C ASP E 186 44.50 33.99 13.57
N LYS E 187 45.80 33.91 13.30
CA LYS E 187 46.78 33.96 14.38
C LYS E 187 46.62 35.19 15.25
N ARG E 188 46.02 36.26 14.73
CA ARG E 188 45.79 37.46 15.54
C ARG E 188 44.99 37.16 16.80
N TYR E 189 44.14 36.13 16.75
CA TYR E 189 43.23 35.89 17.87
C TYR E 189 43.99 35.74 19.19
N CYS E 190 45.20 35.18 19.15
CA CYS E 190 45.92 34.92 20.40
C CYS E 190 46.31 36.22 21.12
N LEU E 191 46.28 37.36 20.43
CA LEU E 191 46.63 38.62 21.07
C LEU E 191 45.63 39.04 22.15
N ARG E 192 44.39 38.51 22.11
CA ARG E 192 43.42 38.86 23.13
C ARG E 192 43.94 38.59 24.53
N HIS E 193 44.75 37.54 24.69
CA HIS E 193 45.28 37.15 26.00
C HIS E 193 46.50 37.94 26.43
N LEU E 194 46.94 38.91 25.61
CA LEU E 194 48.12 39.70 25.92
C LEU E 194 47.86 41.20 26.03
N GLU E 195 46.69 41.68 25.60
CA GLU E 195 46.47 43.12 25.53
C GLU E 195 46.61 43.78 26.89
N HIS E 196 46.20 43.08 27.96
CA HIS E 196 46.21 43.62 29.31
C HIS E 196 47.25 42.92 30.19
N ALA E 197 48.41 42.62 29.61
CA ALA E 197 49.52 42.02 30.35
C ALA E 197 50.68 42.96 30.57
N GLY E 198 50.81 44.01 29.76
CA GLY E 198 51.83 45.02 29.97
C GLY E 198 53.20 44.65 29.44
N TYR E 199 53.29 44.46 28.12
CA TYR E 199 54.54 44.09 27.47
C TYR E 199 55.02 45.26 26.63
N LYS E 200 56.27 45.69 26.84
CA LYS E 200 56.82 46.81 26.10
C LYS E 200 56.81 46.54 24.61
N THR E 201 57.11 45.31 24.21
CA THR E 201 57.08 44.95 22.80
C THR E 201 56.76 43.46 22.68
N ILE E 202 56.02 43.12 21.64
CA ILE E 202 55.71 41.75 21.28
C ILE E 202 56.29 41.53 19.89
N TYR E 203 57.46 40.89 19.83
CA TYR E 203 58.04 40.48 18.56
C TYR E 203 57.33 39.24 18.06
N PHE E 204 57.00 39.21 16.76
CA PHE E 204 56.40 38.05 16.13
C PHE E 204 57.31 37.54 15.02
N PHE E 205 57.40 36.22 14.89
CA PHE E 205 58.25 35.59 13.90
C PHE E 205 57.46 34.51 13.16
N GLY E 206 57.50 34.58 11.83
CA GLY E 206 56.79 33.59 11.02
C GLY E 206 57.44 33.45 9.66
N ASP E 207 57.10 32.36 8.99
CA ASP E 207 57.66 32.07 7.68
C ASP E 207 56.68 32.31 6.54
N LYS E 208 55.44 32.69 6.83
CA LYS E 208 54.42 32.89 5.81
C LYS E 208 53.76 34.25 6.01
N THR E 209 54.57 35.30 5.87
CA THR E 209 54.15 36.66 6.11
C THR E 209 53.56 37.34 4.88
N MET E 210 53.56 36.68 3.73
CA MET E 210 53.07 37.23 2.47
C MET E 210 51.56 37.08 2.38
N PRO E 211 50.90 37.64 1.35
CA PRO E 211 49.45 37.82 1.45
C PRO E 211 48.75 36.52 1.11
N GLY E 212 47.93 36.05 2.06
CA GLY E 212 47.37 34.72 2.00
C GLY E 212 48.18 33.69 2.74
N GLY E 213 49.13 34.08 3.57
CA GLY E 213 49.86 33.17 4.42
C GLY E 213 49.31 33.18 5.82
N ASN E 214 49.45 32.04 6.52
CA ASN E 214 48.86 31.95 7.85
C ASN E 214 49.55 32.84 8.87
N ASP E 215 50.61 33.56 8.50
CA ASP E 215 51.26 34.51 9.39
C ASP E 215 51.07 35.97 9.00
N HIS E 216 50.49 36.24 7.83
CA HIS E 216 50.46 37.60 7.32
C HIS E 216 49.70 38.52 8.27
N GLU E 217 48.46 38.16 8.61
CA GLU E 217 47.59 39.08 9.33
C GLU E 217 48.17 39.46 10.69
N ILE E 218 48.88 38.54 11.34
CA ILE E 218 49.54 38.89 12.60
C ILE E 218 50.84 39.67 12.32
N PHE E 219 51.51 39.38 11.20
CA PHE E 219 52.73 40.11 10.85
C PHE E 219 52.44 41.60 10.69
N THR E 220 51.39 41.94 9.94
CA THR E 220 51.02 43.32 9.70
C THR E 220 50.11 43.90 10.78
N ASP E 221 49.76 43.12 11.78
CA ASP E 221 48.97 43.67 12.87
C ASP E 221 49.82 44.69 13.63
N PRO E 222 49.29 45.88 13.92
CA PRO E 222 50.14 46.94 14.49
C PRO E 222 50.62 46.67 15.91
N ARG E 223 50.04 45.70 16.61
CA ARG E 223 50.46 45.40 17.97
C ARG E 223 51.72 44.54 18.02
N THR E 224 52.27 44.16 16.89
CA THR E 224 53.41 43.26 16.82
C THR E 224 54.49 43.81 15.90
N VAL E 225 55.73 43.73 16.35
CA VAL E 225 56.88 44.01 15.48
C VAL E 225 57.17 42.72 14.73
N GLY E 226 56.78 42.67 13.45
CA GLY E 226 56.85 41.44 12.69
C GLY E 226 58.18 41.27 12.00
N TYR E 227 58.75 40.07 12.12
CA TYR E 227 59.95 39.68 11.38
C TYR E 227 59.67 38.40 10.62
N THR E 228 60.14 38.33 9.39
CA THR E 228 59.96 37.16 8.54
C THR E 228 61.21 36.29 8.62
N VAL E 229 61.01 34.98 8.78
CA VAL E 229 62.10 34.03 8.88
C VAL E 229 61.97 33.03 7.74
N THR E 230 63.12 32.53 7.28
CA THR E 230 63.14 31.51 6.25
C THR E 230 63.19 30.09 6.83
N ALA E 231 63.82 29.92 8.00
CA ALA E 231 63.94 28.62 8.62
C ALA E 231 64.29 28.82 10.08
N PRO E 232 64.20 27.78 10.90
CA PRO E 232 64.49 27.94 12.34
C PRO E 232 65.81 28.60 12.63
N GLU E 233 66.83 28.36 11.80
CA GLU E 233 68.12 28.96 12.04
C GLU E 233 68.11 30.45 11.78
N ASP E 234 67.33 30.89 10.78
CA ASP E 234 67.13 32.32 10.57
C ASP E 234 66.38 32.96 11.73
N THR E 235 65.46 32.21 12.34
CA THR E 235 64.80 32.72 13.53
C THR E 235 65.78 32.88 14.67
N ARG E 236 66.71 31.93 14.80
CA ARG E 236 67.73 32.03 15.84
C ARG E 236 68.70 33.17 15.57
N ARG E 237 68.98 33.47 14.29
CA ARG E 237 69.91 34.54 13.95
C ARG E 237 69.29 35.91 14.24
N ILE E 238 68.05 36.12 13.79
CA ILE E 238 67.34 37.36 14.07
C ILE E 238 67.18 37.56 15.57
N CYS E 239 66.96 36.46 16.31
CA CYS E 239 66.83 36.57 17.77
C CYS E 239 68.19 36.78 18.44
N GLU E 240 69.24 36.15 17.93
CA GLU E 240 70.58 36.36 18.49
C GLU E 240 71.00 37.83 18.38
N GLY E 241 70.48 38.54 17.37
CA GLY E 241 70.76 39.94 17.21
C GLY E 241 69.86 40.84 18.03
N LEU E 242 68.57 40.51 18.07
CA LEU E 242 67.64 41.34 18.84
C LEU E 242 67.92 41.28 20.33
N PHE E 243 68.48 40.18 20.82
CA PHE E 243 68.75 39.98 22.25
C PHE E 243 70.19 39.53 22.42
N PRO E 244 71.16 40.44 22.20
CA PRO E 244 72.57 40.08 22.34
C PRO E 244 72.97 39.80 23.78
N MET F 3 -20.96 49.47 -20.42
CA MET F 3 -20.85 48.30 -21.33
C MET F 3 -22.02 48.24 -22.30
N ALA F 4 -21.99 49.10 -23.32
CA ALA F 4 -22.96 49.08 -24.40
C ALA F 4 -22.43 48.33 -25.61
N THR F 5 -21.37 47.55 -25.45
CA THR F 5 -20.78 46.76 -26.51
C THR F 5 -21.07 45.28 -26.27
N LEU F 6 -21.08 44.51 -27.37
CA LEU F 6 -21.27 43.06 -27.28
C LEU F 6 -20.44 42.40 -28.36
N CYS F 7 -19.58 41.47 -27.96
CA CYS F 7 -18.76 40.70 -28.89
C CYS F 7 -19.40 39.32 -29.05
N LEU F 8 -20.18 39.16 -30.11
CA LEU F 8 -20.90 37.91 -30.37
C LEU F 8 -20.00 36.99 -31.19
N PHE F 9 -19.48 35.95 -30.55
CA PHE F 9 -18.57 35.02 -31.20
C PHE F 9 -19.32 33.80 -31.72
N ASP F 10 -18.94 33.34 -32.90
CA ASP F 10 -19.22 31.96 -33.30
C ASP F 10 -18.27 31.05 -32.53
N MET F 11 -18.61 29.75 -32.47
CA MET F 11 -17.85 28.83 -31.64
C MET F 11 -16.79 28.07 -32.43
N ASP F 12 -17.21 27.07 -33.21
CA ASP F 12 -16.27 26.23 -33.95
C ASP F 12 -15.46 27.08 -34.93
N GLY F 13 -14.14 27.11 -34.73
CA GLY F 13 -13.25 27.90 -35.55
C GLY F 13 -12.95 29.27 -35.00
N THR F 14 -13.91 29.89 -34.31
CA THR F 14 -13.77 31.27 -33.85
C THR F 14 -13.24 31.33 -32.42
N LEU F 15 -13.92 30.69 -31.49
CA LEU F 15 -13.47 30.63 -30.11
C LEU F 15 -12.68 29.36 -29.82
N THR F 16 -13.09 28.24 -30.39
CA THR F 16 -12.45 26.96 -30.21
C THR F 16 -12.11 26.39 -31.59
N ALA F 17 -11.26 25.37 -31.60
CA ALA F 17 -11.01 24.64 -32.83
C ALA F 17 -12.24 23.82 -33.20
N PRO F 18 -12.35 23.39 -34.46
CA PRO F 18 -13.55 22.65 -34.88
C PRO F 18 -13.87 21.46 -33.98
N ARG F 19 -15.06 21.46 -33.39
CA ARG F 19 -15.55 20.35 -32.58
C ARG F 19 -14.62 20.01 -31.42
N GLN F 20 -13.81 20.96 -30.98
CA GLN F 20 -12.85 20.74 -29.90
C GLN F 20 -13.19 21.64 -28.72
N LYS F 21 -12.59 21.32 -27.58
CA LYS F 21 -12.80 22.12 -26.37
C LYS F 21 -12.02 23.43 -26.46
N ILE F 22 -12.49 24.41 -25.69
CA ILE F 22 -11.80 25.70 -25.63
C ILE F 22 -10.50 25.54 -24.84
N THR F 23 -9.47 26.27 -25.25
CA THR F 23 -8.22 26.29 -24.51
C THR F 23 -8.41 27.07 -23.21
N GLU F 24 -7.45 26.87 -22.29
CA GLU F 24 -7.48 27.61 -21.03
C GLU F 24 -6.97 29.04 -21.21
N GLU F 25 -6.01 29.24 -22.12
CA GLU F 25 -5.52 30.59 -22.39
C GLU F 25 -6.60 31.44 -23.05
N MET F 26 -7.34 30.85 -24.00
CA MET F 26 -8.46 31.56 -24.62
C MET F 26 -9.61 31.73 -23.63
N ASP F 27 -9.99 30.63 -22.98
CA ASP F 27 -11.07 30.71 -21.99
C ASP F 27 -10.75 31.76 -20.93
N GLY F 28 -9.47 32.04 -20.68
CA GLY F 28 -9.09 33.06 -19.73
C GLY F 28 -9.12 34.46 -20.30
N PHE F 29 -8.72 34.61 -21.57
CA PHE F 29 -8.71 35.92 -22.20
C PHE F 29 -10.12 36.48 -22.32
N LEU F 30 -11.09 35.64 -22.70
CA LEU F 30 -12.46 36.09 -22.86
C LEU F 30 -13.01 36.64 -21.55
N GLN F 31 -12.70 35.98 -20.43
CA GLN F 31 -13.25 36.39 -19.15
C GLN F 31 -12.64 37.70 -18.68
N LYS F 32 -11.43 38.03 -19.13
CA LYS F 32 -10.89 39.36 -18.89
C LYS F 32 -11.57 40.38 -19.83
N LEU F 33 -11.74 40.00 -21.10
CA LEU F 33 -12.48 40.84 -22.03
C LEU F 33 -13.93 41.03 -21.57
N ARG F 34 -14.47 40.08 -20.82
CA ARG F 34 -15.82 40.22 -20.27
C ARG F 34 -15.93 41.45 -19.37
N GLN F 35 -14.81 41.97 -18.87
CA GLN F 35 -14.85 43.22 -18.13
C GLN F 35 -14.93 44.41 -19.07
N LYS F 36 -14.39 44.28 -20.28
CA LYS F 36 -14.41 45.37 -21.26
C LYS F 36 -15.76 45.47 -21.94
N THR F 37 -16.30 44.32 -22.37
CA THR F 37 -17.58 44.26 -23.08
C THR F 37 -18.25 42.93 -22.74
N LYS F 38 -19.58 42.91 -22.83
CA LYS F 38 -20.29 41.64 -22.73
C LYS F 38 -19.83 40.72 -23.85
N ILE F 39 -19.76 39.41 -23.56
CA ILE F 39 -19.37 38.43 -24.55
C ILE F 39 -20.56 37.51 -24.80
N GLY F 40 -20.55 36.86 -25.97
CA GLY F 40 -21.65 35.99 -26.35
C GLY F 40 -21.15 34.90 -27.27
N VAL F 41 -21.89 33.78 -27.27
CA VAL F 41 -21.57 32.63 -28.12
C VAL F 41 -22.84 32.16 -28.82
N VAL F 42 -22.71 31.84 -30.11
CA VAL F 42 -23.78 31.26 -30.90
C VAL F 42 -23.19 30.16 -31.75
N GLY F 43 -23.97 29.11 -31.96
CA GLY F 43 -23.56 28.02 -32.83
C GLY F 43 -24.77 27.23 -33.26
N GLY F 44 -24.55 26.32 -34.21
CA GLY F 44 -25.59 25.41 -34.61
C GLY F 44 -25.79 24.24 -33.66
N SER F 45 -24.80 23.98 -32.81
CA SER F 45 -24.88 22.88 -31.86
C SER F 45 -25.88 23.18 -30.75
N ASP F 46 -26.35 22.12 -30.09
CA ASP F 46 -27.34 22.26 -29.03
C ASP F 46 -26.66 22.51 -27.69
N PHE F 47 -27.48 22.78 -26.67
CA PHE F 47 -26.95 23.22 -25.39
C PHE F 47 -25.93 22.25 -24.83
N GLU F 48 -26.09 20.95 -25.11
CA GLU F 48 -25.18 19.96 -24.54
C GLU F 48 -23.82 19.98 -25.23
N LYS F 49 -23.81 20.09 -26.57
CA LYS F 49 -22.54 20.18 -27.27
C LYS F 49 -21.79 21.46 -26.93
N LEU F 50 -22.50 22.55 -26.69
CA LEU F 50 -21.85 23.77 -26.23
C LEU F 50 -21.26 23.59 -24.84
N GLN F 51 -21.89 22.76 -24.00
CA GLN F 51 -21.39 22.55 -22.65
C GLN F 51 -20.10 21.74 -22.64
N GLU F 52 -19.94 20.80 -23.57
CA GLU F 52 -18.71 20.03 -23.65
C GLU F 52 -17.50 20.93 -23.91
N GLN F 53 -17.59 21.78 -24.93
CA GLN F 53 -16.41 22.50 -25.39
C GLN F 53 -16.08 23.70 -24.51
N LEU F 54 -17.06 24.56 -24.28
CA LEU F 54 -16.82 25.82 -23.58
C LEU F 54 -16.92 25.70 -22.07
N GLY F 55 -17.23 24.52 -21.55
CA GLY F 55 -17.37 24.33 -20.13
C GLY F 55 -18.82 24.14 -19.71
N ASN F 56 -19.07 23.14 -18.85
CA ASN F 56 -20.43 22.89 -18.40
C ASN F 56 -21.06 24.13 -17.75
N ASP F 57 -20.24 25.06 -17.28
CA ASP F 57 -20.72 26.36 -16.80
C ASP F 57 -20.89 27.37 -17.92
N VAL F 58 -21.27 26.91 -19.11
CA VAL F 58 -21.33 27.80 -20.28
C VAL F 58 -22.23 29.00 -19.99
N VAL F 59 -23.44 28.75 -19.49
CA VAL F 59 -24.41 29.81 -19.28
C VAL F 59 -23.88 30.90 -18.36
N GLU F 60 -22.83 30.62 -17.58
CA GLU F 60 -22.34 31.54 -16.57
C GLU F 60 -21.03 32.22 -16.94
N LYS F 61 -20.30 31.69 -17.93
CA LYS F 61 -19.06 32.30 -18.42
C LYS F 61 -19.25 32.95 -19.79
N TYR F 62 -20.43 33.51 -20.02
CA TYR F 62 -20.79 34.21 -21.25
C TYR F 62 -22.10 34.95 -20.96
N ASP F 63 -22.16 36.25 -21.18
CA ASP F 63 -23.39 36.98 -20.88
C ASP F 63 -24.51 36.67 -21.87
N TYR F 64 -24.25 35.84 -22.88
CA TYR F 64 -25.28 35.36 -23.80
C TYR F 64 -24.84 34.01 -24.34
N VAL F 65 -25.80 33.10 -24.50
CA VAL F 65 -25.53 31.77 -25.06
C VAL F 65 -26.69 31.41 -25.98
N PHE F 66 -26.37 31.13 -27.24
CA PHE F 66 -27.38 30.94 -28.28
C PHE F 66 -27.14 29.61 -28.98
N PRO F 67 -27.51 28.50 -28.34
CA PRO F 67 -27.48 27.21 -29.04
C PRO F 67 -28.49 27.19 -30.18
N GLU F 68 -28.25 26.28 -31.13
CA GLU F 68 -29.16 26.08 -32.25
C GLU F 68 -29.45 27.41 -32.96
N ASN F 69 -28.38 28.15 -33.24
CA ASN F 69 -28.46 29.45 -33.92
C ASN F 69 -29.39 30.41 -33.19
N GLY F 70 -29.53 30.24 -31.87
CA GLY F 70 -30.37 31.11 -31.08
C GLY F 70 -31.80 30.64 -30.92
N LEU F 71 -32.15 29.48 -31.46
CA LEU F 71 -33.47 28.91 -31.17
C LEU F 71 -33.61 28.64 -29.68
N VAL F 72 -32.55 28.15 -29.05
CA VAL F 72 -32.40 28.14 -27.60
C VAL F 72 -31.55 29.34 -27.23
N ALA F 73 -31.95 30.06 -26.19
CA ALA F 73 -31.30 31.33 -25.85
C ALA F 73 -31.22 31.50 -24.34
N TYR F 74 -30.04 31.87 -23.86
CA TYR F 74 -29.81 32.20 -22.46
C TYR F 74 -29.26 33.62 -22.37
N LYS F 75 -29.63 34.32 -21.29
CA LYS F 75 -29.08 35.65 -21.03
C LYS F 75 -28.79 35.80 -19.55
N ASP F 76 -27.57 36.22 -19.24
CA ASP F 76 -27.15 36.52 -17.86
C ASP F 76 -27.56 35.42 -16.90
N GLY F 77 -27.23 34.18 -17.28
CA GLY F 77 -27.44 33.02 -16.44
C GLY F 77 -28.77 32.32 -16.63
N LYS F 78 -29.82 33.05 -16.98
CA LYS F 78 -31.17 32.51 -17.05
C LYS F 78 -31.59 32.21 -18.47
N LEU F 79 -32.60 31.36 -18.61
CA LEU F 79 -33.20 31.07 -19.90
C LEU F 79 -34.10 32.22 -20.32
N LEU F 80 -34.01 32.61 -21.58
CA LEU F 80 -34.82 33.67 -22.15
C LEU F 80 -35.97 33.15 -23.00
N CYS F 81 -35.69 32.31 -23.98
CA CYS F 81 -36.72 31.81 -24.89
C CYS F 81 -36.25 30.48 -25.47
N LYS F 82 -37.22 29.62 -25.76
CA LYS F 82 -36.97 28.34 -26.41
C LYS F 82 -38.01 28.13 -27.48
N GLN F 83 -37.57 27.77 -28.68
CA GLN F 83 -38.45 27.65 -29.84
C GLN F 83 -37.90 26.54 -30.72
N ASN F 84 -38.81 25.85 -31.40
CA ASN F 84 -38.41 24.88 -32.40
C ASN F 84 -39.30 25.04 -33.63
N ILE F 85 -39.02 24.21 -34.63
CA ILE F 85 -39.69 24.34 -35.92
C ILE F 85 -41.19 24.17 -35.78
N GLN F 86 -41.61 23.18 -34.98
CA GLN F 86 -43.03 22.85 -34.87
C GLN F 86 -43.81 23.87 -34.03
N GLY F 87 -43.12 24.62 -33.17
CA GLY F 87 -43.79 25.69 -32.43
C GLY F 87 -44.02 26.93 -33.26
N HIS F 88 -43.19 27.15 -34.29
CA HIS F 88 -43.30 28.30 -35.18
C HIS F 88 -44.25 28.05 -36.34
N LEU F 89 -44.10 26.90 -37.01
CA LEU F 89 -44.93 26.61 -38.18
C LEU F 89 -46.27 26.02 -37.78
N GLY F 90 -46.34 25.36 -36.64
CA GLY F 90 -47.56 24.71 -36.22
C GLY F 90 -47.57 23.24 -36.56
N GLU F 91 -48.03 22.40 -35.64
CA GLU F 91 -47.97 20.97 -35.86
C GLU F 91 -48.65 20.56 -37.17
N ASP F 92 -49.70 21.28 -37.57
CA ASP F 92 -50.44 20.88 -38.76
C ASP F 92 -49.64 21.13 -40.04
N VAL F 93 -48.96 22.28 -40.13
CA VAL F 93 -48.15 22.56 -41.31
C VAL F 93 -46.92 21.65 -41.36
N ILE F 94 -46.45 21.22 -40.19
CA ILE F 94 -45.35 20.26 -40.13
C ILE F 94 -45.74 18.97 -40.85
N GLN F 95 -46.94 18.45 -40.56
CA GLN F 95 -47.38 17.20 -41.16
C GLN F 95 -47.74 17.39 -42.63
N ASP F 96 -48.24 18.57 -43.00
CA ASP F 96 -48.52 18.84 -44.41
C ASP F 96 -47.24 18.78 -45.25
N LEU F 97 -46.13 19.27 -44.69
CA LEU F 97 -44.87 19.24 -45.44
C LEU F 97 -44.21 17.87 -45.39
N ILE F 98 -44.30 17.17 -44.25
CA ILE F 98 -43.73 15.83 -44.16
C ILE F 98 -44.38 14.90 -45.17
N ASN F 99 -45.69 15.02 -45.34
CA ASN F 99 -46.40 14.09 -46.22
C ASN F 99 -46.14 14.39 -47.69
N TYR F 100 -45.97 15.65 -48.06
CA TYR F 100 -45.61 15.97 -49.43
C TYR F 100 -44.22 15.42 -49.77
N CYS F 101 -43.30 15.42 -48.80
CA CYS F 101 -41.95 14.93 -49.07
C CYS F 101 -41.93 13.41 -49.15
N LEU F 102 -42.58 12.72 -48.20
CA LEU F 102 -42.69 11.27 -48.27
C LEU F 102 -43.32 10.85 -49.58
N SER F 103 -44.49 11.43 -49.91
CA SER F 103 -45.17 11.07 -51.14
C SER F 103 -44.32 11.41 -52.36
N TYR F 104 -43.75 12.62 -52.39
CA TYR F 104 -42.89 12.99 -53.50
C TYR F 104 -41.78 11.95 -53.66
N ILE F 105 -41.03 11.68 -52.59
CA ILE F 105 -39.87 10.79 -52.70
C ILE F 105 -40.28 9.38 -53.13
N ALA F 106 -41.48 8.93 -52.74
CA ALA F 106 -41.91 7.59 -53.13
C ALA F 106 -41.98 7.45 -54.64
N ASN F 107 -42.43 8.52 -55.33
CA ASN F 107 -42.62 8.46 -56.78
C ASN F 107 -41.34 8.69 -57.56
N ILE F 108 -40.27 9.16 -56.92
CA ILE F 108 -38.97 9.21 -57.59
C ILE F 108 -38.50 7.79 -57.84
N LYS F 109 -37.69 7.61 -58.87
CA LYS F 109 -37.12 6.32 -59.24
C LYS F 109 -35.61 6.45 -59.16
N LEU F 110 -35.00 5.93 -58.09
CA LEU F 110 -33.55 5.97 -57.91
C LEU F 110 -32.96 4.56 -57.95
N PRO F 111 -31.67 4.41 -58.27
CA PRO F 111 -31.12 3.05 -58.31
C PRO F 111 -31.14 2.40 -56.95
N LYS F 112 -30.91 3.16 -55.89
CA LYS F 112 -30.87 2.66 -54.54
C LYS F 112 -31.48 3.69 -53.60
N LYS F 113 -32.32 3.21 -52.69
CA LYS F 113 -32.91 4.02 -51.62
C LYS F 113 -32.65 3.32 -50.30
N ARG F 114 -32.43 4.11 -49.25
CA ARG F 114 -32.06 3.54 -47.95
C ARG F 114 -33.00 4.02 -46.84
N GLY F 115 -32.48 4.81 -45.89
CA GLY F 115 -33.27 5.20 -44.75
C GLY F 115 -32.98 6.62 -44.33
N THR F 116 -33.79 7.10 -43.38
CA THR F 116 -33.70 8.48 -42.89
C THR F 116 -33.91 9.47 -44.04
N PHE F 117 -34.99 9.26 -44.79
CA PHE F 117 -35.33 10.16 -45.88
C PHE F 117 -35.70 11.54 -45.36
N ILE F 118 -36.33 11.61 -44.18
CA ILE F 118 -36.64 12.87 -43.51
C ILE F 118 -35.91 12.86 -42.17
N GLU F 119 -35.27 13.97 -41.84
CA GLU F 119 -34.53 14.11 -40.58
C GLU F 119 -35.02 15.36 -39.87
N PHE F 120 -35.71 15.15 -38.74
CA PHE F 120 -36.30 16.24 -37.99
C PHE F 120 -35.29 16.87 -37.04
N ARG F 121 -35.30 18.20 -36.98
CA ARG F 121 -34.40 18.94 -36.12
C ARG F 121 -35.14 20.15 -35.58
N ASN F 122 -34.66 20.66 -34.44
CA ASN F 122 -35.38 21.75 -33.78
C ASN F 122 -35.55 22.97 -34.69
N GLY F 123 -34.71 23.13 -35.69
CA GLY F 123 -34.76 24.33 -36.51
C GLY F 123 -34.75 24.11 -38.00
N MET F 124 -34.88 22.85 -38.44
CA MET F 124 -34.87 22.57 -39.87
C MET F 124 -35.33 21.15 -40.12
N LEU F 125 -35.53 20.84 -41.40
CA LEU F 125 -35.90 19.50 -41.86
C LEU F 125 -34.99 19.13 -43.03
N ASN F 126 -34.19 18.08 -42.86
CA ASN F 126 -33.25 17.64 -43.88
C ASN F 126 -33.88 16.50 -44.68
N VAL F 127 -34.50 16.86 -45.80
CA VAL F 127 -35.16 15.89 -46.68
C VAL F 127 -34.15 15.42 -47.71
N SER F 128 -34.02 14.09 -47.84
CA SER F 128 -33.10 13.49 -48.81
C SER F 128 -33.85 12.43 -49.62
N PRO F 129 -33.76 12.46 -50.95
CA PRO F 129 -34.40 11.38 -51.74
C PRO F 129 -33.79 10.01 -51.49
N ILE F 130 -32.48 9.94 -51.28
CA ILE F 130 -31.81 8.65 -51.08
C ILE F 130 -31.77 8.25 -49.62
N GLY F 131 -31.93 9.19 -48.69
CA GLY F 131 -31.84 8.89 -47.27
C GLY F 131 -30.46 9.14 -46.73
N ARG F 132 -30.38 9.83 -45.59
CA ARG F 132 -29.10 10.21 -45.01
C ARG F 132 -28.29 9.01 -44.52
N SER F 133 -28.87 7.81 -44.53
CA SER F 133 -28.20 6.62 -44.02
C SER F 133 -27.34 5.92 -45.05
N CYS F 134 -27.37 6.34 -46.32
CA CYS F 134 -26.61 5.64 -47.34
C CYS F 134 -25.12 5.72 -47.03
N SER F 135 -24.35 4.84 -47.67
CA SER F 135 -22.91 4.85 -47.51
C SER F 135 -22.30 6.05 -48.23
N GLN F 136 -21.00 6.25 -48.02
CA GLN F 136 -20.29 7.23 -48.85
C GLN F 136 -20.42 6.85 -50.33
N GLU F 137 -19.93 5.66 -50.70
CA GLU F 137 -20.04 5.17 -52.06
C GLU F 137 -21.43 5.45 -52.63
N GLU F 138 -22.47 5.02 -51.91
CA GLU F 138 -23.83 5.27 -52.38
C GLU F 138 -24.12 6.77 -52.49
N ARG F 139 -23.50 7.58 -51.61
CA ARG F 139 -23.72 9.01 -51.65
C ARG F 139 -23.21 9.61 -52.95
N ILE F 140 -22.00 9.22 -53.36
CA ILE F 140 -21.40 9.78 -54.57
C ILE F 140 -22.23 9.41 -55.79
N GLU F 141 -22.85 8.23 -55.76
CA GLU F 141 -23.65 7.75 -56.89
C GLU F 141 -24.91 8.57 -57.08
N PHE F 142 -25.49 9.07 -55.98
CA PHE F 142 -26.65 9.96 -56.10
C PHE F 142 -26.24 11.35 -56.54
N TYR F 143 -25.11 11.83 -56.03
CA TYR F 143 -24.62 13.17 -56.37
C TYR F 143 -24.51 13.35 -57.88
N GLU F 144 -23.76 12.44 -58.53
CA GLU F 144 -23.54 12.57 -59.97
C GLU F 144 -24.82 12.34 -60.76
N LEU F 145 -25.69 11.45 -60.29
CA LEU F 145 -26.98 11.25 -60.95
C LEU F 145 -27.89 12.46 -60.77
N ASP F 146 -27.78 13.15 -59.63
CA ASP F 146 -28.55 14.36 -59.41
C ASP F 146 -28.10 15.48 -60.34
N LYS F 147 -26.84 15.46 -60.77
CA LYS F 147 -26.35 16.48 -61.69
C LYS F 147 -27.01 16.34 -63.06
N LYS F 148 -27.02 15.13 -63.61
CA LYS F 148 -27.60 14.91 -64.94
C LYS F 148 -29.12 14.91 -64.90
N GLU F 149 -29.70 14.13 -63.97
CA GLU F 149 -31.16 14.04 -63.89
C GLU F 149 -31.79 15.27 -63.27
N HIS F 150 -31.05 15.97 -62.40
CA HIS F 150 -31.56 17.18 -61.74
C HIS F 150 -32.68 16.84 -60.76
N ILE F 151 -32.51 15.76 -60.01
CA ILE F 151 -33.57 15.28 -59.12
C ILE F 151 -33.91 16.34 -58.08
N ARG F 152 -32.95 16.67 -57.21
CA ARG F 152 -33.19 17.67 -56.19
C ARG F 152 -33.66 19.00 -56.78
N GLN F 153 -33.17 19.32 -57.99
CA GLN F 153 -33.49 20.62 -58.59
C GLN F 153 -34.99 20.80 -58.75
N LYS F 154 -35.65 19.85 -59.42
CA LYS F 154 -37.11 19.81 -59.39
C LYS F 154 -37.59 19.91 -57.95
N PHE F 155 -37.28 18.89 -57.15
CA PHE F 155 -37.85 18.75 -55.82
C PHE F 155 -37.87 20.08 -55.08
N VAL F 156 -36.73 20.76 -55.00
CA VAL F 156 -36.72 22.06 -54.33
C VAL F 156 -37.64 23.03 -55.02
N ALA F 157 -37.71 22.96 -56.36
CA ALA F 157 -38.58 23.86 -57.11
C ALA F 157 -40.05 23.51 -56.90
N ASP F 158 -40.43 22.21 -56.98
CA ASP F 158 -41.83 21.90 -56.73
C ASP F 158 -42.22 22.27 -55.30
N LEU F 159 -41.28 22.15 -54.34
CA LEU F 159 -41.59 22.50 -52.96
C LEU F 159 -41.81 23.99 -52.81
N ARG F 160 -40.87 24.80 -53.33
CA ARG F 160 -40.95 26.25 -53.18
C ARG F 160 -42.32 26.78 -53.63
N LYS F 161 -42.96 26.09 -54.58
CA LYS F 161 -44.29 26.47 -55.04
C LYS F 161 -45.38 25.82 -54.19
N GLU F 162 -45.25 24.53 -53.90
CA GLU F 162 -46.27 23.83 -53.12
C GLU F 162 -46.58 24.57 -51.82
N PHE F 163 -45.54 25.03 -51.12
CA PHE F 163 -45.70 25.66 -49.81
C PHE F 163 -45.41 27.15 -49.85
N ALA F 164 -45.39 27.74 -51.04
CA ALA F 164 -45.18 29.18 -51.16
C ALA F 164 -46.12 29.93 -50.22
N GLY F 165 -45.58 30.96 -49.56
CA GLY F 165 -46.35 31.73 -48.61
C GLY F 165 -46.47 31.14 -47.23
N LYS F 166 -45.87 29.96 -46.99
CA LYS F 166 -45.86 29.35 -45.67
C LYS F 166 -44.65 29.76 -44.84
N GLY F 167 -44.03 30.90 -45.17
CA GLY F 167 -42.90 31.40 -44.42
C GLY F 167 -41.74 30.44 -44.32
N LEU F 168 -41.40 29.77 -45.42
CA LEU F 168 -40.42 28.70 -45.41
C LEU F 168 -39.40 28.89 -46.52
N THR F 169 -38.21 28.34 -46.29
CA THR F 169 -37.12 28.35 -47.26
C THR F 169 -36.71 26.93 -47.59
N PHE F 170 -36.62 26.63 -48.88
CA PHE F 170 -36.14 25.35 -49.39
C PHE F 170 -34.84 25.57 -50.13
N SER F 171 -33.95 24.58 -50.09
CA SER F 171 -32.58 24.82 -50.56
C SER F 171 -31.74 23.55 -50.65
N ILE F 172 -31.18 23.28 -51.84
CA ILE F 172 -30.25 22.18 -52.00
C ILE F 172 -29.18 22.28 -50.93
N GLY F 173 -28.84 21.14 -50.34
CA GLY F 173 -27.81 21.08 -49.32
C GLY F 173 -26.88 19.91 -49.50
N GLY F 174 -25.59 20.19 -49.71
CA GLY F 174 -24.62 19.13 -49.82
C GLY F 174 -24.85 18.26 -51.05
N GLN F 175 -24.66 16.95 -50.88
CA GLN F 175 -24.67 16.01 -51.99
C GLN F 175 -26.01 15.34 -52.20
N ILE F 176 -26.81 15.14 -51.13
CA ILE F 176 -28.02 14.33 -51.25
C ILE F 176 -29.26 14.93 -50.59
N SER F 177 -29.07 15.95 -49.74
CA SER F 177 -30.17 16.44 -48.92
C SER F 177 -30.75 17.74 -49.46
N ILE F 178 -31.89 18.14 -48.88
CA ILE F 178 -32.53 19.42 -49.16
C ILE F 178 -32.95 20.02 -47.82
N ASP F 179 -32.60 21.27 -47.59
CA ASP F 179 -32.85 21.92 -46.31
C ASP F 179 -34.17 22.68 -46.35
N VAL F 180 -34.99 22.47 -45.32
CA VAL F 180 -36.29 23.12 -45.20
C VAL F 180 -36.33 23.76 -43.83
N PHE F 181 -36.32 25.09 -43.79
CA PHE F 181 -36.28 25.82 -42.53
C PHE F 181 -36.96 27.17 -42.71
N PRO F 182 -37.54 27.73 -41.65
CA PRO F 182 -38.21 29.03 -41.78
C PRO F 182 -37.24 30.13 -42.22
N GLU F 183 -37.83 31.19 -42.76
CA GLU F 183 -37.04 32.29 -43.33
C GLU F 183 -36.31 33.04 -42.21
N GLY F 184 -35.00 33.12 -42.31
CA GLY F 184 -34.19 33.79 -41.32
C GLY F 184 -33.81 32.92 -40.14
N TRP F 185 -33.79 31.61 -40.31
CA TRP F 185 -33.44 30.69 -39.24
C TRP F 185 -32.01 30.18 -39.39
N ASP F 186 -31.09 31.12 -39.61
CA ASP F 186 -29.66 30.88 -39.55
C ASP F 186 -29.13 31.60 -38.31
N LYS F 187 -27.80 31.79 -38.25
CA LYS F 187 -27.23 32.47 -37.09
C LYS F 187 -27.92 33.80 -36.80
N ARG F 188 -28.61 34.38 -37.80
CA ARG F 188 -29.26 35.67 -37.59
C ARG F 188 -30.40 35.61 -36.58
N TYR F 189 -31.03 34.43 -36.44
CA TYR F 189 -32.11 34.30 -35.46
C TYR F 189 -31.68 34.83 -34.11
N CYS F 190 -30.44 34.57 -33.71
CA CYS F 190 -29.96 35.01 -32.41
C CYS F 190 -30.09 36.52 -32.23
N LEU F 191 -30.06 37.28 -33.33
CA LEU F 191 -30.07 38.74 -33.23
C LEU F 191 -31.38 39.28 -32.66
N ARG F 192 -32.46 38.49 -32.69
CA ARG F 192 -33.74 38.95 -32.19
C ARG F 192 -33.75 39.13 -30.68
N HIS F 193 -32.85 38.46 -29.96
CA HIS F 193 -32.74 38.60 -28.52
C HIS F 193 -31.81 39.72 -28.11
N LEU F 194 -31.33 40.53 -29.06
CA LEU F 194 -30.35 41.56 -28.75
C LEU F 194 -30.75 42.92 -29.31
N GLU F 195 -31.54 42.94 -30.38
CA GLU F 195 -31.87 44.17 -31.09
C GLU F 195 -32.17 45.31 -30.12
N HIS F 196 -33.13 45.08 -29.23
CA HIS F 196 -33.68 46.13 -28.37
C HIS F 196 -32.88 46.32 -27.09
N ALA F 197 -31.87 45.49 -26.84
CA ALA F 197 -31.01 45.68 -25.68
C ALA F 197 -30.29 47.02 -25.72
N GLY F 198 -30.23 47.67 -26.89
CA GLY F 198 -29.61 48.97 -27.00
C GLY F 198 -28.10 48.97 -26.99
N TYR F 199 -27.48 47.86 -27.35
CA TYR F 199 -26.03 47.82 -27.45
C TYR F 199 -25.56 48.77 -28.55
N LYS F 200 -24.68 49.71 -28.19
CA LYS F 200 -24.15 50.64 -29.18
C LYS F 200 -23.61 49.90 -30.39
N THR F 201 -22.80 48.87 -30.16
CA THR F 201 -22.23 48.06 -31.23
C THR F 201 -22.31 46.58 -30.87
N ILE F 202 -22.65 45.77 -31.86
CA ILE F 202 -22.62 44.32 -31.72
C ILE F 202 -21.53 43.78 -32.63
N TYR F 203 -20.32 43.64 -32.08
CA TYR F 203 -19.20 43.06 -32.82
C TYR F 203 -19.44 41.57 -33.01
N PHE F 204 -19.53 41.13 -34.26
CA PHE F 204 -19.62 39.71 -34.56
C PHE F 204 -18.28 39.20 -35.07
N PHE F 205 -17.92 37.98 -34.66
CA PHE F 205 -16.69 37.33 -35.08
C PHE F 205 -17.04 35.93 -35.59
N GLY F 206 -16.57 35.61 -36.80
CA GLY F 206 -16.86 34.32 -37.39
C GLY F 206 -15.79 33.97 -38.41
N ASP F 207 -15.74 32.69 -38.75
CA ASP F 207 -14.71 32.17 -39.64
C ASP F 207 -15.23 31.76 -41.02
N LYS F 208 -16.53 31.65 -41.20
CA LYS F 208 -17.13 31.29 -42.48
C LYS F 208 -18.04 32.43 -42.93
N THR F 209 -17.43 33.57 -43.26
CA THR F 209 -18.18 34.78 -43.58
C THR F 209 -18.46 34.94 -45.08
N MET F 210 -17.88 34.11 -45.93
CA MET F 210 -18.18 34.18 -47.35
C MET F 210 -19.52 33.51 -47.64
N PRO F 211 -20.16 33.87 -48.76
CA PRO F 211 -21.44 33.25 -49.10
C PRO F 211 -21.35 31.74 -49.07
N GLY F 212 -22.36 31.11 -48.48
CA GLY F 212 -22.35 29.70 -48.20
C GLY F 212 -21.86 29.35 -46.81
N GLY F 213 -20.96 30.15 -46.26
CA GLY F 213 -20.55 29.95 -44.89
C GLY F 213 -21.67 30.29 -43.92
N ASN F 214 -21.66 29.60 -42.77
CA ASN F 214 -22.74 29.75 -41.79
C ASN F 214 -22.63 31.03 -40.99
N ASP F 215 -21.60 31.86 -41.23
CA ASP F 215 -21.51 33.18 -40.62
C ASP F 215 -21.84 34.30 -41.59
N HIS F 216 -22.16 33.97 -42.84
CA HIS F 216 -22.23 35.01 -43.87
C HIS F 216 -23.42 35.94 -43.65
N GLU F 217 -24.58 35.39 -43.27
CA GLU F 217 -25.77 36.21 -43.14
C GLU F 217 -25.69 37.11 -41.91
N ILE F 218 -25.27 36.56 -40.76
CA ILE F 218 -25.10 37.38 -39.57
C ILE F 218 -23.98 38.40 -39.78
N PHE F 219 -22.90 37.98 -40.45
CA PHE F 219 -21.79 38.90 -40.75
C PHE F 219 -22.27 40.08 -41.58
N THR F 220 -22.90 39.80 -42.72
CA THR F 220 -23.35 40.85 -43.62
C THR F 220 -24.52 41.67 -43.05
N ASP F 221 -25.09 41.22 -41.94
CA ASP F 221 -26.24 41.92 -41.38
C ASP F 221 -25.86 43.33 -40.94
N PRO F 222 -26.68 44.35 -41.25
CA PRO F 222 -26.35 45.70 -40.79
C PRO F 222 -26.47 45.89 -39.28
N ARG F 223 -27.06 44.94 -38.56
CA ARG F 223 -27.12 45.04 -37.11
C ARG F 223 -25.81 44.64 -36.45
N THR F 224 -24.87 44.07 -37.21
CA THR F 224 -23.60 43.60 -36.68
C THR F 224 -22.44 44.35 -37.33
N VAL F 225 -21.34 44.42 -36.60
CA VAL F 225 -20.07 44.87 -37.14
C VAL F 225 -19.18 43.63 -37.23
N GLY F 226 -19.18 42.99 -38.40
CA GLY F 226 -18.52 41.69 -38.52
C GLY F 226 -17.02 41.82 -38.72
N TYR F 227 -16.29 40.91 -38.08
CA TYR F 227 -14.86 40.71 -38.32
C TYR F 227 -14.64 39.25 -38.64
N THR F 228 -14.08 38.97 -39.80
CA THR F 228 -13.73 37.60 -40.17
C THR F 228 -12.47 37.18 -39.42
N VAL F 229 -12.46 35.94 -38.93
CA VAL F 229 -11.35 35.40 -38.18
C VAL F 229 -10.83 34.15 -38.88
N THR F 230 -9.54 33.88 -38.69
CA THR F 230 -8.91 32.67 -39.20
C THR F 230 -8.81 31.56 -38.16
N ALA F 231 -8.64 31.91 -36.89
CA ALA F 231 -8.52 30.92 -35.82
C ALA F 231 -8.72 31.64 -34.50
N PRO F 232 -8.89 30.89 -33.40
CA PRO F 232 -9.04 31.54 -32.09
C PRO F 232 -7.98 32.58 -31.80
N GLU F 233 -6.74 32.35 -32.24
CA GLU F 233 -5.67 33.32 -32.00
C GLU F 233 -5.90 34.60 -32.79
N ASP F 234 -6.47 34.48 -33.99
CA ASP F 234 -6.93 35.65 -34.73
C ASP F 234 -8.03 36.37 -33.96
N THR F 235 -9.06 35.61 -33.56
CA THR F 235 -10.13 36.17 -32.74
C THR F 235 -9.57 36.90 -31.52
N ARG F 236 -8.45 36.43 -30.99
CA ARG F 236 -7.77 37.14 -29.92
C ARG F 236 -7.28 38.49 -30.44
N ARG F 237 -6.29 38.44 -31.33
CA ARG F 237 -5.70 39.65 -31.91
C ARG F 237 -6.73 40.71 -32.23
N ILE F 238 -7.77 40.34 -32.99
CA ILE F 238 -8.79 41.32 -33.38
C ILE F 238 -9.43 41.92 -32.14
N CYS F 239 -9.85 41.07 -31.21
CA CYS F 239 -10.50 41.55 -29.99
C CYS F 239 -9.59 42.49 -29.20
N GLU F 240 -8.28 42.23 -29.22
CA GLU F 240 -7.35 43.03 -28.42
C GLU F 240 -7.36 44.49 -28.87
N GLY F 241 -7.15 44.71 -30.17
CA GLY F 241 -7.12 46.07 -30.68
C GLY F 241 -8.45 46.78 -30.54
N LEU F 242 -9.55 46.03 -30.59
CA LEU F 242 -10.87 46.64 -30.44
C LEU F 242 -11.12 47.07 -29.00
N PHE F 243 -10.51 46.40 -28.04
CA PHE F 243 -10.78 46.63 -26.62
C PHE F 243 -9.45 46.63 -25.87
N PRO F 244 -8.68 47.73 -25.96
CA PRO F 244 -7.35 47.83 -25.38
C PRO F 244 -7.33 48.55 -24.03
MG MG G . -17.89 -36.81 32.70
MG MG H . -12.37 -51.86 35.26
CL CL I . -9.74 -24.76 10.34
NA NA J . -15.66 -51.59 24.64
MG MG K . -9.35 1.33 16.11
MG MG L . -13.01 12.18 3.99
MG MG M . 33.23 -23.54 21.47
MG MG N . 35.09 -8.22 26.24
CL CL O . 55.38 -7.36 9.35
NA NA P . 10.70 4.95 24.40
MG MG Q . -31.84 -10.12 -23.93
MG MG R . -31.67 -26.41 -28.75
MG MG S . 54.74 28.35 9.54
CL CL T . 32.63 12.96 9.19
NA NA U . 18.74 25.73 10.60
NA NA V . 62.33 17.64 26.42
MG MG W . -17.91 28.47 -37.26
MG MG X . -22.26 43.80 -40.88
CL CL Y . -37.17 8.75 -42.90
#